data_5AI2
# 
_entry.id   5AI2 
# 
_audit_conform.dict_name       mmcif_pdbx.dic 
_audit_conform.dict_version    5.391 
_audit_conform.dict_location   http://mmcif.pdb.org/dictionaries/ascii/mmcif_pdbx.dic 
# 
loop_
_database_2.database_id 
_database_2.database_code 
_database_2.pdbx_database_accession 
_database_2.pdbx_DOI 
PDB   5AI2         pdb_00005ai2 10.2210/pdb5ai2/pdb 
PDBE  EBI-63011    ?            ?                   
WWPDB D_1290063011 ?            ?                   
# 
loop_
_pdbx_audit_revision_history.ordinal 
_pdbx_audit_revision_history.data_content_type 
_pdbx_audit_revision_history.major_revision 
_pdbx_audit_revision_history.minor_revision 
_pdbx_audit_revision_history.revision_date 
1 'Structure model' 1 0 2016-03-02 
2 'Structure model' 1 1 2016-05-11 
3 'Structure model' 1 2 2016-08-24 
4 'Structure model' 1 3 2024-05-08 
# 
_pdbx_audit_revision_details.ordinal             1 
_pdbx_audit_revision_details.revision_ordinal    1 
_pdbx_audit_revision_details.data_content_type   'Structure model' 
_pdbx_audit_revision_details.provider            repository 
_pdbx_audit_revision_details.type                'Initial release' 
_pdbx_audit_revision_details.description         ? 
_pdbx_audit_revision_details.details             ? 
# 
loop_
_pdbx_audit_revision_group.ordinal 
_pdbx_audit_revision_group.revision_ordinal 
_pdbx_audit_revision_group.data_content_type 
_pdbx_audit_revision_group.group 
1 2 'Structure model' 'Atomic model'            
2 2 'Structure model' 'Non-polymer description' 
3 2 'Structure model' Other                     
4 3 'Structure model' 'Database references'     
5 4 'Structure model' 'Data collection'         
6 4 'Structure model' 'Database references'     
7 4 'Structure model' 'Derived calculations'    
8 4 'Structure model' Other                     
# 
loop_
_pdbx_audit_revision_category.ordinal 
_pdbx_audit_revision_category.revision_ordinal 
_pdbx_audit_revision_category.data_content_type 
_pdbx_audit_revision_category.category 
1 4 'Structure model' chem_comp_atom         
2 4 'Structure model' chem_comp_bond         
3 4 'Structure model' database_2             
4 4 'Structure model' pdbx_database_status   
5 4 'Structure model' pdbx_struct_conn_angle 
6 4 'Structure model' struct_conn            
7 4 'Structure model' struct_site            
# 
loop_
_pdbx_audit_revision_item.ordinal 
_pdbx_audit_revision_item.revision_ordinal 
_pdbx_audit_revision_item.data_content_type 
_pdbx_audit_revision_item.item 
1  4 'Structure model' '_database_2.pdbx_DOI'                       
2  4 'Structure model' '_database_2.pdbx_database_accession'        
3  4 'Structure model' '_pdbx_database_status.status_code_sf'       
4  4 'Structure model' '_pdbx_struct_conn_angle.ptnr1_auth_seq_id'  
5  4 'Structure model' '_pdbx_struct_conn_angle.ptnr1_label_seq_id' 
6  4 'Structure model' '_pdbx_struct_conn_angle.ptnr3_auth_seq_id'  
7  4 'Structure model' '_pdbx_struct_conn_angle.ptnr3_label_seq_id' 
8  4 'Structure model' '_pdbx_struct_conn_angle.value'              
9  4 'Structure model' '_struct_conn.pdbx_dist_value'               
10 4 'Structure model' '_struct_conn.ptnr1_auth_comp_id'            
11 4 'Structure model' '_struct_conn.ptnr1_auth_seq_id'             
12 4 'Structure model' '_struct_conn.ptnr1_label_asym_id'           
13 4 'Structure model' '_struct_conn.ptnr1_label_atom_id'           
14 4 'Structure model' '_struct_conn.ptnr1_label_comp_id'           
15 4 'Structure model' '_struct_conn.ptnr1_label_seq_id'            
16 4 'Structure model' '_struct_conn.ptnr2_auth_comp_id'            
17 4 'Structure model' '_struct_conn.ptnr2_auth_seq_id'             
18 4 'Structure model' '_struct_conn.ptnr2_label_asym_id'           
19 4 'Structure model' '_struct_conn.ptnr2_label_atom_id'           
20 4 'Structure model' '_struct_conn.ptnr2_label_comp_id'           
21 4 'Structure model' '_struct_conn.ptnr2_label_seq_id'            
22 4 'Structure model' '_struct_site.pdbx_auth_asym_id'             
23 4 'Structure model' '_struct_site.pdbx_auth_comp_id'             
24 4 'Structure model' '_struct_site.pdbx_auth_seq_id'              
# 
_pdbx_database_status.status_code                     REL 
_pdbx_database_status.entry_id                        5AI2 
_pdbx_database_status.deposit_site                    PDBE 
_pdbx_database_status.process_site                    PDBE 
_pdbx_database_status.SG_entry                        . 
_pdbx_database_status.recvd_initial_deposition_date   2015-02-11 
_pdbx_database_status.pdb_format_compatible           Y 
_pdbx_database_status.status_code_sf                  REL 
_pdbx_database_status.status_code_mr                  ? 
_pdbx_database_status.status_code_cs                  ? 
_pdbx_database_status.methods_development_category    ? 
_pdbx_database_status.status_code_nmr_data            ? 
# 
_pdbx_database_related.db_name        PDB 
_pdbx_database_related.db_id          5AI3 
_pdbx_database_related.content_type   unspecified 
_pdbx_database_related.details        
'X-RAY STRUCTURE OF 113CD-SUBSTITUTED PERDEUTERATED PYROCOCCUS FURIOSUS RUBREDOXIN TO 1.02A RESOLUTION AT 295K IN A QUARTZ CAPILLARY' 
# 
loop_
_audit_author.name 
_audit_author.pdbx_ordinal 
'Cuypers, M.G.' 1 
'Mossou, E.'    2 
'Mason, S.A.'   3 
# 
_citation.id                        primary 
_citation.title                     'Macromolecular Structure Phasing by Neutron Anomalous Diffraction.' 
_citation.journal_abbrev            Sci.Rep. 
_citation.journal_volume            6 
_citation.page_first                31487 
_citation.page_last                 ? 
_citation.year                      2016 
_citation.journal_id_ASTM           ? 
_citation.country                   UK 
_citation.journal_id_ISSN           2045-2322 
_citation.journal_id_CSD            ? 
_citation.book_publisher            ? 
_citation.pdbx_database_id_PubMed   27511806 
_citation.pdbx_database_id_DOI      10.1038/SREP31487 
# 
loop_
_citation_author.citation_id 
_citation_author.name 
_citation_author.ordinal 
_citation_author.identifier_ORCID 
primary 'Cuypers, M.G.'  1 ? 
primary 'Mason, S.A.'    2 ? 
primary 'Mossou, E.'     3 ? 
primary 'Haertlein, M.'  4 ? 
primary 'Forsyth, V.T.'  5 ? 
primary 'Mitchell, E.P.' 6 ? 
# 
loop_
_entity.id 
_entity.type 
_entity.src_method 
_entity.pdbx_description 
_entity.formula_weight 
_entity.pdbx_number_of_molecules 
_entity.pdbx_ec 
_entity.pdbx_mutation 
_entity.pdbx_fragment 
_entity.details 
1 polymer     nat RUBREDOXIN      6031.728 1  ? ? ? 'PERDEUTERATED, 113-CD SUBSTITUTED, CARBOXYLIC DEUTERONS' 
2 non-polymer syn 'CADMIUM ION'   112.411  1  ? ? ? ?                                                         
3 non-polymer syn 'deuterium(1+)' 2.014    3  ? ? ? ?                                                         
4 water       nat water           18.015   48 ? ? ? ?                                                         
# 
_entity_poly.entity_id                      1 
_entity_poly.type                           'polypeptide(L)' 
_entity_poly.nstd_linkage                   no 
_entity_poly.nstd_monomer                   no 
_entity_poly.pdbx_seq_one_letter_code       MAKWVCKICGYIYDEDAGDPDNGISPGTKFEELPDDWVCPICGAPKSEFEKLED 
_entity_poly.pdbx_seq_one_letter_code_can   MAKWVCKICGYIYDEDAGDPDNGISPGTKFEELPDDWVCPICGAPKSEFEKLED 
_entity_poly.pdbx_strand_id                 A 
_entity_poly.pdbx_target_identifier         ? 
# 
loop_
_pdbx_entity_nonpoly.entity_id 
_pdbx_entity_nonpoly.name 
_pdbx_entity_nonpoly.comp_id 
2 'CADMIUM ION'   CD  
3 'deuterium(1+)' D8U 
4 water           DOD 
# 
loop_
_entity_poly_seq.entity_id 
_entity_poly_seq.num 
_entity_poly_seq.mon_id 
_entity_poly_seq.hetero 
1 1  MET n 
1 2  ALA n 
1 3  LYS n 
1 4  TRP n 
1 5  VAL n 
1 6  CYS n 
1 7  LYS n 
1 8  ILE n 
1 9  CYS n 
1 10 GLY n 
1 11 TYR n 
1 12 ILE n 
1 13 TYR n 
1 14 ASP n 
1 15 GLU n 
1 16 ASP n 
1 17 ALA n 
1 18 GLY n 
1 19 ASP n 
1 20 PRO n 
1 21 ASP n 
1 22 ASN n 
1 23 GLY n 
1 24 ILE n 
1 25 SER n 
1 26 PRO n 
1 27 GLY n 
1 28 THR n 
1 29 LYS n 
1 30 PHE n 
1 31 GLU n 
1 32 GLU n 
1 33 LEU n 
1 34 PRO n 
1 35 ASP n 
1 36 ASP n 
1 37 TRP n 
1 38 VAL n 
1 39 CYS n 
1 40 PRO n 
1 41 ILE n 
1 42 CYS n 
1 43 GLY n 
1 44 ALA n 
1 45 PRO n 
1 46 LYS n 
1 47 SER n 
1 48 GLU n 
1 49 PHE n 
1 50 GLU n 
1 51 LYS n 
1 52 LEU n 
1 53 GLU n 
1 54 ASP n 
# 
_entity_src_nat.entity_id                  1 
_entity_src_nat.pdbx_src_id                1 
_entity_src_nat.pdbx_alt_source_flag       sample 
_entity_src_nat.pdbx_beg_seq_num           ? 
_entity_src_nat.pdbx_end_seq_num           ? 
_entity_src_nat.common_name                ? 
_entity_src_nat.pdbx_organism_scientific   'PYROCOCCUS FURIOSUS' 
_entity_src_nat.pdbx_ncbi_taxonomy_id      2261 
_entity_src_nat.genus                      ? 
_entity_src_nat.species                    ? 
_entity_src_nat.strain                     ? 
_entity_src_nat.tissue                     ? 
_entity_src_nat.tissue_fraction            ? 
_entity_src_nat.pdbx_secretion             ? 
_entity_src_nat.pdbx_fragment              ? 
_entity_src_nat.pdbx_variant               ? 
_entity_src_nat.pdbx_cell_line             ? 
_entity_src_nat.pdbx_atcc                  ? 
_entity_src_nat.pdbx_cellular_location     ? 
_entity_src_nat.pdbx_organ                 ? 
_entity_src_nat.pdbx_organelle             ? 
_entity_src_nat.pdbx_cell                  ? 
_entity_src_nat.pdbx_plasmid_name          ? 
_entity_src_nat.pdbx_plasmid_details       ? 
_entity_src_nat.details                    ? 
# 
loop_
_chem_comp.id 
_chem_comp.type 
_chem_comp.mon_nstd_flag 
_chem_comp.name 
_chem_comp.pdbx_synonyms 
_chem_comp.formula 
_chem_comp.formula_weight 
ALA 'L-peptide linking' y ALANINE            ? 'C3 H7 N O2'     89.093  
ASN 'L-peptide linking' y ASPARAGINE         ? 'C4 H8 N2 O3'    132.118 
ASP 'L-peptide linking' y 'ASPARTIC ACID'    ? 'C4 H7 N O4'     133.103 
CD  non-polymer         . 'CADMIUM ION'      ? 'Cd 2'           112.411 
CYS 'L-peptide linking' y CYSTEINE           ? 'C3 H7 N O2 S'   121.158 
D8U non-polymer         . 'deuterium(1+)'    ? 'D 1'            2.014   
DOD non-polymer         . 'DEUTERATED WATER' ? 'D2 O'           20.028  
GLU 'L-peptide linking' y 'GLUTAMIC ACID'    ? 'C5 H9 N O4'     147.129 
GLY 'peptide linking'   y GLYCINE            ? 'C2 H5 N O2'     75.067  
ILE 'L-peptide linking' y ISOLEUCINE         ? 'C6 H13 N O2'    131.173 
LEU 'L-peptide linking' y LEUCINE            ? 'C6 H13 N O2'    131.173 
LYS 'L-peptide linking' y LYSINE             ? 'C6 H15 N2 O2 1' 147.195 
MET 'L-peptide linking' y METHIONINE         ? 'C5 H11 N O2 S'  149.211 
PHE 'L-peptide linking' y PHENYLALANINE      ? 'C9 H11 N O2'    165.189 
PRO 'L-peptide linking' y PROLINE            ? 'C5 H9 N O2'     115.130 
SER 'L-peptide linking' y SERINE             ? 'C3 H7 N O3'     105.093 
THR 'L-peptide linking' y THREONINE          ? 'C4 H9 N O3'     119.119 
TRP 'L-peptide linking' y TRYPTOPHAN         ? 'C11 H12 N2 O2'  204.225 
TYR 'L-peptide linking' y TYROSINE           ? 'C9 H11 N O3'    181.189 
VAL 'L-peptide linking' y VALINE             ? 'C5 H11 N O2'    117.146 
# 
loop_
_pdbx_poly_seq_scheme.asym_id 
_pdbx_poly_seq_scheme.entity_id 
_pdbx_poly_seq_scheme.seq_id 
_pdbx_poly_seq_scheme.mon_id 
_pdbx_poly_seq_scheme.ndb_seq_num 
_pdbx_poly_seq_scheme.pdb_seq_num 
_pdbx_poly_seq_scheme.auth_seq_num 
_pdbx_poly_seq_scheme.pdb_mon_id 
_pdbx_poly_seq_scheme.auth_mon_id 
_pdbx_poly_seq_scheme.pdb_strand_id 
_pdbx_poly_seq_scheme.pdb_ins_code 
_pdbx_poly_seq_scheme.hetero 
A 1 1  MET 1  0  0  MET MET A . n 
A 1 2  ALA 2  1  1  ALA ALA A . n 
A 1 3  LYS 3  2  2  LYS LYS A . n 
A 1 4  TRP 4  3  3  TRP TRP A . n 
A 1 5  VAL 5  4  4  VAL VAL A . n 
A 1 6  CYS 6  5  5  CYS CYS A . n 
A 1 7  LYS 7  6  6  LYS LYS A . n 
A 1 8  ILE 8  7  7  ILE ILE A . n 
A 1 9  CYS 9  8  8  CYS CYS A . n 
A 1 10 GLY 10 9  9  GLY GLY A . n 
A 1 11 TYR 11 10 10 TYR TYR A . n 
A 1 12 ILE 12 11 11 ILE ILE A . n 
A 1 13 TYR 13 12 12 TYR TYR A . n 
A 1 14 ASP 14 13 13 ASP ASP A . n 
A 1 15 GLU 15 14 14 GLU GLU A . n 
A 1 16 ASP 16 15 15 ASP ASP A . n 
A 1 17 ALA 17 16 16 ALA ALA A . n 
A 1 18 GLY 18 17 17 GLY GLY A . n 
A 1 19 ASP 19 18 18 ASP ASP A . n 
A 1 20 PRO 20 19 19 PRO PRO A . n 
A 1 21 ASP 21 20 20 ASP ASP A . n 
A 1 22 ASN 22 21 21 ASN ASN A . n 
A 1 23 GLY 23 22 22 GLY GLY A . n 
A 1 24 ILE 24 23 23 ILE ILE A . n 
A 1 25 SER 25 24 24 SER SER A . n 
A 1 26 PRO 26 25 25 PRO PRO A . n 
A 1 27 GLY 27 26 26 GLY GLY A . n 
A 1 28 THR 28 27 27 THR THR A . n 
A 1 29 LYS 29 28 28 LYS LYS A . n 
A 1 30 PHE 30 29 29 PHE PHE A . n 
A 1 31 GLU 31 30 30 GLU GLU A . n 
A 1 32 GLU 32 31 31 GLU GLU A . n 
A 1 33 LEU 33 32 32 LEU LEU A . n 
A 1 34 PRO 34 33 33 PRO PRO A . n 
A 1 35 ASP 35 34 34 ASP ASP A . n 
A 1 36 ASP 36 35 35 ASP ASP A . n 
A 1 37 TRP 37 36 36 TRP TRP A . n 
A 1 38 VAL 38 37 37 VAL VAL A . n 
A 1 39 CYS 39 38 38 CYS CYS A . n 
A 1 40 PRO 40 39 39 PRO PRO A . n 
A 1 41 ILE 41 40 40 ILE ILE A . n 
A 1 42 CYS 42 41 41 CYS CYS A . n 
A 1 43 GLY 43 42 42 GLY GLY A . n 
A 1 44 ALA 44 43 43 ALA ALA A . n 
A 1 45 PRO 45 44 44 PRO PRO A . n 
A 1 46 LYS 46 45 45 LYS LYS A . n 
A 1 47 SER 47 46 46 SER SER A . n 
A 1 48 GLU 48 47 47 GLU GLU A . n 
A 1 49 PHE 49 48 48 PHE PHE A . n 
A 1 50 GLU 50 49 49 GLU GLU A . n 
A 1 51 LYS 51 50 50 LYS LYS A . n 
A 1 52 LEU 52 51 51 LEU LEU A . n 
A 1 53 GLU 53 52 52 GLU GLU A . n 
A 1 54 ASP 54 53 53 ASP ASP A . n 
# 
loop_
_pdbx_nonpoly_scheme.asym_id 
_pdbx_nonpoly_scheme.entity_id 
_pdbx_nonpoly_scheme.mon_id 
_pdbx_nonpoly_scheme.ndb_seq_num 
_pdbx_nonpoly_scheme.pdb_seq_num 
_pdbx_nonpoly_scheme.auth_seq_num 
_pdbx_nonpoly_scheme.pdb_mon_id 
_pdbx_nonpoly_scheme.auth_mon_id 
_pdbx_nonpoly_scheme.pdb_strand_id 
_pdbx_nonpoly_scheme.pdb_ins_code 
B 2 CD  1  1054 1054 CD  CD  A . 
C 3 D8U 1  1055 1055 D8U D8U A . 
D 3 D8U 1  1056 1056 D8U D8U A . 
E 3 D8U 1  1057 1057 D8U D8U A . 
F 4 DOD 1  2001 2001 DOD DOD A . 
F 4 DOD 2  2002 2002 DOD DOD A . 
F 4 DOD 3  2003 2003 DOD DOD A . 
F 4 DOD 4  2005 2005 DOD DOD A . 
F 4 DOD 5  2006 2006 DOD DOD A . 
F 4 DOD 6  2007 2007 DOD DOD A . 
F 4 DOD 7  2008 2008 DOD DOD A . 
F 4 DOD 8  2010 2010 DOD DOD A . 
F 4 DOD 9  2013 2013 DOD DOD A . 
F 4 DOD 10 2009 2009 DOD DOD A . 
F 4 DOD 11 2011 2011 DOD DOD A . 
F 4 DOD 12 2012 2012 DOD DOD A . 
F 4 DOD 13 2014 2014 DOD DOD A . 
F 4 DOD 14 2015 2015 DOD DOD A . 
F 4 DOD 15 2016 2016 DOD DOD A . 
F 4 DOD 16 2017 2017 DOD DOD A . 
F 4 DOD 17 2018 2018 DOD DOD A . 
F 4 DOD 18 2019 2019 DOD DOD A . 
F 4 DOD 19 2020 2020 DOD DOD A . 
F 4 DOD 20 2022 2022 DOD DOD A . 
F 4 DOD 21 2023 2023 DOD DOD A . 
F 4 DOD 22 2032 2032 DOD DOD A . 
F 4 DOD 23 2033 2033 DOD DOD A . 
F 4 DOD 24 2036 2036 DOD DOD A . 
F 4 DOD 25 2037 2037 DOD DOD A . 
F 4 DOD 26 2038 2038 DOD DOD A . 
F 4 DOD 27 2041 2041 DOD DOD A . 
F 4 DOD 28 2042 2042 DOD DOD A . 
F 4 DOD 29 2043 2043 DOD DOD A . 
F 4 DOD 30 2044 2044 DOD DOD A . 
F 4 DOD 31 2046 2046 DOD DOD A . 
F 4 DOD 32 2049 2049 DOD DOD A . 
F 4 DOD 33 2050 2050 DOD DOD A . 
F 4 DOD 34 2051 2051 DOD DOD A . 
F 4 DOD 35 2052 2052 DOD DOD A . 
F 4 DOD 36 2053 2053 DOD DOD A . 
F 4 DOD 37 2054 2054 DOD DOD A . 
F 4 DOD 38 2055 2055 DOD DOD A . 
F 4 DOD 39 2056 2056 DOD DOD A . 
F 4 DOD 40 2057 2057 DOD DOD A . 
F 4 DOD 41 2058 2058 DOD DOD A . 
F 4 DOD 42 2059 2059 DOD DOD A . 
F 4 DOD 43 2060 2060 DOD DOD A . 
F 4 DOD 44 2061 2061 DOD DOD A . 
F 4 DOD 45 2062 2062 DOD DOD A . 
F 4 DOD 46 2063 2063 DOD DOD A . 
F 4 DOD 47 2064 2064 DOD DOD A . 
F 4 DOD 48 2065 2065 DOD DOD A . 
# 
loop_
_software.name 
_software.classification 
_software.version 
_software.citation_id 
_software.pdbx_ordinal 
PHENIX  refinement       . ? 1 
SHELXCD phasing          . ? 2 
SHELXE  phasing          . ? 3 
RETREAT 'data reduction' . ? 4 
RETREAT 'data scaling'   . ? 5 
# 
_cell.entry_id           5AI2 
_cell.length_a           34.440 
_cell.length_b           34.140 
_cell.length_c           43.780 
_cell.angle_alpha        90.00 
_cell.angle_beta         90.00 
_cell.angle_gamma        90.00 
_cell.Z_PDB              4 
_cell.pdbx_unique_axis   ? 
# 
_symmetry.entry_id                         5AI2 
_symmetry.space_group_name_H-M             'P 21 21 21' 
_symmetry.pdbx_full_space_group_name_H-M   ? 
_symmetry.cell_setting                     ? 
_symmetry.Int_Tables_number                19 
# 
_exptl.entry_id          5AI2 
_exptl.method            'NEUTRON DIFFRACTION' 
_exptl.crystals_number   1 
# 
_exptl_crystal.id                    1 
_exptl_crystal.density_meas          ? 
_exptl_crystal.density_Matthews      2.13 
_exptl_crystal.density_percent_sol   42.35 
_exptl_crystal.description           'RPIM GIVEN INSTEAD OF RSYM' 
# 
_exptl_crystal_grow.crystal_id      1 
_exptl_crystal_grow.method          ? 
_exptl_crystal_grow.temp            ? 
_exptl_crystal_grow.temp_details    ? 
_exptl_crystal_grow.pH              6.5 
_exptl_crystal_grow.pdbx_pH_range   ? 
_exptl_crystal_grow.pdbx_details    'PH 6.5' 
# 
_diffrn.id                     1 
_diffrn.ambient_temp           295 
_diffrn.ambient_temp_details   ? 
_diffrn.crystal_id             1 
# 
_diffrn_detector.diffrn_id              1 
_diffrn_detector.detector               '5ATM 3HE, CURVED 120X30 DEGREES' 
_diffrn_detector.type                   'INSTITUT LAUE LANGEVIN DETECTOR GROUP' 
_diffrn_detector.pdbx_collection_date   2014-12-01 
_diffrn_detector.details                'BORON CARBIDE BEAM DEFINING APERTURE' 
# 
_diffrn_radiation.diffrn_id                        1 
_diffrn_radiation.wavelength_id                    1 
_diffrn_radiation.pdbx_monochromatic_or_laue_m_l   ? 
_diffrn_radiation.monochromator                    ? 
_diffrn_radiation.pdbx_diffrn_protocol             ? 
_diffrn_radiation.pdbx_scattering_type             neutron 
# 
_diffrn_radiation_wavelength.id           1 
_diffrn_radiation_wavelength.wavelength   1.17 
_diffrn_radiation_wavelength.wt           1.0 
# 
_diffrn_source.diffrn_id                   1 
_diffrn_source.source                      'NUCLEAR REACTOR' 
_diffrn_source.type                        ILL 
_diffrn_source.pdbx_synchrotron_site       ILL 
_diffrn_source.pdbx_synchrotron_beamline   D19 
_diffrn_source.pdbx_wavelength             1.17 
_diffrn_source.pdbx_wavelength_list        ? 
# 
_reflns.pdbx_diffrn_id               1 
_reflns.pdbx_ordinal                 1 
_reflns.entry_id                     5AI2 
_reflns.observed_criterion_sigma_I   2.0 
_reflns.observed_criterion_sigma_F   ? 
_reflns.d_resolution_low             34.44 
_reflns.d_resolution_high            1.75 
_reflns.number_obs                   5560 
_reflns.number_all                   ? 
_reflns.percent_possible_obs         99.9 
_reflns.pdbx_Rmerge_I_obs            0.14 
_reflns.pdbx_Rsym_value              0.04 
_reflns.pdbx_netI_over_sigmaI        ? 
_reflns.B_iso_Wilson_estimate        8.70 
_reflns.pdbx_redundancy              13.4 
# 
_reflns_shell.pdbx_diffrn_id         1 
_reflns_shell.pdbx_ordinal           1 
_reflns_shell.d_res_high             1.75 
_reflns_shell.d_res_low              1.84 
_reflns_shell.percent_possible_all   99.9 
_reflns_shell.Rmerge_I_obs           0.457 
_reflns_shell.pdbx_Rsym_value        0.149 
_reflns_shell.meanI_over_sigI_obs    5.4 
_reflns_shell.pdbx_redundancy        10.6 
# 
_refine.pdbx_refine_id                           'NEUTRON DIFFRACTION' 
_refine.entry_id                                 5AI2 
_refine.pdbx_diffrn_id                           1 
_refine.pdbx_TLS_residual_ADP_flag               ? 
_refine.ls_number_reflns_obs                     10050 
_refine.ls_number_reflns_all                     ? 
_refine.pdbx_ls_sigma_I                          ? 
_refine.pdbx_ls_sigma_F                          1.34 
_refine.pdbx_data_cutoff_high_absF               ? 
_refine.pdbx_data_cutoff_low_absF                ? 
_refine.pdbx_data_cutoff_high_rms_absF           ? 
_refine.ls_d_res_low                             27.068 
_refine.ls_d_res_high                            1.750 
_refine.ls_percent_reflns_obs                    99.81 
_refine.ls_R_factor_obs                          0.2357 
_refine.ls_R_factor_all                          ? 
_refine.ls_R_factor_R_work                       0.2331 
_refine.ls_R_factor_R_free                       0.2864 
_refine.ls_R_factor_R_free_error                 ? 
_refine.ls_R_factor_R_free_error_details         ? 
_refine.ls_percent_reflns_R_free                 4.5 
_refine.ls_number_reflns_R_free                  451 
_refine.ls_number_parameters                     ? 
_refine.ls_number_restraints                     ? 
_refine.occupancy_min                            ? 
_refine.occupancy_max                            ? 
_refine.correlation_coeff_Fo_to_Fc               ? 
_refine.correlation_coeff_Fo_to_Fc_free          ? 
_refine.B_iso_mean                               ? 
_refine.aniso_B[1][1]                            ? 
_refine.aniso_B[2][2]                            ? 
_refine.aniso_B[3][3]                            ? 
_refine.aniso_B[1][2]                            ? 
_refine.aniso_B[1][3]                            ? 
_refine.aniso_B[2][3]                            ? 
_refine.solvent_model_details                    'FLAT BULK SOLVENT MODEL' 
_refine.solvent_model_param_ksol                 ? 
_refine.solvent_model_param_bsol                 ? 
_refine.pdbx_solvent_vdw_probe_radii             1.11 
_refine.pdbx_solvent_ion_probe_radii             ? 
_refine.pdbx_solvent_shrinkage_radii             0.90 
_refine.pdbx_ls_cross_valid_method               ? 
_refine.details                                  
'USED NEUTRON BOUND COHERENT SCATTERING LENGTH FOR 113-CD OF -8.0 FM FOR REFINEMENT' 
_refine.pdbx_starting_model                      NONE 
_refine.pdbx_method_to_determine_struct          'EXPERIMENTAL ANOMALOUS NEUTRON PHASING' 
_refine.pdbx_isotropic_thermal_model             ? 
_refine.pdbx_stereochemistry_target_values       ML 
_refine.pdbx_stereochem_target_val_spec_case     ? 
_refine.pdbx_R_Free_selection_details            ? 
_refine.pdbx_overall_ESU_R                       ? 
_refine.pdbx_overall_ESU_R_Free                  ? 
_refine.overall_SU_ML                            0.21 
_refine.pdbx_overall_phase_error                 30.24 
_refine.overall_SU_B                             ? 
_refine.overall_SU_R_Cruickshank_DPI             ? 
_refine.pdbx_overall_SU_R_free_Cruickshank_DPI   ? 
_refine.pdbx_overall_SU_R_Blow_DPI               ? 
_refine.pdbx_overall_SU_R_free_Blow_DPI          ? 
# 
_refine_hist.pdbx_refine_id                   'NEUTRON DIFFRACTION' 
_refine_hist.cycle_id                         LAST 
_refine_hist.pdbx_number_atoms_protein        421 
_refine_hist.pdbx_number_atoms_nucleic_acid   0 
_refine_hist.pdbx_number_atoms_ligand         1 
_refine_hist.number_atoms_solvent             48 
_refine_hist.number_atoms_total               470 
_refine_hist.d_res_high                       1.750 
_refine_hist.d_res_low                        27.068 
# 
loop_
_refine_ls_restr.type 
_refine_ls_restr.dev_ideal 
_refine_ls_restr.dev_ideal_target 
_refine_ls_restr.weight 
_refine_ls_restr.number 
_refine_ls_restr.pdbx_refine_id 
_refine_ls_restr.pdbx_restraint_function 
f_bond_d           0.003  ? ? 992  'NEUTRON DIFFRACTION' ? 
f_angle_d          0.613  ? ? 1766 'NEUTRON DIFFRACTION' ? 
f_dihedral_angle_d 14.246 ? ? 258  'NEUTRON DIFFRACTION' ? 
f_chiral_restr     0.024  ? ? 63   'NEUTRON DIFFRACTION' ? 
f_plane_restr      0.002  ? ? 184  'NEUTRON DIFFRACTION' ? 
# 
loop_
_refine_ls_shell.pdbx_refine_id 
_refine_ls_shell.pdbx_total_number_of_bins_used 
_refine_ls_shell.d_res_high 
_refine_ls_shell.d_res_low 
_refine_ls_shell.number_reflns_R_work 
_refine_ls_shell.R_factor_R_work 
_refine_ls_shell.percent_reflns_obs 
_refine_ls_shell.R_factor_R_free 
_refine_ls_shell.R_factor_R_free_error 
_refine_ls_shell.percent_reflns_R_free 
_refine_ls_shell.number_reflns_R_free 
_refine_ls_shell.number_reflns_all 
_refine_ls_shell.R_factor_all 
'NEUTRON DIFFRACTION' . 1.7501 2.0032  3215 0.2154 100.00 0.2765 . . 156 . . 
'NEUTRON DIFFRACTION' . 2.0032 2.5236  3230 0.2216 100.00 0.2552 . . 116 . . 
'NEUTRON DIFFRACTION' . 2.5236 27.0716 3154 0.2490 100.00 0.3047 . . 179 . . 
# 
_struct.entry_id                  5AI2 
_struct.title                     
;Anomalous Neutron phased crystal structure of 113Cd-substituted Perdeuterated Pyrococcus furiosus rubredoxin to 1.75A resolution at 295K
;
_struct.pdbx_model_details        ? 
_struct.pdbx_CASP_flag            ? 
_struct.pdbx_model_type_details   ? 
# 
_struct_keywords.entry_id        5AI2 
_struct_keywords.pdbx_keywords   'ELECTRON TRANSPORT' 
_struct_keywords.text            
'ELECTRON TRANSPORT, NEUTRON ANOMALOUS PHASING, PERDEUTERATED, PYROCOCCUS FURIOSUS, RUBREDOXIN, CADMIUM' 
# 
loop_
_struct_asym.id 
_struct_asym.pdbx_blank_PDB_chainid_flag 
_struct_asym.pdbx_modified 
_struct_asym.entity_id 
_struct_asym.details 
A N N 1 ? 
B N N 2 ? 
C N N 3 ? 
D N N 3 ? 
E N N 3 ? 
F N N 4 ? 
# 
_struct_ref.id                         1 
_struct_ref.db_name                    UNP 
_struct_ref.db_code                    RUBR_PYRFU 
_struct_ref.entity_id                  1 
_struct_ref.pdbx_seq_one_letter_code   ? 
_struct_ref.pdbx_align_begin           ? 
_struct_ref.pdbx_db_accession          P24297 
_struct_ref.pdbx_db_isoform            ? 
# 
_struct_ref_seq.align_id                      1 
_struct_ref_seq.ref_id                        1 
_struct_ref_seq.pdbx_PDB_id_code              5AI2 
_struct_ref_seq.pdbx_strand_id                A 
_struct_ref_seq.seq_align_beg                 1 
_struct_ref_seq.pdbx_seq_align_beg_ins_code   ? 
_struct_ref_seq.seq_align_end                 54 
_struct_ref_seq.pdbx_seq_align_end_ins_code   ? 
_struct_ref_seq.pdbx_db_accession             P24297 
_struct_ref_seq.db_align_beg                  1 
_struct_ref_seq.pdbx_db_align_beg_ins_code    ? 
_struct_ref_seq.db_align_end                  54 
_struct_ref_seq.pdbx_db_align_end_ins_code    ? 
_struct_ref_seq.pdbx_auth_seq_align_beg       0 
_struct_ref_seq.pdbx_auth_seq_align_end       53 
# 
_pdbx_struct_assembly.id                   1 
_pdbx_struct_assembly.details              author_and_software_defined_assembly 
_pdbx_struct_assembly.method_details       PISA 
_pdbx_struct_assembly.oligomeric_details   monomeric 
_pdbx_struct_assembly.oligomeric_count     1 
# 
_pdbx_struct_assembly_gen.assembly_id       1 
_pdbx_struct_assembly_gen.oper_expression   1 
_pdbx_struct_assembly_gen.asym_id_list      A,B,C,D,E,F 
# 
_pdbx_struct_oper_list.id                   1 
_pdbx_struct_oper_list.type                 'identity operation' 
_pdbx_struct_oper_list.name                 1_555 
_pdbx_struct_oper_list.symmetry_operation   x,y,z 
_pdbx_struct_oper_list.matrix[1][1]         1.0000000000 
_pdbx_struct_oper_list.matrix[1][2]         0.0000000000 
_pdbx_struct_oper_list.matrix[1][3]         0.0000000000 
_pdbx_struct_oper_list.vector[1]            0.0000000000 
_pdbx_struct_oper_list.matrix[2][1]         0.0000000000 
_pdbx_struct_oper_list.matrix[2][2]         1.0000000000 
_pdbx_struct_oper_list.matrix[2][3]         0.0000000000 
_pdbx_struct_oper_list.vector[2]            0.0000000000 
_pdbx_struct_oper_list.matrix[3][1]         0.0000000000 
_pdbx_struct_oper_list.matrix[3][2]         0.0000000000 
_pdbx_struct_oper_list.matrix[3][3]         1.0000000000 
_pdbx_struct_oper_list.vector[3]            0.0000000000 
# 
_struct_biol.id   1 
# 
loop_
_struct_conf.conf_type_id 
_struct_conf.id 
_struct_conf.pdbx_PDB_helix_id 
_struct_conf.beg_label_comp_id 
_struct_conf.beg_label_asym_id 
_struct_conf.beg_label_seq_id 
_struct_conf.pdbx_beg_PDB_ins_code 
_struct_conf.end_label_comp_id 
_struct_conf.end_label_asym_id 
_struct_conf.end_label_seq_id 
_struct_conf.pdbx_end_PDB_ins_code 
_struct_conf.beg_auth_comp_id 
_struct_conf.beg_auth_asym_id 
_struct_conf.beg_auth_seq_id 
_struct_conf.end_auth_comp_id 
_struct_conf.end_auth_asym_id 
_struct_conf.end_auth_seq_id 
_struct_conf.pdbx_PDB_helix_class 
_struct_conf.details 
_struct_conf.pdbx_PDB_helix_length 
HELX_P HELX_P1 1 PRO A 20 ? GLY A 23 ? PRO A 19 GLY A 22 5 ? 4 
HELX_P HELX_P2 2 LYS A 29 ? LEU A 33 ? LYS A 28 LEU A 32 5 ? 5 
# 
_struct_conf_type.id          HELX_P 
_struct_conf_type.criteria    ? 
_struct_conf_type.reference   ? 
# 
loop_
_struct_conn.id 
_struct_conn.conn_type_id 
_struct_conn.pdbx_leaving_atom_flag 
_struct_conn.pdbx_PDB_id 
_struct_conn.ptnr1_label_asym_id 
_struct_conn.ptnr1_label_comp_id 
_struct_conn.ptnr1_label_seq_id 
_struct_conn.ptnr1_label_atom_id 
_struct_conn.pdbx_ptnr1_label_alt_id 
_struct_conn.pdbx_ptnr1_PDB_ins_code 
_struct_conn.pdbx_ptnr1_standard_comp_id 
_struct_conn.ptnr1_symmetry 
_struct_conn.ptnr2_label_asym_id 
_struct_conn.ptnr2_label_comp_id 
_struct_conn.ptnr2_label_seq_id 
_struct_conn.ptnr2_label_atom_id 
_struct_conn.pdbx_ptnr2_label_alt_id 
_struct_conn.pdbx_ptnr2_PDB_ins_code 
_struct_conn.ptnr1_auth_asym_id 
_struct_conn.ptnr1_auth_comp_id 
_struct_conn.ptnr1_auth_seq_id 
_struct_conn.ptnr2_auth_asym_id 
_struct_conn.ptnr2_auth_comp_id 
_struct_conn.ptnr2_auth_seq_id 
_struct_conn.ptnr2_symmetry 
_struct_conn.pdbx_ptnr3_label_atom_id 
_struct_conn.pdbx_ptnr3_label_seq_id 
_struct_conn.pdbx_ptnr3_label_comp_id 
_struct_conn.pdbx_ptnr3_label_asym_id 
_struct_conn.pdbx_ptnr3_label_alt_id 
_struct_conn.pdbx_ptnr3_PDB_ins_code 
_struct_conn.details 
_struct_conn.pdbx_dist_value 
_struct_conn.pdbx_value_order 
_struct_conn.pdbx_role 
metalc1 metalc ? ? A CYS 6  SG ? ? ? 1_555 B CD . CD ? ? A CYS 5  A CD 1054 1_555 ? ? ? ? ? ? ? 2.731 ? ? 
metalc2 metalc ? ? A CYS 9  SG ? ? ? 1_555 B CD . CD ? ? A CYS 8  A CD 1054 1_555 ? ? ? ? ? ? ? 2.738 ? ? 
metalc3 metalc ? ? A CYS 39 SG ? ? ? 1_555 B CD . CD ? ? A CYS 38 A CD 1054 1_555 ? ? ? ? ? ? ? 2.724 ? ? 
metalc4 metalc ? ? A CYS 42 SG ? ? ? 1_555 B CD . CD ? ? A CYS 41 A CD 1054 1_555 ? ? ? ? ? ? ? 2.732 ? ? 
# 
_struct_conn_type.id          metalc 
_struct_conn_type.criteria    ? 
_struct_conn_type.reference   ? 
# 
loop_
_pdbx_struct_conn_angle.id 
_pdbx_struct_conn_angle.ptnr1_label_atom_id 
_pdbx_struct_conn_angle.ptnr1_label_alt_id 
_pdbx_struct_conn_angle.ptnr1_label_asym_id 
_pdbx_struct_conn_angle.ptnr1_label_comp_id 
_pdbx_struct_conn_angle.ptnr1_label_seq_id 
_pdbx_struct_conn_angle.ptnr1_auth_atom_id 
_pdbx_struct_conn_angle.ptnr1_auth_asym_id 
_pdbx_struct_conn_angle.ptnr1_auth_comp_id 
_pdbx_struct_conn_angle.ptnr1_auth_seq_id 
_pdbx_struct_conn_angle.ptnr1_PDB_ins_code 
_pdbx_struct_conn_angle.ptnr1_symmetry 
_pdbx_struct_conn_angle.ptnr2_label_atom_id 
_pdbx_struct_conn_angle.ptnr2_label_alt_id 
_pdbx_struct_conn_angle.ptnr2_label_asym_id 
_pdbx_struct_conn_angle.ptnr2_label_comp_id 
_pdbx_struct_conn_angle.ptnr2_label_seq_id 
_pdbx_struct_conn_angle.ptnr2_auth_atom_id 
_pdbx_struct_conn_angle.ptnr2_auth_asym_id 
_pdbx_struct_conn_angle.ptnr2_auth_comp_id 
_pdbx_struct_conn_angle.ptnr2_auth_seq_id 
_pdbx_struct_conn_angle.ptnr2_PDB_ins_code 
_pdbx_struct_conn_angle.ptnr2_symmetry 
_pdbx_struct_conn_angle.ptnr3_label_atom_id 
_pdbx_struct_conn_angle.ptnr3_label_alt_id 
_pdbx_struct_conn_angle.ptnr3_label_asym_id 
_pdbx_struct_conn_angle.ptnr3_label_comp_id 
_pdbx_struct_conn_angle.ptnr3_label_seq_id 
_pdbx_struct_conn_angle.ptnr3_auth_atom_id 
_pdbx_struct_conn_angle.ptnr3_auth_asym_id 
_pdbx_struct_conn_angle.ptnr3_auth_comp_id 
_pdbx_struct_conn_angle.ptnr3_auth_seq_id 
_pdbx_struct_conn_angle.ptnr3_PDB_ins_code 
_pdbx_struct_conn_angle.ptnr3_symmetry 
_pdbx_struct_conn_angle.value 
_pdbx_struct_conn_angle.value_esd 
1 SG ? A CYS 6  ? A CYS 5  ? 1_555 CD ? B CD . ? A CD 1054 ? 1_555 SG ? A CYS 9  ? A CYS 8  ? 1_555 117.6 ? 
2 SG ? A CYS 6  ? A CYS 5  ? 1_555 CD ? B CD . ? A CD 1054 ? 1_555 SG ? A CYS 39 ? A CYS 38 ? 1_555 99.4  ? 
3 SG ? A CYS 9  ? A CYS 8  ? 1_555 CD ? B CD . ? A CD 1054 ? 1_555 SG ? A CYS 39 ? A CYS 38 ? 1_555 96.7  ? 
4 SG ? A CYS 6  ? A CYS 5  ? 1_555 CD ? B CD . ? A CD 1054 ? 1_555 SG ? A CYS 42 ? A CYS 41 ? 1_555 103.9 ? 
5 SG ? A CYS 9  ? A CYS 8  ? 1_555 CD ? B CD . ? A CD 1054 ? 1_555 SG ? A CYS 42 ? A CYS 41 ? 1_555 124.5 ? 
6 SG ? A CYS 39 ? A CYS 38 ? 1_555 CD ? B CD . ? A CD 1054 ? 1_555 SG ? A CYS 42 ? A CYS 41 ? 1_555 111.8 ? 
# 
_struct_sheet.id               AA 
_struct_sheet.type             ? 
_struct_sheet.number_strands   3 
_struct_sheet.details          ? 
# 
loop_
_struct_sheet_order.sheet_id 
_struct_sheet_order.range_id_1 
_struct_sheet_order.range_id_2 
_struct_sheet_order.offset 
_struct_sheet_order.sense 
AA 1 2 ? anti-parallel 
AA 2 3 ? anti-parallel 
# 
loop_
_struct_sheet_range.sheet_id 
_struct_sheet_range.id 
_struct_sheet_range.beg_label_comp_id 
_struct_sheet_range.beg_label_asym_id 
_struct_sheet_range.beg_label_seq_id 
_struct_sheet_range.pdbx_beg_PDB_ins_code 
_struct_sheet_range.end_label_comp_id 
_struct_sheet_range.end_label_asym_id 
_struct_sheet_range.end_label_seq_id 
_struct_sheet_range.pdbx_end_PDB_ins_code 
_struct_sheet_range.beg_auth_comp_id 
_struct_sheet_range.beg_auth_asym_id 
_struct_sheet_range.beg_auth_seq_id 
_struct_sheet_range.end_auth_comp_id 
_struct_sheet_range.end_auth_asym_id 
_struct_sheet_range.end_auth_seq_id 
AA 1 ILE A 12 ? ASP A 14 ? ILE A 11 ASP A 13 
AA 2 LYS A 3  ? CYS A 6  ? LYS A 2  CYS A 5  
AA 3 PHE A 49 ? LYS A 51 ? PHE A 48 LYS A 50 
# 
loop_
_pdbx_struct_sheet_hbond.sheet_id 
_pdbx_struct_sheet_hbond.range_id_1 
_pdbx_struct_sheet_hbond.range_id_2 
_pdbx_struct_sheet_hbond.range_1_label_atom_id 
_pdbx_struct_sheet_hbond.range_1_label_comp_id 
_pdbx_struct_sheet_hbond.range_1_label_asym_id 
_pdbx_struct_sheet_hbond.range_1_label_seq_id 
_pdbx_struct_sheet_hbond.range_1_PDB_ins_code 
_pdbx_struct_sheet_hbond.range_1_auth_atom_id 
_pdbx_struct_sheet_hbond.range_1_auth_comp_id 
_pdbx_struct_sheet_hbond.range_1_auth_asym_id 
_pdbx_struct_sheet_hbond.range_1_auth_seq_id 
_pdbx_struct_sheet_hbond.range_2_label_atom_id 
_pdbx_struct_sheet_hbond.range_2_label_comp_id 
_pdbx_struct_sheet_hbond.range_2_label_asym_id 
_pdbx_struct_sheet_hbond.range_2_label_seq_id 
_pdbx_struct_sheet_hbond.range_2_PDB_ins_code 
_pdbx_struct_sheet_hbond.range_2_auth_atom_id 
_pdbx_struct_sheet_hbond.range_2_auth_comp_id 
_pdbx_struct_sheet_hbond.range_2_auth_asym_id 
_pdbx_struct_sheet_hbond.range_2_auth_seq_id 
AA 1 2 N TYR A 13 ? N TYR A 12 O TRP A 4  ? O TRP A 3  
AA 2 3 N VAL A 5  ? N VAL A 4  O GLU A 50 ? O GLU A 49 
# 
_struct_site.id                   AC1 
_struct_site.pdbx_evidence_code   Software 
_struct_site.pdbx_auth_asym_id    A 
_struct_site.pdbx_auth_comp_id    CD 
_struct_site.pdbx_auth_seq_id     1054 
_struct_site.pdbx_auth_ins_code   ? 
_struct_site.pdbx_num_residues    4 
_struct_site.details              'BINDING SITE FOR RESIDUE CD A 1054' 
# 
loop_
_struct_site_gen.id 
_struct_site_gen.site_id 
_struct_site_gen.pdbx_num_res 
_struct_site_gen.label_comp_id 
_struct_site_gen.label_asym_id 
_struct_site_gen.label_seq_id 
_struct_site_gen.pdbx_auth_ins_code 
_struct_site_gen.auth_comp_id 
_struct_site_gen.auth_asym_id 
_struct_site_gen.auth_seq_id 
_struct_site_gen.label_atom_id 
_struct_site_gen.label_alt_id 
_struct_site_gen.symmetry 
_struct_site_gen.details 
1 AC1 4 CYS A 6  ? CYS A 5  . ? 1_555 ? 
2 AC1 4 CYS A 9  ? CYS A 8  . ? 1_555 ? 
3 AC1 4 CYS A 39 ? CYS A 38 . ? 1_555 ? 
4 AC1 4 CYS A 42 ? CYS A 41 . ? 1_555 ? 
# 
_pdbx_validate_close_contact.id               1 
_pdbx_validate_close_contact.PDB_model_num    1 
_pdbx_validate_close_contact.auth_atom_id_1   OD2 
_pdbx_validate_close_contact.auth_asym_id_1   A 
_pdbx_validate_close_contact.auth_comp_id_1   ASP 
_pdbx_validate_close_contact.auth_seq_id_1    35 
_pdbx_validate_close_contact.PDB_ins_code_1   ? 
_pdbx_validate_close_contact.label_alt_id_1   ? 
_pdbx_validate_close_contact.auth_atom_id_2   D 
_pdbx_validate_close_contact.auth_asym_id_2   A 
_pdbx_validate_close_contact.auth_comp_id_2   D8U 
_pdbx_validate_close_contact.auth_seq_id_2    1055 
_pdbx_validate_close_contact.PDB_ins_code_2   ? 
_pdbx_validate_close_contact.label_alt_id_2   ? 
_pdbx_validate_close_contact.dist             1.46 
# 
_pdbx_validate_torsion.id              1 
_pdbx_validate_torsion.PDB_model_num   1 
_pdbx_validate_torsion.auth_comp_id    ASP 
_pdbx_validate_torsion.auth_asym_id    A 
_pdbx_validate_torsion.auth_seq_id     18 
_pdbx_validate_torsion.PDB_ins_code    ? 
_pdbx_validate_torsion.label_alt_id    ? 
_pdbx_validate_torsion.phi             -155.49 
_pdbx_validate_torsion.psi             64.33 
# 
_pdbx_entry_details.entry_id                 5AI2 
_pdbx_entry_details.compound_details         ? 
_pdbx_entry_details.source_details           ? 
_pdbx_entry_details.nonpolymer_details       
;CADMIUM ION (CD): MINIMUM 95 PERCENT PURE 113-CD ISOTOPE IN
 CRYSTAL. TRACE AMOUNTS OF FE ONLY DETECTED BY CRYSTAL
 X-RAY FLUORESCENCE.
;
_pdbx_entry_details.sequence_details         ? 
_pdbx_entry_details.has_ligand_of_interest   ? 
# 
loop_
_pdbx_distant_solvent_atoms.id 
_pdbx_distant_solvent_atoms.PDB_model_num 
_pdbx_distant_solvent_atoms.auth_atom_id 
_pdbx_distant_solvent_atoms.label_alt_id 
_pdbx_distant_solvent_atoms.auth_asym_id 
_pdbx_distant_solvent_atoms.auth_comp_id 
_pdbx_distant_solvent_atoms.auth_seq_id 
_pdbx_distant_solvent_atoms.PDB_ins_code 
_pdbx_distant_solvent_atoms.neighbor_macromolecule_distance 
_pdbx_distant_solvent_atoms.neighbor_ligand_distance 
1 1 O ? A DOD 2022 ? 6.89 . 
2 1 O ? A DOD 2050 ? 6.43 . 
# 
loop_
_chem_comp_atom.comp_id 
_chem_comp_atom.atom_id 
_chem_comp_atom.type_symbol 
_chem_comp_atom.pdbx_aromatic_flag 
_chem_comp_atom.pdbx_stereo_config 
_chem_comp_atom.pdbx_ordinal 
ALA N    N  N N 1   
ALA CA   C  N S 2   
ALA C    C  N N 3   
ALA O    O  N N 4   
ALA CB   C  N N 5   
ALA OXT  O  N N 6   
ALA H    H  N N 7   
ALA H2   H  N N 8   
ALA HA   H  N N 9   
ALA HB1  H  N N 10  
ALA HB2  H  N N 11  
ALA HB3  H  N N 12  
ALA HXT  H  N N 13  
ASN N    N  N N 14  
ASN CA   C  N S 15  
ASN C    C  N N 16  
ASN O    O  N N 17  
ASN CB   C  N N 18  
ASN CG   C  N N 19  
ASN OD1  O  N N 20  
ASN ND2  N  N N 21  
ASN OXT  O  N N 22  
ASN H    H  N N 23  
ASN H2   H  N N 24  
ASN HA   H  N N 25  
ASN HB2  H  N N 26  
ASN HB3  H  N N 27  
ASN HD21 H  N N 28  
ASN HD22 H  N N 29  
ASN HXT  H  N N 30  
ASP N    N  N N 31  
ASP CA   C  N S 32  
ASP C    C  N N 33  
ASP O    O  N N 34  
ASP CB   C  N N 35  
ASP CG   C  N N 36  
ASP OD1  O  N N 37  
ASP OD2  O  N N 38  
ASP OXT  O  N N 39  
ASP H    H  N N 40  
ASP H2   H  N N 41  
ASP HA   H  N N 42  
ASP HB2  H  N N 43  
ASP HB3  H  N N 44  
ASP HD2  H  N N 45  
ASP HXT  H  N N 46  
CD  CD   CD N N 47  
CYS N    N  N N 48  
CYS CA   C  N R 49  
CYS C    C  N N 50  
CYS O    O  N N 51  
CYS CB   C  N N 52  
CYS SG   S  N N 53  
CYS OXT  O  N N 54  
CYS H    H  N N 55  
CYS H2   H  N N 56  
CYS HA   H  N N 57  
CYS HB2  H  N N 58  
CYS HB3  H  N N 59  
CYS HG   H  N N 60  
CYS HXT  H  N N 61  
D8U D    D  N N 62  
DOD O    O  N N 63  
DOD D1   D  N N 64  
DOD D2   D  N N 65  
GLU N    N  N N 66  
GLU CA   C  N S 67  
GLU C    C  N N 68  
GLU O    O  N N 69  
GLU CB   C  N N 70  
GLU CG   C  N N 71  
GLU CD   C  N N 72  
GLU OE1  O  N N 73  
GLU OE2  O  N N 74  
GLU OXT  O  N N 75  
GLU H    H  N N 76  
GLU H2   H  N N 77  
GLU HA   H  N N 78  
GLU HB2  H  N N 79  
GLU HB3  H  N N 80  
GLU HG2  H  N N 81  
GLU HG3  H  N N 82  
GLU HE2  H  N N 83  
GLU HXT  H  N N 84  
GLY N    N  N N 85  
GLY CA   C  N N 86  
GLY C    C  N N 87  
GLY O    O  N N 88  
GLY OXT  O  N N 89  
GLY H    H  N N 90  
GLY H2   H  N N 91  
GLY HA2  H  N N 92  
GLY HA3  H  N N 93  
GLY HXT  H  N N 94  
ILE N    N  N N 95  
ILE CA   C  N S 96  
ILE C    C  N N 97  
ILE O    O  N N 98  
ILE CB   C  N S 99  
ILE CG1  C  N N 100 
ILE CG2  C  N N 101 
ILE CD1  C  N N 102 
ILE OXT  O  N N 103 
ILE H    H  N N 104 
ILE H2   H  N N 105 
ILE HA   H  N N 106 
ILE HB   H  N N 107 
ILE HG12 H  N N 108 
ILE HG13 H  N N 109 
ILE HG21 H  N N 110 
ILE HG22 H  N N 111 
ILE HG23 H  N N 112 
ILE HD11 H  N N 113 
ILE HD12 H  N N 114 
ILE HD13 H  N N 115 
ILE HXT  H  N N 116 
LEU N    N  N N 117 
LEU CA   C  N S 118 
LEU C    C  N N 119 
LEU O    O  N N 120 
LEU CB   C  N N 121 
LEU CG   C  N N 122 
LEU CD1  C  N N 123 
LEU CD2  C  N N 124 
LEU OXT  O  N N 125 
LEU H    H  N N 126 
LEU H2   H  N N 127 
LEU HA   H  N N 128 
LEU HB2  H  N N 129 
LEU HB3  H  N N 130 
LEU HG   H  N N 131 
LEU HD11 H  N N 132 
LEU HD12 H  N N 133 
LEU HD13 H  N N 134 
LEU HD21 H  N N 135 
LEU HD22 H  N N 136 
LEU HD23 H  N N 137 
LEU HXT  H  N N 138 
LYS N    N  N N 139 
LYS CA   C  N S 140 
LYS C    C  N N 141 
LYS O    O  N N 142 
LYS CB   C  N N 143 
LYS CG   C  N N 144 
LYS CD   C  N N 145 
LYS CE   C  N N 146 
LYS NZ   N  N N 147 
LYS OXT  O  N N 148 
LYS H    H  N N 149 
LYS H2   H  N N 150 
LYS HA   H  N N 151 
LYS HB2  H  N N 152 
LYS HB3  H  N N 153 
LYS HG2  H  N N 154 
LYS HG3  H  N N 155 
LYS HD2  H  N N 156 
LYS HD3  H  N N 157 
LYS HE2  H  N N 158 
LYS HE3  H  N N 159 
LYS HZ1  H  N N 160 
LYS HZ2  H  N N 161 
LYS HZ3  H  N N 162 
LYS HXT  H  N N 163 
MET N    N  N N 164 
MET CA   C  N S 165 
MET C    C  N N 166 
MET O    O  N N 167 
MET CB   C  N N 168 
MET CG   C  N N 169 
MET SD   S  N N 170 
MET CE   C  N N 171 
MET OXT  O  N N 172 
MET H    H  N N 173 
MET H2   H  N N 174 
MET HA   H  N N 175 
MET HB2  H  N N 176 
MET HB3  H  N N 177 
MET HG2  H  N N 178 
MET HG3  H  N N 179 
MET HE1  H  N N 180 
MET HE2  H  N N 181 
MET HE3  H  N N 182 
MET HXT  H  N N 183 
PHE N    N  N N 184 
PHE CA   C  N S 185 
PHE C    C  N N 186 
PHE O    O  N N 187 
PHE CB   C  N N 188 
PHE CG   C  Y N 189 
PHE CD1  C  Y N 190 
PHE CD2  C  Y N 191 
PHE CE1  C  Y N 192 
PHE CE2  C  Y N 193 
PHE CZ   C  Y N 194 
PHE OXT  O  N N 195 
PHE H    H  N N 196 
PHE H2   H  N N 197 
PHE HA   H  N N 198 
PHE HB2  H  N N 199 
PHE HB3  H  N N 200 
PHE HD1  H  N N 201 
PHE HD2  H  N N 202 
PHE HE1  H  N N 203 
PHE HE2  H  N N 204 
PHE HZ   H  N N 205 
PHE HXT  H  N N 206 
PRO N    N  N N 207 
PRO CA   C  N S 208 
PRO C    C  N N 209 
PRO O    O  N N 210 
PRO CB   C  N N 211 
PRO CG   C  N N 212 
PRO CD   C  N N 213 
PRO OXT  O  N N 214 
PRO H    H  N N 215 
PRO HA   H  N N 216 
PRO HB2  H  N N 217 
PRO HB3  H  N N 218 
PRO HG2  H  N N 219 
PRO HG3  H  N N 220 
PRO HD2  H  N N 221 
PRO HD3  H  N N 222 
PRO HXT  H  N N 223 
SER N    N  N N 224 
SER CA   C  N S 225 
SER C    C  N N 226 
SER O    O  N N 227 
SER CB   C  N N 228 
SER OG   O  N N 229 
SER OXT  O  N N 230 
SER H    H  N N 231 
SER H2   H  N N 232 
SER HA   H  N N 233 
SER HB2  H  N N 234 
SER HB3  H  N N 235 
SER HG   H  N N 236 
SER HXT  H  N N 237 
THR N    N  N N 238 
THR CA   C  N S 239 
THR C    C  N N 240 
THR O    O  N N 241 
THR CB   C  N R 242 
THR OG1  O  N N 243 
THR CG2  C  N N 244 
THR OXT  O  N N 245 
THR H    H  N N 246 
THR H2   H  N N 247 
THR HA   H  N N 248 
THR HB   H  N N 249 
THR HG1  H  N N 250 
THR HG21 H  N N 251 
THR HG22 H  N N 252 
THR HG23 H  N N 253 
THR HXT  H  N N 254 
TRP N    N  N N 255 
TRP CA   C  N S 256 
TRP C    C  N N 257 
TRP O    O  N N 258 
TRP CB   C  N N 259 
TRP CG   C  Y N 260 
TRP CD1  C  Y N 261 
TRP CD2  C  Y N 262 
TRP NE1  N  Y N 263 
TRP CE2  C  Y N 264 
TRP CE3  C  Y N 265 
TRP CZ2  C  Y N 266 
TRP CZ3  C  Y N 267 
TRP CH2  C  Y N 268 
TRP OXT  O  N N 269 
TRP H    H  N N 270 
TRP H2   H  N N 271 
TRP HA   H  N N 272 
TRP HB2  H  N N 273 
TRP HB3  H  N N 274 
TRP HD1  H  N N 275 
TRP HE1  H  N N 276 
TRP HE3  H  N N 277 
TRP HZ2  H  N N 278 
TRP HZ3  H  N N 279 
TRP HH2  H  N N 280 
TRP HXT  H  N N 281 
TYR N    N  N N 282 
TYR CA   C  N S 283 
TYR C    C  N N 284 
TYR O    O  N N 285 
TYR CB   C  N N 286 
TYR CG   C  Y N 287 
TYR CD1  C  Y N 288 
TYR CD2  C  Y N 289 
TYR CE1  C  Y N 290 
TYR CE2  C  Y N 291 
TYR CZ   C  Y N 292 
TYR OH   O  N N 293 
TYR OXT  O  N N 294 
TYR H    H  N N 295 
TYR H2   H  N N 296 
TYR HA   H  N N 297 
TYR HB2  H  N N 298 
TYR HB3  H  N N 299 
TYR HD1  H  N N 300 
TYR HD2  H  N N 301 
TYR HE1  H  N N 302 
TYR HE2  H  N N 303 
TYR HH   H  N N 304 
TYR HXT  H  N N 305 
VAL N    N  N N 306 
VAL CA   C  N S 307 
VAL C    C  N N 308 
VAL O    O  N N 309 
VAL CB   C  N N 310 
VAL CG1  C  N N 311 
VAL CG2  C  N N 312 
VAL OXT  O  N N 313 
VAL H    H  N N 314 
VAL H2   H  N N 315 
VAL HA   H  N N 316 
VAL HB   H  N N 317 
VAL HG11 H  N N 318 
VAL HG12 H  N N 319 
VAL HG13 H  N N 320 
VAL HG21 H  N N 321 
VAL HG22 H  N N 322 
VAL HG23 H  N N 323 
VAL HXT  H  N N 324 
# 
loop_
_chem_comp_bond.comp_id 
_chem_comp_bond.atom_id_1 
_chem_comp_bond.atom_id_2 
_chem_comp_bond.value_order 
_chem_comp_bond.pdbx_aromatic_flag 
_chem_comp_bond.pdbx_stereo_config 
_chem_comp_bond.pdbx_ordinal 
ALA N   CA   sing N N 1   
ALA N   H    sing N N 2   
ALA N   H2   sing N N 3   
ALA CA  C    sing N N 4   
ALA CA  CB   sing N N 5   
ALA CA  HA   sing N N 6   
ALA C   O    doub N N 7   
ALA C   OXT  sing N N 8   
ALA CB  HB1  sing N N 9   
ALA CB  HB2  sing N N 10  
ALA CB  HB3  sing N N 11  
ALA OXT HXT  sing N N 12  
ASN N   CA   sing N N 13  
ASN N   H    sing N N 14  
ASN N   H2   sing N N 15  
ASN CA  C    sing N N 16  
ASN CA  CB   sing N N 17  
ASN CA  HA   sing N N 18  
ASN C   O    doub N N 19  
ASN C   OXT  sing N N 20  
ASN CB  CG   sing N N 21  
ASN CB  HB2  sing N N 22  
ASN CB  HB3  sing N N 23  
ASN CG  OD1  doub N N 24  
ASN CG  ND2  sing N N 25  
ASN ND2 HD21 sing N N 26  
ASN ND2 HD22 sing N N 27  
ASN OXT HXT  sing N N 28  
ASP N   CA   sing N N 29  
ASP N   H    sing N N 30  
ASP N   H2   sing N N 31  
ASP CA  C    sing N N 32  
ASP CA  CB   sing N N 33  
ASP CA  HA   sing N N 34  
ASP C   O    doub N N 35  
ASP C   OXT  sing N N 36  
ASP CB  CG   sing N N 37  
ASP CB  HB2  sing N N 38  
ASP CB  HB3  sing N N 39  
ASP CG  OD1  doub N N 40  
ASP CG  OD2  sing N N 41  
ASP OD2 HD2  sing N N 42  
ASP OXT HXT  sing N N 43  
CYS N   CA   sing N N 44  
CYS N   H    sing N N 45  
CYS N   H2   sing N N 46  
CYS CA  C    sing N N 47  
CYS CA  CB   sing N N 48  
CYS CA  HA   sing N N 49  
CYS C   O    doub N N 50  
CYS C   OXT  sing N N 51  
CYS CB  SG   sing N N 52  
CYS CB  HB2  sing N N 53  
CYS CB  HB3  sing N N 54  
CYS SG  HG   sing N N 55  
CYS OXT HXT  sing N N 56  
DOD O   D1   sing N N 57  
DOD O   D2   sing N N 58  
GLU N   CA   sing N N 59  
GLU N   H    sing N N 60  
GLU N   H2   sing N N 61  
GLU CA  C    sing N N 62  
GLU CA  CB   sing N N 63  
GLU CA  HA   sing N N 64  
GLU C   O    doub N N 65  
GLU C   OXT  sing N N 66  
GLU CB  CG   sing N N 67  
GLU CB  HB2  sing N N 68  
GLU CB  HB3  sing N N 69  
GLU CG  CD   sing N N 70  
GLU CG  HG2  sing N N 71  
GLU CG  HG3  sing N N 72  
GLU CD  OE1  doub N N 73  
GLU CD  OE2  sing N N 74  
GLU OE2 HE2  sing N N 75  
GLU OXT HXT  sing N N 76  
GLY N   CA   sing N N 77  
GLY N   H    sing N N 78  
GLY N   H2   sing N N 79  
GLY CA  C    sing N N 80  
GLY CA  HA2  sing N N 81  
GLY CA  HA3  sing N N 82  
GLY C   O    doub N N 83  
GLY C   OXT  sing N N 84  
GLY OXT HXT  sing N N 85  
ILE N   CA   sing N N 86  
ILE N   H    sing N N 87  
ILE N   H2   sing N N 88  
ILE CA  C    sing N N 89  
ILE CA  CB   sing N N 90  
ILE CA  HA   sing N N 91  
ILE C   O    doub N N 92  
ILE C   OXT  sing N N 93  
ILE CB  CG1  sing N N 94  
ILE CB  CG2  sing N N 95  
ILE CB  HB   sing N N 96  
ILE CG1 CD1  sing N N 97  
ILE CG1 HG12 sing N N 98  
ILE CG1 HG13 sing N N 99  
ILE CG2 HG21 sing N N 100 
ILE CG2 HG22 sing N N 101 
ILE CG2 HG23 sing N N 102 
ILE CD1 HD11 sing N N 103 
ILE CD1 HD12 sing N N 104 
ILE CD1 HD13 sing N N 105 
ILE OXT HXT  sing N N 106 
LEU N   CA   sing N N 107 
LEU N   H    sing N N 108 
LEU N   H2   sing N N 109 
LEU CA  C    sing N N 110 
LEU CA  CB   sing N N 111 
LEU CA  HA   sing N N 112 
LEU C   O    doub N N 113 
LEU C   OXT  sing N N 114 
LEU CB  CG   sing N N 115 
LEU CB  HB2  sing N N 116 
LEU CB  HB3  sing N N 117 
LEU CG  CD1  sing N N 118 
LEU CG  CD2  sing N N 119 
LEU CG  HG   sing N N 120 
LEU CD1 HD11 sing N N 121 
LEU CD1 HD12 sing N N 122 
LEU CD1 HD13 sing N N 123 
LEU CD2 HD21 sing N N 124 
LEU CD2 HD22 sing N N 125 
LEU CD2 HD23 sing N N 126 
LEU OXT HXT  sing N N 127 
LYS N   CA   sing N N 128 
LYS N   H    sing N N 129 
LYS N   H2   sing N N 130 
LYS CA  C    sing N N 131 
LYS CA  CB   sing N N 132 
LYS CA  HA   sing N N 133 
LYS C   O    doub N N 134 
LYS C   OXT  sing N N 135 
LYS CB  CG   sing N N 136 
LYS CB  HB2  sing N N 137 
LYS CB  HB3  sing N N 138 
LYS CG  CD   sing N N 139 
LYS CG  HG2  sing N N 140 
LYS CG  HG3  sing N N 141 
LYS CD  CE   sing N N 142 
LYS CD  HD2  sing N N 143 
LYS CD  HD3  sing N N 144 
LYS CE  NZ   sing N N 145 
LYS CE  HE2  sing N N 146 
LYS CE  HE3  sing N N 147 
LYS NZ  HZ1  sing N N 148 
LYS NZ  HZ2  sing N N 149 
LYS NZ  HZ3  sing N N 150 
LYS OXT HXT  sing N N 151 
MET N   CA   sing N N 152 
MET N   H    sing N N 153 
MET N   H2   sing N N 154 
MET CA  C    sing N N 155 
MET CA  CB   sing N N 156 
MET CA  HA   sing N N 157 
MET C   O    doub N N 158 
MET C   OXT  sing N N 159 
MET CB  CG   sing N N 160 
MET CB  HB2  sing N N 161 
MET CB  HB3  sing N N 162 
MET CG  SD   sing N N 163 
MET CG  HG2  sing N N 164 
MET CG  HG3  sing N N 165 
MET SD  CE   sing N N 166 
MET CE  HE1  sing N N 167 
MET CE  HE2  sing N N 168 
MET CE  HE3  sing N N 169 
MET OXT HXT  sing N N 170 
PHE N   CA   sing N N 171 
PHE N   H    sing N N 172 
PHE N   H2   sing N N 173 
PHE CA  C    sing N N 174 
PHE CA  CB   sing N N 175 
PHE CA  HA   sing N N 176 
PHE C   O    doub N N 177 
PHE C   OXT  sing N N 178 
PHE CB  CG   sing N N 179 
PHE CB  HB2  sing N N 180 
PHE CB  HB3  sing N N 181 
PHE CG  CD1  doub Y N 182 
PHE CG  CD2  sing Y N 183 
PHE CD1 CE1  sing Y N 184 
PHE CD1 HD1  sing N N 185 
PHE CD2 CE2  doub Y N 186 
PHE CD2 HD2  sing N N 187 
PHE CE1 CZ   doub Y N 188 
PHE CE1 HE1  sing N N 189 
PHE CE2 CZ   sing Y N 190 
PHE CE2 HE2  sing N N 191 
PHE CZ  HZ   sing N N 192 
PHE OXT HXT  sing N N 193 
PRO N   CA   sing N N 194 
PRO N   CD   sing N N 195 
PRO N   H    sing N N 196 
PRO CA  C    sing N N 197 
PRO CA  CB   sing N N 198 
PRO CA  HA   sing N N 199 
PRO C   O    doub N N 200 
PRO C   OXT  sing N N 201 
PRO CB  CG   sing N N 202 
PRO CB  HB2  sing N N 203 
PRO CB  HB3  sing N N 204 
PRO CG  CD   sing N N 205 
PRO CG  HG2  sing N N 206 
PRO CG  HG3  sing N N 207 
PRO CD  HD2  sing N N 208 
PRO CD  HD3  sing N N 209 
PRO OXT HXT  sing N N 210 
SER N   CA   sing N N 211 
SER N   H    sing N N 212 
SER N   H2   sing N N 213 
SER CA  C    sing N N 214 
SER CA  CB   sing N N 215 
SER CA  HA   sing N N 216 
SER C   O    doub N N 217 
SER C   OXT  sing N N 218 
SER CB  OG   sing N N 219 
SER CB  HB2  sing N N 220 
SER CB  HB3  sing N N 221 
SER OG  HG   sing N N 222 
SER OXT HXT  sing N N 223 
THR N   CA   sing N N 224 
THR N   H    sing N N 225 
THR N   H2   sing N N 226 
THR CA  C    sing N N 227 
THR CA  CB   sing N N 228 
THR CA  HA   sing N N 229 
THR C   O    doub N N 230 
THR C   OXT  sing N N 231 
THR CB  OG1  sing N N 232 
THR CB  CG2  sing N N 233 
THR CB  HB   sing N N 234 
THR OG1 HG1  sing N N 235 
THR CG2 HG21 sing N N 236 
THR CG2 HG22 sing N N 237 
THR CG2 HG23 sing N N 238 
THR OXT HXT  sing N N 239 
TRP N   CA   sing N N 240 
TRP N   H    sing N N 241 
TRP N   H2   sing N N 242 
TRP CA  C    sing N N 243 
TRP CA  CB   sing N N 244 
TRP CA  HA   sing N N 245 
TRP C   O    doub N N 246 
TRP C   OXT  sing N N 247 
TRP CB  CG   sing N N 248 
TRP CB  HB2  sing N N 249 
TRP CB  HB3  sing N N 250 
TRP CG  CD1  doub Y N 251 
TRP CG  CD2  sing Y N 252 
TRP CD1 NE1  sing Y N 253 
TRP CD1 HD1  sing N N 254 
TRP CD2 CE2  doub Y N 255 
TRP CD2 CE3  sing Y N 256 
TRP NE1 CE2  sing Y N 257 
TRP NE1 HE1  sing N N 258 
TRP CE2 CZ2  sing Y N 259 
TRP CE3 CZ3  doub Y N 260 
TRP CE3 HE3  sing N N 261 
TRP CZ2 CH2  doub Y N 262 
TRP CZ2 HZ2  sing N N 263 
TRP CZ3 CH2  sing Y N 264 
TRP CZ3 HZ3  sing N N 265 
TRP CH2 HH2  sing N N 266 
TRP OXT HXT  sing N N 267 
TYR N   CA   sing N N 268 
TYR N   H    sing N N 269 
TYR N   H2   sing N N 270 
TYR CA  C    sing N N 271 
TYR CA  CB   sing N N 272 
TYR CA  HA   sing N N 273 
TYR C   O    doub N N 274 
TYR C   OXT  sing N N 275 
TYR CB  CG   sing N N 276 
TYR CB  HB2  sing N N 277 
TYR CB  HB3  sing N N 278 
TYR CG  CD1  doub Y N 279 
TYR CG  CD2  sing Y N 280 
TYR CD1 CE1  sing Y N 281 
TYR CD1 HD1  sing N N 282 
TYR CD2 CE2  doub Y N 283 
TYR CD2 HD2  sing N N 284 
TYR CE1 CZ   doub Y N 285 
TYR CE1 HE1  sing N N 286 
TYR CE2 CZ   sing Y N 287 
TYR CE2 HE2  sing N N 288 
TYR CZ  OH   sing N N 289 
TYR OH  HH   sing N N 290 
TYR OXT HXT  sing N N 291 
VAL N   CA   sing N N 292 
VAL N   H    sing N N 293 
VAL N   H2   sing N N 294 
VAL CA  C    sing N N 295 
VAL CA  CB   sing N N 296 
VAL CA  HA   sing N N 297 
VAL C   O    doub N N 298 
VAL C   OXT  sing N N 299 
VAL CB  CG1  sing N N 300 
VAL CB  CG2  sing N N 301 
VAL CB  HB   sing N N 302 
VAL CG1 HG11 sing N N 303 
VAL CG1 HG12 sing N N 304 
VAL CG1 HG13 sing N N 305 
VAL CG2 HG21 sing N N 306 
VAL CG2 HG22 sing N N 307 
VAL CG2 HG23 sing N N 308 
VAL OXT HXT  sing N N 309 
# 
_atom_sites.entry_id                    5AI2 
_atom_sites.fract_transf_matrix[1][1]   -0.00247692 
_atom_sites.fract_transf_matrix[1][2]   -0.01298516 
_atom_sites.fract_transf_matrix[1][3]   0.02585227 
_atom_sites.fract_transf_matrix[2][1]   -0.02370739 
_atom_sites.fract_transf_matrix[2][2]   -0.01435379 
_atom_sites.fract_transf_matrix[2][3]   -0.00948109 
_atom_sites.fract_transf_matrix[3][1]   0.01327209 
_atom_sites.fract_transf_matrix[3][2]   -0.01709056 
_atom_sites.fract_transf_matrix[3][3]   -0.00731270 
_atom_sites.fract_transf_vector[1]      0.122794 
_atom_sites.fract_transf_vector[2]      0.934452 
_atom_sites.fract_transf_vector[3]      0.110671 
# 
loop_
_atom_type.symbol 
C  
CD 
D  
H  
N  
O  
S  
# 
loop_
_atom_site.group_PDB 
_atom_site.id 
_atom_site.type_symbol 
_atom_site.label_atom_id 
_atom_site.label_alt_id 
_atom_site.label_comp_id 
_atom_site.label_asym_id 
_atom_site.label_entity_id 
_atom_site.label_seq_id 
_atom_site.pdbx_PDB_ins_code 
_atom_site.Cartn_x 
_atom_site.Cartn_y 
_atom_site.Cartn_z 
_atom_site.occupancy 
_atom_site.B_iso_or_equiv 
_atom_site.pdbx_formal_charge 
_atom_site.auth_seq_id 
_atom_site.auth_comp_id 
_atom_site.auth_asym_id 
_atom_site.auth_atom_id 
_atom_site.pdbx_PDB_model_num 
ATOM   1    N  N    . MET A 1 1  ? -3.889  1.503   -12.570 1.00   23.27 ? 0    MET A N    1 
ATOM   2    C  CA   . MET A 1 1  ? -4.546  1.442   -11.233 1.00   21.26 ? 0    MET A CA   1 
ATOM   3    C  C    . MET A 1 1  ? -4.042  2.569   -10.335 1.00   19.73 ? 0    MET A C    1 
ATOM   4    O  O    . MET A 1 1  ? -3.254  3.409   -10.769 1.00   22.13 ? 0    MET A O    1 
ATOM   5    C  CB   . MET A 1 1  ? -4.300  0.081   -10.581 1.00   17.84 ? 0    MET A CB   1 
ATOM   6    C  CG   . MET A 1 1  ? -4.799  -1.084  -11.416 1.00   18.73 ? 0    MET A CG   1 
ATOM   7    S  SD   . MET A 1 1  ? -4.697  -2.671  -10.569 1.00   19.84 ? 0    MET A SD   1 
ATOM   8    C  CE   . MET A 1 1  ? -5.944  -2.465  -9.301  1.00   21.82 ? 0    MET A CE   1 
ATOM   9    D  D1   . MET A 1 1  ? -2.856  1.462   -12.454 1.00   24.55 ? 0    MET A D1   1 
ATOM   10   D  D2   . MET A 1 1  ? -4.205  0.699   -13.147 1.00   26.36 ? 0    MET A D2   1 
ATOM   11   H  H3   . MET A 1 1  ? -4.151  2.391   -13.043 0.29   23.47 ? 0    MET A H3   1 
ATOM   12   D  D3   B MET A 1 1  ? -4.151  2.391   -13.043 0.71   23.47 ? 0    MET A D3   1 
ATOM   13   D  DA   . MET A 1 1  ? -5.622  1.556   -11.365 1.00   24.14 ? 0    MET A DA   1 
ATOM   14   D  DB2  . MET A 1 1  ? -3.230  -0.052  -10.429 1.00   18.84 ? 0    MET A DB2  1 
ATOM   15   D  DB3  . MET A 1 1  ? -4.818  0.048   -9.624  1.00   19.79 ? 0    MET A DB3  1 
ATOM   16   D  DG2  . MET A 1 1  ? -5.843  -0.911  -11.674 1.00   21.89 ? 0    MET A DG2  1 
ATOM   17   D  DG3  . MET A 1 1  ? -4.197  -1.148  -12.324 1.00   20.04 ? 0    MET A DG3  1 
ATOM   18   D  DE1  . MET A 1 1  ? -6.871  -2.124  -9.765  1.00   24.68 ? 0    MET A DE1  1 
ATOM   19   D  DE2  . MET A 1 1  ? -6.110  -3.422  -8.807  1.00   22.74 ? 0    MET A DE2  1 
ATOM   20   D  DE3  . MET A 1 1  ? -5.597  -1.728  -8.579  1.00   21.74 ? 0    MET A DE3  1 
ATOM   21   N  N    . ALA A 1 2  ? -4.497  2.582   -9.086  1.00   17.82 ? 1    ALA A N    1 
ATOM   22   C  CA   . ALA A 1 2  ? -4.231  3.699   -8.187  1.00   19.65 ? 1    ALA A CA   1 
ATOM   23   C  C    . ALA A 1 2  ? -2.895  3.559   -7.472  1.00   17.39 ? 1    ALA A C    1 
ATOM   24   O  O    . ALA A 1 2  ? -2.340  2.466   -7.370  1.00   15.65 ? 1    ALA A O    1 
ATOM   25   C  CB   . ALA A 1 2  ? -5.352  3.827   -7.166  1.00   18.32 ? 1    ALA A CB   1 
ATOM   26   H  H    A ALA A 1 2  ? -5.047  1.834   -8.665  0.0000 19.81 ? 1    ALA A H    1 
ATOM   27   D  D    B ALA A 1 2  ? -5.047  1.834   -8.665  1.00   19.81 ? 1    ALA A D    1 
ATOM   28   D  DA   . ALA A 1 2  ? -4.203  4.622   -8.767  1.00   22.34 ? 1    ALA A DA   1 
ATOM   29   D  DB1  . ALA A 1 2  ? -6.309  3.842   -7.686  1.00   23.43 ? 1    ALA A DB1  1 
ATOM   30   D  DB2  . ALA A 1 2  ? -5.309  2.982   -6.479  1.00   19.91 ? 1    ALA A DB2  1 
ATOM   31   D  DB3  . ALA A 1 2  ? -5.218  4.757   -6.615  1.00   21.39 ? 1    ALA A DB3  1 
ATOM   32   N  N    . LYS A 1 3  ? -2.388  4.688   -6.984  1.00   15.58 ? 2    LYS A N    1 
ATOM   33   C  CA   . LYS A 1 3  ? -1.199  4.712   -6.145  1.00   15.58 ? 2    LYS A CA   1 
ATOM   34   C  C    . LYS A 1 3  ? -1.547  5.297   -4.780  1.00   14.78 ? 2    LYS A C    1 
ATOM   35   O  O    . LYS A 1 3  ? -2.264  6.293   -4.685  1.00   16.50 ? 2    LYS A O    1 
ATOM   36   C  CB   . LYS A 1 3  ? -0.080  5.524   -6.799  1.00   17.98 ? 2    LYS A CB   1 
ATOM   37   C  CG   . LYS A 1 3  ? 0.466   4.923   -8.088  1.00   22.45 ? 2    LYS A CG   1 
ATOM   38   C  CD   . LYS A 1 3  ? -0.276  5.436   -9.309  1.00   24.55 ? 2    LYS A CD   1 
ATOM   39   C  CE   . LYS A 1 3  ? 0.337   4.902   -10.596 1.00   23.59 ? 2    LYS A CE   1 
ATOM   40   N  NZ   . LYS A 1 3  ? 0.215   3.424   -10.710 1.00   27.68 ? 2    LYS A NZ   1 
ATOM   41   D  D    . LYS A 1 3  ? -2.787  5.610   -7.159  1.00   17.05 ? 2    LYS A D    1 
ATOM   42   D  DA   . LYS A 1 3  ? -0.833  3.698   -5.993  1.00   17.28 ? 2    LYS A DA   1 
ATOM   43   D  DB2  . LYS A 1 3  ? -0.462  6.518   -7.031  1.00   18.20 ? 2    LYS A DB2  1 
ATOM   44   D  DB3  . LYS A 1 3  ? 0.747   5.603   -6.094  1.00   20.23 ? 2    LYS A DB3  1 
ATOM   45   D  DG2  . LYS A 1 3  ? 1.519   5.186   -8.191  1.00   23.96 ? 2    LYS A DG2  1 
ATOM   46   D  DG3  . LYS A 1 3  ? 0.349   3.840   -8.058  1.00   20.88 ? 2    LYS A DG3  1 
ATOM   47   D  DD2  . LYS A 1 3  ? -1.314  5.111   -9.264  1.00   24.84 ? 2    LYS A DD2  1 
ATOM   48   D  DD3  . LYS A 1 3  ? -0.220  6.524   -9.330  1.00   25.03 ? 2    LYS A DD3  1 
ATOM   49   D  DE2  . LYS A 1 3  ? -0.171  5.354   -11.448 1.00   27.44 ? 2    LYS A DE2  1 
ATOM   50   D  DE3  . LYS A 1 3  ? 1.397   5.154   -10.615 1.00   28.17 ? 2    LYS A DE3  1 
ATOM   51   D  DZ1  . LYS A 1 3  ? -0.778  3.137   -10.589 1.00   24.28 ? 2    LYS A DZ1  1 
ATOM   52   D  DZ2  . LYS A 1 3  ? 0.547   3.112   -11.646 1.00   29.14 ? 2    LYS A DZ2  1 
ATOM   53   D  DZ3  . LYS A 1 3  ? 0.791   2.964   -9.977  1.00   26.28 ? 2    LYS A DZ3  1 
ATOM   54   N  N    . TRP A 1 4  ? -1.037  4.664   -3.730  1.00   13.24 ? 3    TRP A N    1 
ATOM   55   C  CA   . TRP A 1 4  ? -1.267  5.107   -2.359  1.00   14.27 ? 3    TRP A CA   1 
ATOM   56   C  C    . TRP A 1 4  ? 0.048   5.450   -1.691  1.00   13.77 ? 3    TRP A C    1 
ATOM   57   O  O    . TRP A 1 4  ? 0.979   4.649   -1.712  1.00   14.21 ? 3    TRP A O    1 
ATOM   58   C  CB   . TRP A 1 4  ? -1.988  4.030   -1.553  1.00   15.87 ? 3    TRP A CB   1 
ATOM   59   C  CG   . TRP A 1 4  ? -3.351  3.705   -2.055  1.00   15.19 ? 3    TRP A CG   1 
ATOM   60   C  CD1  . TRP A 1 4  ? -3.668  3.130   -3.249  1.00   16.97 ? 3    TRP A CD1  1 
ATOM   61   C  CD2  . TRP A 1 4  ? -4.589  3.931   -1.376  1.00   17.06 ? 3    TRP A CD2  1 
ATOM   62   N  NE1  . TRP A 1 4  ? -5.029  2.986   -3.357  1.00   15.94 ? 3    TRP A NE1  1 
ATOM   63   C  CE2  . TRP A 1 4  ? -5.618  3.470   -2.219  1.00   16.93 ? 3    TRP A CE2  1 
ATOM   64   C  CE3  . TRP A 1 4  ? -4.928  4.479   -0.136  1.00   17.02 ? 3    TRP A CE3  1 
ATOM   65   C  CZ2  . TRP A 1 4  ? -6.962  3.540   -1.862  1.00   19.86 ? 3    TRP A CZ2  1 
ATOM   66   C  CZ3  . TRP A 1 4  ? -6.261  4.549   0.217   1.00   18.69 ? 3    TRP A CZ3  1 
ATOM   67   C  CH2  . TRP A 1 4  ? -7.262  4.082   -0.643  1.00   17.79 ? 3    TRP A CH2  1 
ATOM   68   H  H    A TRP A 1 4  ? -0.454  3.830   -3.797  0.77   15.41 ? 3    TRP A H    1 
ATOM   69   D  D    B TRP A 1 4  ? -0.454  3.830   -3.797  0.23   15.41 ? 3    TRP A D    1 
ATOM   70   D  DA   . TRP A 1 4  ? -1.887  6.003   -2.355  1.00   14.60 ? 3    TRP A DA   1 
ATOM   71   D  DB2  . TRP A 1 4  ? -1.392  3.118   -1.582  1.00   16.61 ? 3    TRP A DB2  1 
ATOM   72   D  DB3  . TRP A 1 4  ? -2.085  4.373   -0.523  1.00   16.85 ? 3    TRP A DB3  1 
ATOM   73   D  DD1  . TRP A 1 4  ? -2.952  2.834   -4.000  1.00   19.29 ? 3    TRP A DD1  1 
ATOM   74   H  HE1  A TRP A 1 4  ? -5.520  2.583   -4.154  0.11   19.57 ? 3    TRP A HE1  1 
ATOM   75   D  DE1  B TRP A 1 4  ? -5.520  2.583   -4.154  0.89   19.57 ? 3    TRP A DE1  1 
ATOM   76   D  DE3  . TRP A 1 4  ? -4.160  4.841   0.532   1.00   18.14 ? 3    TRP A DE3  1 
ATOM   77   D  DZ2  . TRP A 1 4  ? -7.736  3.181   -2.522  1.00   21.56 ? 3    TRP A DZ2  1 
ATOM   78   D  DZ3  . TRP A 1 4  ? -6.536  4.971   1.172   1.00   21.38 ? 3    TRP A DZ3  1 
ATOM   79   D  DH2  . TRP A 1 4  ? -8.295  4.152   -0.336  1.00   24.71 ? 3    TRP A DH2  1 
ATOM   80   N  N    . VAL A 1 5  ? 0.120   6.629   -1.084  1.00   14.04 ? 4    VAL A N    1 
ATOM   81   C  CA   . VAL A 1 5  ? 1.337   7.050   -0.401  1.00   13.51 ? 4    VAL A CA   1 
ATOM   82   C  C    . VAL A 1 5  ? 1.230   6.815   1.097   1.00   14.44 ? 4    VAL A C    1 
ATOM   83   O  O    . VAL A 1 5  ? 0.212   7.125   1.715   1.00   12.36 ? 4    VAL A O    1 
ATOM   84   C  CB   . VAL A 1 5  ? 1.656   8.542   -0.651  1.00   14.06 ? 4    VAL A CB   1 
ATOM   85   C  CG1  . VAL A 1 5  ? 0.593   9.452   -0.044  1.00   15.92 ? 4    VAL A CG1  1 
ATOM   86   C  CG2  . VAL A 1 5  ? 3.015   8.890   -0.076  1.00   15.06 ? 4    VAL A CG2  1 
ATOM   87   H  H    A VAL A 1 5  ? -0.643  7.306   -1.049  0.87   15.84 ? 4    VAL A H    1 
ATOM   88   D  D    B VAL A 1 5  ? -0.643  7.306   -1.049  0.13   15.84 ? 4    VAL A D    1 
ATOM   89   D  DA   . VAL A 1 5  ? 2.177   6.466   -0.770  1.00   14.46 ? 4    VAL A DA   1 
ATOM   90   D  DB   . VAL A 1 5  ? 1.675   8.719   -1.725  1.00   16.58 ? 4    VAL A DB   1 
ATOM   91   D  DG11 . VAL A 1 5  ? -0.392  9.025   -0.210  1.00   16.98 ? 4    VAL A DG11 1 
ATOM   92   D  DG12 . VAL A 1 5  ? 0.781   9.553   1.024   1.00   17.85 ? 4    VAL A DG12 1 
ATOM   93   D  DG13 . VAL A 1 5  ? 0.650   10.431  -0.524  1.00   19.24 ? 4    VAL A DG13 1 
ATOM   94   D  DG21 . VAL A 1 5  ? 3.739   8.144   -0.399  1.00   15.24 ? 4    VAL A DG21 1 
ATOM   95   D  DG22 . VAL A 1 5  ? 3.309   9.878   -0.429  1.00   16.77 ? 4    VAL A DG22 1 
ATOM   96   D  DG23 . VAL A 1 5  ? 2.949   8.890   1.012   1.00   16.92 ? 4    VAL A DG23 1 
ATOM   97   N  N    . CYS A 1 6  ? 2.282   6.247   1.675   1.00   11.97 ? 5    CYS A N    1 
ATOM   98   C  CA   . CYS A 1 6  ? 2.383   6.147   3.119   1.00   11.87 ? 5    CYS A CA   1 
ATOM   99   C  C    . CYS A 1 6  ? 2.760   7.514   3.671   1.00   13.44 ? 5    CYS A C    1 
ATOM   100  O  O    . CYS A 1 6  ? 3.810   8.059   3.334   1.00   13.93 ? 5    CYS A O    1 
ATOM   101  C  CB   . CYS A 1 6  ? 3.411   5.099   3.539   1.00   14.19 ? 5    CYS A CB   1 
ATOM   102  S  SG   . CYS A 1 6  ? 3.378   4.737   5.310   1.00   15.60 ? 5    CYS A SG   1 
ATOM   103  H  H    . CYS A 1 6  ? 3.075   5.849   1.170   1.00   13.59 ? 5    CYS A H    1 
ATOM   104  D  DA   . CYS A 1 6  ? 1.415   5.860   3.532   1.00   15.31 ? 5    CYS A DA   1 
ATOM   105  D  DB2  . CYS A 1 6  ? 3.226   4.171   3.001   1.00   14.48 ? 5    CYS A DB2  1 
ATOM   106  D  DB3  . CYS A 1 6  ? 4.405   5.472   3.292   1.00   15.16 ? 5    CYS A DB3  1 
ATOM   107  N  N    A LYS A 1 7  ? 1.903   8.066   4.522   0.61   15.29 ? 6    LYS A N    1 
ATOM   108  N  N    C LYS A 1 7  ? 1.901   8.063   4.523   0.39   15.34 ? 6    LYS A N    1 
ATOM   109  C  CA   A LYS A 1 7  ? 2.135   9.394   5.078   0.61   17.40 ? 6    LYS A CA   1 
ATOM   110  C  CA   C LYS A 1 7  ? 2.127   9.388   5.089   0.39   17.40 ? 6    LYS A CA   1 
ATOM   111  C  C    A LYS A 1 7  ? 3.277   9.398   6.090   0.61   15.89 ? 6    LYS A C    1 
ATOM   112  C  C    C LYS A 1 7  ? 3.330   9.399   6.026   0.39   15.97 ? 6    LYS A C    1 
ATOM   113  O  O    A LYS A 1 7  ? 3.698   10.458  6.554   0.61   18.69 ? 6    LYS A O    1 
ATOM   114  O  O    C LYS A 1 7  ? 3.843   10.463  6.376   0.39   18.59 ? 6    LYS A O    1 
ATOM   115  C  CB   A LYS A 1 7  ? 0.862   9.930   5.733   0.61   18.05 ? 6    LYS A CB   1 
ATOM   116  C  CB   C LYS A 1 7  ? 0.885   9.870   5.840   0.39   18.13 ? 6    LYS A CB   1 
ATOM   117  C  CG   A LYS A 1 7  ? -0.191  10.402  4.744   0.61   20.57 ? 6    LYS A CG   1 
ATOM   118  C  CG   C LYS A 1 7  ? -0.350  10.021  4.966   0.39   19.88 ? 6    LYS A CG   1 
ATOM   119  C  CD   A LYS A 1 7  ? -1.372  11.049  5.451   0.61   22.43 ? 6    LYS A CD   1 
ATOM   120  C  CD   C LYS A 1 7  ? -1.539  10.553  5.755   0.39   20.91 ? 6    LYS A CD   1 
ATOM   121  C  CE   A LYS A 1 7  ? -2.159  10.036  6.264   0.61   21.38 ? 6    LYS A CE   1 
ATOM   122  C  CE   C LYS A 1 7  ? -1.285  11.959  6.283   0.39   21.67 ? 6    LYS A CE   1 
ATOM   123  N  NZ   A LYS A 1 7  ? -3.326  10.656  6.945   0.61   22.66 ? 6    LYS A NZ   1 
ATOM   124  N  NZ   C LYS A 1 7  ? -2.512  12.584  6.848   0.39   23.35 ? 6    LYS A NZ   1 
ATOM   125  D  D    A LYS A 1 7  ? 1.044   7.622   4.844   0.61   15.42 ? 6    LYS A D    1 
ATOM   126  D  D    C LYS A 1 7  ? 1.040   7.618   4.837   0.39   15.47 ? 6    LYS A D    1 
ATOM   127  D  DA   A LYS A 1 7  ? 2.405   10.072  4.266   0.61   17.39 ? 6    LYS A DA   1 
ATOM   128  D  DA   C LYS A 1 7  ? 2.326   10.089  4.277   0.39   17.42 ? 6    LYS A DA   1 
ATOM   129  D  DB2  A LYS A 1 7  ? 0.424   9.138   6.338   0.61   19.03 ? 6    LYS A DB2  1 
ATOM   130  D  DB2  C LYS A 1 7  ? 0.653   9.153   6.628   0.39   18.76 ? 6    LYS A DB2  1 
ATOM   131  D  DB3  A LYS A 1 7  ? 1.124   10.776  6.370   0.61   19.77 ? 6    LYS A DB3  1 
ATOM   132  D  DB3  C LYS A 1 7  ? 1.109   10.840  6.280   0.39   19.73 ? 6    LYS A DB3  1 
ATOM   133  D  DG2  A LYS A 1 7  ? 0.251   11.138  4.072   0.61   21.04 ? 6    LYS A DG2  1 
ATOM   134  D  DG2  C LYS A 1 7  ? -0.135  10.721  4.159   0.39   20.37 ? 6    LYS A DG2  1 
ATOM   135  D  DG3  A LYS A 1 7  ? -0.560  9.548   4.176   0.61   19.66 ? 6    LYS A DG3  1 
ATOM   136  D  DG3  C LYS A 1 7  ? -0.621  9.048   4.557   0.39   19.29 ? 6    LYS A DG3  1 
ATOM   137  D  DD2  A LYS A 1 7  ? -1.005  11.819  6.131   0.61   21.60 ? 6    LYS A DD2  1 
ATOM   138  D  DD2  C LYS A 1 7  ? -2.416  10.586  5.107   0.39   21.26 ? 6    LYS A DD2  1 
ATOM   139  D  DD3  A LYS A 1 7  ? -2.040  11.486  4.709   0.61   22.82 ? 6    LYS A DD3  1 
ATOM   140  D  DD3  C LYS A 1 7  ? -1.725  9.900   6.607   0.39   20.95 ? 6    LYS A DD3  1 
ATOM   141  D  DE2  A LYS A 1 7  ? -2.528  9.257   5.597   0.61   21.29 ? 6    LYS A DE2  1 
ATOM   142  D  DE2  C LYS A 1 7  ? -0.538  11.914  7.077   0.39   21.27 ? 6    LYS A DE2  1 
ATOM   143  D  DE3  A LYS A 1 7  ? -1.514  9.604   7.029   0.61   21.27 ? 6    LYS A DE3  1 
ATOM   144  D  DE3  C LYS A 1 7  ? -0.928  12.588  5.468   0.39   20.93 ? 6    LYS A DE3  1 
ATOM   145  D  DZ1  A LYS A 1 7  ? -3.015  11.475  7.506   0.61   22.98 ? 6    LYS A DZ1  1 
ATOM   146  D  DZ1  C LYS A 1 7  ? -3.081  11.868  7.342   0.39   22.87 ? 6    LYS A DZ1  1 
ATOM   147  D  DZ2  A LYS A 1 7  ? -4.021  10.975  6.240   0.61   23.48 ? 6    LYS A DZ2  1 
ATOM   148  D  DZ2  C LYS A 1 7  ? -2.251  13.334  7.520   0.39   21.99 ? 6    LYS A DZ2  1 
ATOM   149  D  DZ3  A LYS A 1 7  ? -3.774  9.964   7.579   0.61   20.48 ? 6    LYS A DZ3  1 
ATOM   150  D  DZ3  C LYS A 1 7  ? -3.080  13.001  6.083   0.39   22.78 ? 6    LYS A DZ3  1 
ATOM   151  N  N    . ILE A 1 8  ? 3.778   8.215   6.430   1.00   15.04 ? 7    ILE A N    1 
ATOM   152  C  CA   . ILE A 1 8  ? 4.911   8.101   7.340   1.00   17.16 ? 7    ILE A CA   1 
ATOM   153  C  C    . ILE A 1 8  ? 6.244   8.248   6.603   1.00   15.11 ? 7    ILE A C    1 
ATOM   154  O  O    . ILE A 1 8  ? 7.025   9.145   6.917   1.00   17.54 ? 7    ILE A O    1 
ATOM   155  C  CB   . ILE A 1 8  ? 4.891   6.752   8.092   1.00   16.83 ? 7    ILE A CB   1 
ATOM   156  C  CG1  . ILE A 1 8  ? 3.527   6.528   8.760   1.00   18.48 ? 7    ILE A CG1  1 
ATOM   157  C  CG2  . ILE A 1 8  ? 6.013   6.685   9.125   1.00   20.28 ? 7    ILE A CG2  1 
ATOM   158  C  CD1  . ILE A 1 8  ? 3.041   7.686   9.610   1.00   19.21 ? 7    ILE A CD1  1 
ATOM   159  H  H    A ILE A 1 8  ? 3.405   7.318   6.118   0.48   17.31 ? 7    ILE A H    1 
ATOM   160  D  D    B ILE A 1 8  ? 3.405   7.318   6.118   0.52   17.31 ? 7    ILE A D    1 
ATOM   161  D  DA   . ILE A 1 8  ? 4.852   8.898   8.081   1.00   20.16 ? 7    ILE A DA   1 
ATOM   162  D  DB   . ILE A 1 8  ? 5.050   5.956   7.364   1.00   18.00 ? 7    ILE A DB   1 
ATOM   163  D  DG12 . ILE A 1 8  ? 2.784   6.354   7.983   1.00   19.54 ? 7    ILE A DG12 1 
ATOM   164  D  DG13 . ILE A 1 8  ? 3.598   5.652   9.404   1.00   18.48 ? 7    ILE A DG13 1 
ATOM   165  D  DG21 . ILE A 1 8  ? 6.949   7.006   8.673   1.00   20.21 ? 7    ILE A DG21 1 
ATOM   166  D  DG22 . ILE A 1 8  ? 5.765   7.331   9.965   1.00   22.25 ? 7    ILE A DG22 1 
ATOM   167  D  DG23 . ILE A 1 8  ? 6.113   5.653   9.466   1.00   23.60 ? 7    ILE A DG23 1 
ATOM   168  D  DDD1 . ILE A 1 8  ? 3.835   7.995   10.287  1.00   21.31 ? 7    ILE A DDD1 1 
ATOM   169  D  DDD2 . ILE A 1 8  ? 2.765   8.514   8.958   1.00   20.33 ? 7    ILE A DDD2 1 
ATOM   170  D  DDD3 . ILE A 1 8  ? 2.173   7.361   10.182  1.00   20.84 ? 7    ILE A DDD3 1 
ATOM   171  N  N    . CYS A 1 9  ? 6.501   7.376   5.628   1.00   15.31 ? 8    CYS A N    1 
ATOM   172  C  CA   . CYS A 1 9  ? 7.825   7.298   5.006   1.00   14.05 ? 8    CYS A CA   1 
ATOM   173  C  C    . CYS A 1 9  ? 7.861   7.736   3.541   1.00   13.13 ? 8    CYS A C    1 
ATOM   174  O  O    . CYS A 1 9  ? 8.928   8.052   3.016   1.00   16.27 ? 8    CYS A O    1 
ATOM   175  C  CB   . CYS A 1 9  ? 8.362   5.871   5.105   1.00   15.08 ? 8    CYS A CB   1 
ATOM   176  S  SG   . CYS A 1 9  ? 7.801   4.774   3.783   1.00   15.85 ? 8    CYS A SG   1 
ATOM   177  H  H    A CYS A 1 9  ? 5.824   6.715   5.251   0.36   15.50 ? 8    CYS A H    1 
ATOM   178  D  D    B CYS A 1 9  ? 5.824   6.715   5.251   0.64   15.50 ? 8    CYS A D    1 
ATOM   179  D  DA   . CYS A 1 9  ? 8.516   7.941   5.550   1.00   17.45 ? 8    CYS A DA   1 
ATOM   180  D  DB2  . CYS A 1 9  ? 9.451   5.906   5.065   1.00   19.91 ? 8    CYS A DB2  1 
ATOM   181  D  DB3  . CYS A 1 9  ? 8.043   5.443   6.055   1.00   17.63 ? 8    CYS A DB3  1 
ATOM   182  N  N    . GLY A 1 10 ? 6.709   7.742   2.878   1.00   12.76 ? 9    GLY A N    1 
ATOM   183  C  CA   . GLY A 1 10 ? 6.641   8.139   1.482   1.00   15.45 ? 9    GLY A CA   1 
ATOM   184  C  C    . GLY A 1 10 ? 6.637   6.973   0.513   1.00   14.56 ? 9    GLY A C    1 
ATOM   185  O  O    . GLY A 1 10 ? 6.606   7.178   -0.701  1.00   14.72 ? 9    GLY A O    1 
ATOM   186  H  H    A GLY A 1 10 ? 5.809   7.487   3.281   0.0000 14.57 ? 9    GLY A H    1 
ATOM   187  D  D    B GLY A 1 10 ? 5.809   7.487   3.281   1.00   14.57 ? 9    GLY A D    1 
ATOM   188  D  DA2  . GLY A 1 10 ? 5.733   8.719   1.317   1.00   18.67 ? 9    GLY A DA2  1 
ATOM   189  D  DA3  . GLY A 1 10 ? 7.493   8.770   1.232   1.00   14.96 ? 9    GLY A DA3  1 
ATOM   190  N  N    . TYR A 1 11 ? 6.691   5.753   1.038   1.00   11.17 ? 10   TYR A N    1 
ATOM   191  C  CA   . TYR A 1 11 ? 6.558   4.563   0.205   1.00   11.68 ? 10   TYR A CA   1 
ATOM   192  C  C    . TYR A 1 11 ? 5.256   4.630   -0.566  1.00   13.05 ? 10   TYR A C    1 
ATOM   193  O  O    . TYR A 1 11 ? 4.214   4.969   -0.006  1.00   13.60 ? 10   TYR A O    1 
ATOM   194  C  CB   . TYR A 1 11 ? 6.604   3.288   1.047   1.00   14.37 ? 10   TYR A CB   1 
ATOM   195  C  CG   . TYR A 1 11 ? 6.176   2.048   0.288   1.00   12.95 ? 10   TYR A CG   1 
ATOM   196  C  CD1  . TYR A 1 11 ? 7.049   1.400   -0.575  1.00   13.54 ? 10   TYR A CD1  1 
ATOM   197  C  CD2  . TYR A 1 11 ? 4.896   1.527   0.435   1.00   14.99 ? 10   TYR A CD2  1 
ATOM   198  C  CE1  . TYR A 1 11 ? 6.660   0.266   -1.269  1.00   13.83 ? 10   TYR A CE1  1 
ATOM   199  C  CE2  . TYR A 1 11 ? 4.501   0.395   -0.254  1.00   14.85 ? 10   TYR A CE2  1 
ATOM   200  C  CZ   . TYR A 1 11 ? 5.386   -0.229  -1.105  1.00   13.91 ? 10   TYR A CZ   1 
ATOM   201  O  OH   . TYR A 1 11 ? 4.997   -1.357  -1.793  1.00   16.96 ? 10   TYR A OH   1 
ATOM   202  H  H    . TYR A 1 11 ? 6.824   5.553   2.030   1.00   14.34 ? 10   TYR A H    1 
ATOM   203  D  DA   . TYR A 1 11 ? 7.376   4.526   -0.513  1.00   13.83 ? 10   TYR A DA   1 
ATOM   204  D  DB2  . TYR A 1 11 ? 7.622   3.135   1.402   1.00   16.56 ? 10   TYR A DB2  1 
ATOM   205  D  DB3  . TYR A 1 11 ? 5.930   3.410   1.894   1.00   13.97 ? 10   TYR A DB3  1 
ATOM   206  D  DD1  . TYR A 1 11 ? 8.048   1.783   -0.709  1.00   16.07 ? 10   TYR A DD1  1 
ATOM   207  D  DD2  . TYR A 1 11 ? 4.197   2.012   1.101   1.00   15.37 ? 10   TYR A DD2  1 
ATOM   208  D  DE1  . TYR A 1 11 ? 7.350   -0.226  -1.936  1.00   17.01 ? 10   TYR A DE1  1 
ATOM   209  D  DE2  . TYR A 1 11 ? 3.503   0.005   -0.127  1.00   19.00 ? 10   TYR A DE2  1 
ATOM   210  D  DH   A TYR A 1 11 ? 5.772   -1.768  -2.231  0.23   15.70 ? 10   TYR A DH   1 
ATOM   211  D  DH   B TYR A 1 11 ? 5.770   -1.765  -2.236  0.77   15.65 ? 10   TYR A DH   1 
ATOM   212  N  N    A ILE A 1 12 ? 5.338   4.319   -1.856  0.57   13.57 ? 11   ILE A N    1 
ATOM   213  N  N    C ILE A 1 12 ? 5.304   4.299   -1.851  0.43   13.46 ? 11   ILE A N    1 
ATOM   214  C  CA   A ILE A 1 12 ? 4.176   4.297   -2.727  0.57   14.30 ? 11   ILE A CA   1 
ATOM   215  C  CA   C ILE A 1 12 ? 4.110   4.352   -2.686  0.43   14.28 ? 11   ILE A CA   1 
ATOM   216  C  C    A ILE A 1 12 ? 3.728   2.869   -2.962  0.57   13.42 ? 11   ILE A C    1 
ATOM   217  C  C    C ILE A 1 12 ? 3.648   2.956   -3.066  0.43   13.54 ? 11   ILE A C    1 
ATOM   218  O  O    A ILE A 1 12 ? 4.441   2.086   -3.589  0.57   14.70 ? 11   ILE A O    1 
ATOM   219  O  O    C ILE A 1 12 ? 4.271   2.284   -3.889  0.43   15.07 ? 11   ILE A O    1 
ATOM   220  C  CB   A ILE A 1 12 ? 4.466   4.943   -4.096  0.57   15.02 ? 11   ILE A CB   1 
ATOM   221  C  CB   C ILE A 1 12 ? 4.350   5.178   -3.957  0.43   15.04 ? 11   ILE A CB   1 
ATOM   222  C  CG1  A ILE A 1 12 ? 4.960   6.379   -3.924  0.57   15.02 ? 11   ILE A CG1  1 
ATOM   223  C  CG1  C ILE A 1 12 ? 4.573   6.640   -3.579  0.43   14.99 ? 11   ILE A CG1  1 
ATOM   224  C  CG2  A ILE A 1 12 ? 3.223   4.897   -4.977  0.57   15.62 ? 11   ILE A CG2  1 
ATOM   225  C  CG2  C ILE A 1 12 ? 3.159   5.056   -4.903  0.43   15.65 ? 11   ILE A CG2  1 
ATOM   226  C  CD1  A ILE A 1 12 ? 4.020   7.265   -3.147  0.57   15.88 ? 11   ILE A CD1  1 
ATOM   227  C  CD1  C ILE A 1 12 ? 5.091   7.492   -4.697  0.43   16.37 ? 11   ILE A CD1  1 
ATOM   228  D  D    A ILE A 1 12 ? 6.208   4.072   -2.328  0.57   14.12 ? 11   ILE A D    1 
ATOM   229  D  D    C ILE A 1 12 ? 6.145   3.992   -2.340  0.43   14.10 ? 11   ILE A D    1 
ATOM   230  D  DA   A ILE A 1 12 ? 3.357   4.840   -2.260  0.57   14.42 ? 11   ILE A DA   1 
ATOM   231  D  DA   C ILE A 1 12 ? 3.305   4.834   -2.139  0.43   14.44 ? 11   ILE A DA   1 
ATOM   232  D  DB   A ILE A 1 12 ? 5.252   4.367   -4.586  0.57   14.51 ? 11   ILE A DB   1 
ATOM   233  D  DB   C ILE A 1 12 ? 5.243   4.803   -4.460  0.43   14.82 ? 11   ILE A DB   1 
ATOM   234  D  DG12 A ILE A 1 12 ? 5.913   6.361   -3.396  0.57   15.42 ? 11   ILE A DG12 1 
ATOM   235  D  DG12 C ILE A 1 12 ? 3.623   7.063   -3.253  0.43   15.97 ? 11   ILE A DG12 1 
ATOM   236  D  DG13 A ILE A 1 12 ? 5.096   6.821   -4.911  0.57   16.70 ? 11   ILE A DG13 1 
ATOM   237  D  DG13 C ILE A 1 12 ? 5.296   6.686   -2.765  0.43   15.31 ? 11   ILE A DG13 1 
ATOM   238  D  DG21 A ILE A 1 12 ? 2.351   5.148   -4.374  0.57   15.67 ? 11   ILE A DG21 1 
ATOM   239  D  DG21 C ILE A 1 12 ? 2.236   5.172   -4.335  0.43   15.57 ? 11   ILE A DG21 1 
ATOM   240  D  DG22 A ILE A 1 12 ? 3.336   5.618   -5.787  0.57   16.95 ? 11   ILE A DG22 1 
ATOM   241  D  DG22 C ILE A 1 12 ? 3.223   5.832   -5.665  0.43   16.97 ? 11   ILE A DG22 1 
ATOM   242  D  DG23 A ILE A 1 12 ? 3.113   3.893   -5.384  0.57   16.19 ? 11   ILE A DG23 1 
ATOM   243  D  DG23 C ILE A 1 12 ? 3.179   4.076   -5.381  0.43   15.96 ? 11   ILE A DG23 1 
ATOM   244  D  DDD3 A ILE A 1 12 ? 4.230   8.306   -3.391  0.57   16.29 ? 11   ILE A DDD3 1 
ATOM   245  D  DDD1 A ILE A 1 12 ? 2.991   7.022   -3.411  0.57   16.27 ? 11   ILE A DDD1 1 
ATOM   246  D  DDD2 A ILE A 1 12 ? 4.181   7.088   -2.085  0.57   15.16 ? 11   ILE A DDD2 1 
ATOM   247  D  DDD3 C ILE A 1 12 ? 6.129   7.750   -4.490  0.43   16.08 ? 11   ILE A DDD3 1 
ATOM   248  D  DDD1 C ILE A 1 12 ? 5.028   6.935   -5.632  0.43   16.29 ? 11   ILE A DDD1 1 
ATOM   249  D  DDD2 C ILE A 1 12 ? 4.489   8.399   -4.759  0.43   15.70 ? 11   ILE A DDD2 1 
ATOM   250  N  N    . TYR A 1 13 ? 2.551   2.521   -2.456  1.00   12.47 ? 12   TYR A N    1 
ATOM   251  C  CA   . TYR A 1 13 ? 1.967   1.246   -2.800  1.00   13.06 ? 12   TYR A CA   1 
ATOM   252  C  C    . TYR A 1 13 ? 1.308   1.391   -4.160  1.00   14.16 ? 12   TYR A C    1 
ATOM   253  O  O    . TYR A 1 13 ? 0.277   2.051   -4.295  1.00   13.78 ? 12   TYR A O    1 
ATOM   254  C  CB   . TYR A 1 13 ? 0.956   0.770   -1.766  1.00   14.46 ? 12   TYR A CB   1 
ATOM   255  C  CG   . TYR A 1 13 ? 0.316   -0.512  -2.222  1.00   13.83 ? 12   TYR A CG   1 
ATOM   256  C  CD1  . TYR A 1 13 ? 0.996   -1.716  -2.123  1.00   14.86 ? 12   TYR A CD1  1 
ATOM   257  C  CD2  . TYR A 1 13 ? -0.942  -0.514  -2.803  1.00   14.37 ? 12   TYR A CD2  1 
ATOM   258  C  CE1  . TYR A 1 13 ? 0.433   -2.889  -2.562  1.00   14.74 ? 12   TYR A CE1  1 
ATOM   259  C  CE2  . TYR A 1 13 ? -1.516  -1.685  -3.246  1.00   15.57 ? 12   TYR A CE2  1 
ATOM   260  C  CZ   . TYR A 1 13 ? -0.823  -2.869  -3.126  1.00   14.27 ? 12   TYR A CZ   1 
ATOM   261  O  OH   . TYR A 1 13 ? -1.391  -4.038  -3.566  1.00   13.99 ? 12   TYR A OH   1 
ATOM   262  H  H    A TYR A 1 13 ? 1.990   3.090   -1.822  0.79   14.59 ? 12   TYR A H    1 
ATOM   263  D  D    B TYR A 1 13 ? 1.990   3.090   -1.822  0.21   14.59 ? 12   TYR A D    1 
ATOM   264  D  DA   . TYR A 1 13 ? 2.749   0.491   -2.878  1.00   13.54 ? 12   TYR A DA   1 
ATOM   265  D  DB2  . TYR A 1 13 ? 1.462   0.586   -0.819  1.00   16.88 ? 12   TYR A DB2  1 
ATOM   266  D  DB3  . TYR A 1 13 ? 0.181   1.525   -1.643  1.00   14.59 ? 12   TYR A DB3  1 
ATOM   267  D  DD1  . TYR A 1 13 ? 1.982   -1.731  -1.686  1.00   16.14 ? 12   TYR A DD1  1 
ATOM   268  D  DD2  . TYR A 1 13 ? -1.481  0.416   -2.897  1.00   16.91 ? 12   TYR A DD2  1 
ATOM   269  D  DE1  . TYR A 1 13 ? 0.977   -3.817  -2.468  1.00   17.33 ? 12   TYR A DE1  1 
ATOM   270  D  DE2  . TYR A 1 13 ? -2.502  -1.672  -3.686  1.00   18.08 ? 12   TYR A DE2  1 
ATOM   271  H  HH   A TYR A 1 13 ? -1.997  -3.844  -4.310  0.0000 13.86 ? 12   TYR A HH   1 
ATOM   272  D  DH   B TYR A 1 13 ? -1.997  -3.844  -4.310  1.00   13.86 ? 12   TYR A DH   1 
ATOM   273  N  N    . ASP A 1 14 ? 1.919   0.780   -5.167  1.00   12.49 ? 13   ASP A N    1 
ATOM   274  C  CA   . ASP A 1 14 ? 1.411   0.837   -6.526  1.00   14.67 ? 13   ASP A CA   1 
ATOM   275  C  C    . ASP A 1 14 ? 0.597   -0.414  -6.791  1.00   12.98 ? 13   ASP A C    1 
ATOM   276  O  O    . ASP A 1 14 ? 1.138   -1.518  -6.823  1.00   14.53 ? 13   ASP A O    1 
ATOM   277  C  CB   . ASP A 1 14 ? 2.557   0.973   -7.527  1.00   16.12 ? 13   ASP A CB   1 
ATOM   278  C  CG   . ASP A 1 14 ? 2.080   0.985   -8.967  1.00   18.63 ? 13   ASP A CG   1 
ATOM   279  O  OD1  . ASP A 1 14 ? 0.924   1.388   -9.216  1.00   18.39 ? 13   ASP A OD1  1 
ATOM   280  O  OD2  . ASP A 1 14 ? 2.865   0.590   -9.855  1.00   22.89 ? 13   ASP A OD2  1 
ATOM   281  H  H    A ASP A 1 14 ? 2.766   0.220   -5.067  0.06   15.64 ? 13   ASP A H    1 
ATOM   282  D  D    B ASP A 1 14 ? 2.766   0.220   -5.067  0.94   15.64 ? 13   ASP A D    1 
ATOM   283  D  DA   . ASP A 1 14 ? 0.760   1.703   -6.639  1.00   15.35 ? 13   ASP A DA   1 
ATOM   284  D  DB2  . ASP A 1 14 ? 3.083   1.907   -7.333  1.00   16.50 ? 13   ASP A DB2  1 
ATOM   285  D  DB3  . ASP A 1 14 ? 3.235   0.128   -7.402  1.00   18.88 ? 13   ASP A DB3  1 
ATOM   286  N  N    . GLU A 1 15 ? -0.707  -0.237  -6.957  1.00   14.05 ? 14   GLU A N    1 
ATOM   287  C  CA   . GLU A 1 15 ? -1.611  -1.363  -7.142  1.00   15.42 ? 14   GLU A CA   1 
ATOM   288  C  C    . GLU A 1 15 ? -1.213  -2.190  -8.359  1.00   14.57 ? 14   GLU A C    1 
ATOM   289  O  O    . GLU A 1 15 ? -1.437  -3.398  -8.395  1.00   15.30 ? 14   GLU A O    1 
ATOM   290  C  CB   . GLU A 1 15 ? -3.052  -0.868  -7.275  1.00   14.94 ? 14   GLU A CB   1 
ATOM   291  C  CG   . GLU A 1 15 ? -3.611  -0.284  -5.986  1.00   15.33 ? 14   GLU A CG   1 
ATOM   292  C  CD   . GLU A 1 15 ? -5.018  0.260   -6.137  1.00   17.01 ? 14   GLU A CD   1 
ATOM   293  O  OE1  . GLU A 1 15 ? -5.480  0.419   -7.285  1.00   18.37 ? 14   GLU A OE1  1 
ATOM   294  O  OE2  . GLU A 1 15 ? -5.662  0.527   -5.102  1.00   18.06 ? 14   GLU A OE2  1 
ATOM   295  H  H    A GLU A 1 15 ? -1.166  0.672   -6.970  0.0000 15.46 ? 14   GLU A H    1 
ATOM   296  D  D    B GLU A 1 15 ? -1.166  0.672   -6.970  1.00   15.46 ? 14   GLU A D    1 
ATOM   297  D  DA   . GLU A 1 15 ? -1.556  -2.010  -6.266  1.00   14.70 ? 14   GLU A DA   1 
ATOM   298  D  DB2  . GLU A 1 15 ? -3.091  -0.094  -8.041  1.00   17.56 ? 14   GLU A DB2  1 
ATOM   299  D  DB3  . GLU A 1 15 ? -3.683  -1.709  -7.564  1.00   17.64 ? 14   GLU A DB3  1 
ATOM   300  D  DG2  . GLU A 1 15 ? -3.639  -1.068  -5.231  1.00   16.27 ? 14   GLU A DG2  1 
ATOM   301  D  DG3  . GLU A 1 15 ? -2.970  0.530   -5.652  1.00   16.67 ? 14   GLU A DG3  1 
ATOM   302  N  N    . ASP A 1 16 ? -0.611  -1.539  -9.349  1.00   15.41 ? 15   ASP A N    1 
ATOM   303  C  CA   . ASP A 1 16 ? -0.137  -2.238  -10.537 1.00   18.01 ? 15   ASP A CA   1 
ATOM   304  C  C    . ASP A 1 16 ? 1.071   -3.113  -10.218 1.00   16.26 ? 15   ASP A C    1 
ATOM   305  O  O    . ASP A 1 16 ? 1.305   -4.123  -10.880 1.00   19.90 ? 15   ASP A O    1 
ATOM   306  C  CB   . ASP A 1 16 ? 0.219   -1.244  -11.643 1.00   19.73 ? 15   ASP A CB   1 
ATOM   307  C  CG   . ASP A 1 16 ? -0.996  -0.521  -12.189 1.00   21.98 ? 15   ASP A CG   1 
ATOM   308  O  OD1  . ASP A 1 16 ? -1.708  -1.106  -13.032 1.00   25.50 ? 15   ASP A OD1  1 
ATOM   309  O  OD2  . ASP A 1 16 ? -1.236  0.634   -11.780 1.00   23.31 ? 15   ASP A OD2  1 
ATOM   310  H  H    A ASP A 1 16 ? -0.436  -0.534  -9.359  0.0000 15.54 ? 15   ASP A H    1 
ATOM   311  D  D    B ASP A 1 16 ? -0.436  -0.534  -9.359  1.00   15.54 ? 15   ASP A D    1 
ATOM   312  D  DA   . ASP A 1 16 ? -0.933  -2.887  -10.901 1.00   16.86 ? 15   ASP A DA   1 
ATOM   313  D  DB2  . ASP A 1 16 ? 0.906   -0.496  -11.248 1.00   18.65 ? 15   ASP A DB2  1 
ATOM   314  D  DB3  . ASP A 1 16 ? 0.693   -1.784  -12.462 1.00   22.82 ? 15   ASP A DB3  1 
ATOM   315  N  N    . ALA A 1 17 ? 1.834   -2.720  -9.203  1.00   15.68 ? 16   ALA A N    1 
ATOM   316  C  CA   . ALA A 1 17 ? 3.042   -3.448  -8.825  1.00   16.49 ? 16   ALA A CA   1 
ATOM   317  C  C    . ALA A 1 17 ? 2.771   -4.449  -7.706  1.00   16.84 ? 16   ALA A C    1 
ATOM   318  O  O    . ALA A 1 17 ? 3.399   -5.505  -7.645  1.00   15.67 ? 16   ALA A O    1 
ATOM   319  C  CB   . ALA A 1 17 ? 4.129   -2.475  -8.401  1.00   17.94 ? 16   ALA A CB   1 
ATOM   320  H  H    A ALA A 1 17 ? 1.643   -1.904  -8.625  0.0000 16.44 ? 16   ALA A H    1 
ATOM   321  D  D    B ALA A 1 17 ? 1.643   -1.904  -8.625  1.00   16.44 ? 16   ALA A D    1 
ATOM   322  D  DA   . ALA A 1 17 ? 3.415   -4.001  -9.686  1.00   19.60 ? 16   ALA A DA   1 
ATOM   323  D  DB1  . ALA A 1 17 ? 3.804   -1.950  -7.504  1.00   19.98 ? 16   ALA A DB1  1 
ATOM   324  D  DB2  . ALA A 1 17 ? 5.041   -3.035  -8.192  1.00   19.41 ? 16   ALA A DB2  1 
ATOM   325  D  DB3  . ALA A 1 17 ? 4.306   -1.764  -9.208  1.00   17.36 ? 16   ALA A DB3  1 
ATOM   326  N  N    . GLY A 1 18 ? 1.834   -4.114  -6.825  1.00   11.83 ? 17   GLY A N    1 
ATOM   327  C  CA   . GLY A 1 18 ? 1.563   -4.935  -5.662  1.00   15.25 ? 17   GLY A CA   1 
ATOM   328  C  C    . GLY A 1 18 ? 2.744   -4.937  -4.713  1.00   14.73 ? 17   GLY A C    1 
ATOM   329  O  O    . GLY A 1 18 ? 3.471   -3.951  -4.605  1.00   16.13 ? 17   GLY A O    1 
ATOM   330  H  H    A GLY A 1 18 ? 1.251   -3.283  -6.893  0.08   15.05 ? 17   GLY A H    1 
ATOM   331  D  D    B GLY A 1 18 ? 1.251   -3.283  -6.893  0.92   15.05 ? 17   GLY A D    1 
ATOM   332  D  DA2  . GLY A 1 18 ? 0.690   -4.557  -5.129  1.00   15.55 ? 17   GLY A DA2  1 
ATOM   333  D  DA3  . GLY A 1 18 ? 1.362   -5.960  -5.972  1.00   15.62 ? 17   GLY A DA3  1 
ATOM   334  N  N    . ASP A 1 19 ? 2.934   -6.058  -4.025  1.00   14.50 ? 18   ASP A N    1 
ATOM   335  C  CA   . ASP A 1 19 ? 4.022   -6.206  -3.067  1.00   15.23 ? 18   ASP A CA   1 
ATOM   336  C  C    . ASP A 1 19 ? 4.349   -7.691  -2.920  1.00   18.63 ? 18   ASP A C    1 
ATOM   337  O  O    . ASP A 1 19 ? 4.173   -8.269  -1.848  1.00   17.64 ? 18   ASP A O    1 
ATOM   338  C  CB   . ASP A 1 19 ? 3.640   -5.584  -1.720  1.00   17.45 ? 18   ASP A CB   1 
ATOM   339  C  CG   . ASP A 1 19 ? 4.797   -5.542  -0.743  1.00   16.41 ? 18   ASP A CG   1 
ATOM   340  O  OD1  . ASP A 1 19 ? 5.962   -5.634  -1.184  1.00   16.06 ? 18   ASP A OD1  1 
ATOM   341  O  OD2  . ASP A 1 19 ? 4.535   -5.407  0.471   1.00   16.97 ? 18   ASP A OD2  1 
ATOM   342  H  H    A ASP A 1 19 ? 2.345   -6.885  -4.109  0.0000 15.63 ? 18   ASP A H    1 
ATOM   343  D  D    B ASP A 1 19 ? 2.345   -6.885  -4.109  1.00   15.63 ? 18   ASP A D    1 
ATOM   344  D  DA   . ASP A 1 19 ? 4.904   -5.687  -3.438  1.00   18.04 ? 18   ASP A DA   1 
ATOM   345  D  DB2  . ASP A 1 19 ? 3.306   -4.561  -1.885  1.00   19.19 ? 18   ASP A DB2  1 
ATOM   346  D  DB3  . ASP A 1 19 ? 2.841   -6.166  -1.267  1.00   16.94 ? 18   ASP A DB3  1 
ATOM   347  N  N    . PRO A 1 20 ? 4.826   -8.311  -4.012  1.00   16.52 ? 19   PRO A N    1 
ATOM   348  C  CA   . PRO A 1 20 ? 4.967   -9.769  -4.130  1.00   19.05 ? 19   PRO A CA   1 
ATOM   349  C  C    . PRO A 1 20 ? 5.879   -10.396 -3.079  1.00   19.23 ? 19   PRO A C    1 
ATOM   350  O  O    . PRO A 1 20 ? 5.638   -11.532 -2.670  1.00   16.47 ? 19   PRO A O    1 
ATOM   351  C  CB   . PRO A 1 20 ? 5.552   -9.954  -5.536  1.00   18.98 ? 19   PRO A CB   1 
ATOM   352  C  CG   . PRO A 1 20 ? 6.141   -8.646  -5.897  1.00   22.72 ? 19   PRO A CG   1 
ATOM   353  C  CD   . PRO A 1 20 ? 5.305   -7.616  -5.219  1.00   18.00 ? 19   PRO A CD   1 
ATOM   354  D  DA   . PRO A 1 20 ? 3.991   -10.251 -4.088  1.00   16.91 ? 19   PRO A DA   1 
ATOM   355  D  DB2  . PRO A 1 20 ? 6.317   -10.730 -5.515  1.00   21.98 ? 19   PRO A DB2  1 
ATOM   356  D  DB3  . PRO A 1 20 ? 4.756   -10.218 -6.231  1.00   22.89 ? 19   PRO A DB3  1 
ATOM   357  D  DG2  . PRO A 1 20 ? 7.171   -8.599  -5.543  1.00   22.52 ? 19   PRO A DG2  1 
ATOM   358  D  DG3  . PRO A 1 20 ? 6.098   -8.514  -6.978  1.00   20.35 ? 19   PRO A DG3  1 
ATOM   359  D  DD2  . PRO A 1 20 ? 5.918   -6.756  -4.955  1.00   20.58 ? 19   PRO A DD2  1 
ATOM   360  D  DD3  . PRO A 1 20 ? 4.463   -7.329  -5.850  1.00   19.81 ? 19   PRO A DD3  1 
ATOM   361  N  N    . ASP A 1 21 ? 6.904   -9.670  -2.647  1.00   19.79 ? 20   ASP A N    1 
ATOM   362  C  CA   . ASP A 1 21 ? 7.827   -10.188 -1.644  1.00   20.12 ? 20   ASP A CA   1 
ATOM   363  C  C    . ASP A 1 21 ? 7.131   -10.400 -0.303  1.00   20.12 ? 20   ASP A C    1 
ATOM   364  O  O    . ASP A 1 21 ? 7.597   -11.181 0.527   1.00   21.83 ? 20   ASP A O    1 
ATOM   365  C  CB   . ASP A 1 21 ? 9.018   -9.242  -1.473  1.00   21.94 ? 20   ASP A CB   1 
ATOM   366  C  CG   . ASP A 1 21 ? 9.865   -9.134  -2.727  1.00   22.93 ? 20   ASP A CG   1 
ATOM   367  O  OD1  . ASP A 1 21 ? 9.883   -10.097 -3.522  1.00   25.13 ? 20   ASP A OD1  1 
ATOM   368  O  OD2  . ASP A 1 21 ? 10.513  -8.083  -2.919  1.00   27.54 ? 20   ASP A OD2  1 
ATOM   369  H  H    A ASP A 1 21 ? 7.123   -8.728  -2.970  0.0000 18.46 ? 20   ASP A H    1 
ATOM   370  D  D    B ASP A 1 21 ? 7.123   -8.728  -2.970  1.00   18.46 ? 20   ASP A D    1 
ATOM   371  D  DA   . ASP A 1 21 ? 8.208   -11.153 -1.978  1.00   23.66 ? 20   ASP A DA   1 
ATOM   372  D  DB2  . ASP A 1 21 ? 8.649   -8.246  -1.229  1.00   24.92 ? 20   ASP A DB2  1 
ATOM   373  D  DB3  . ASP A 1 21 ? 9.656   -9.613  -0.670  1.00   27.29 ? 20   ASP A DB3  1 
ATOM   374  N  N    . ASN A 1 22 ? 6.014   -9.705  -0.098  1.00   17.10 ? 21   ASN A N    1 
ATOM   375  C  CA   . ASN A 1 22 ? 5.243   -9.828  1.135   1.00   16.82 ? 21   ASN A CA   1 
ATOM   376  C  C    . ASN A 1 22 ? 3.854   -10.421 0.898   1.00   17.45 ? 21   ASN A C    1 
ATOM   377  O  O    . ASN A 1 22 ? 2.918   -10.156 1.651   1.00   19.35 ? 21   ASN A O    1 
ATOM   378  C  CB   . ASN A 1 22 ? 5.117   -8.464  1.815   1.00   20.43 ? 21   ASN A CB   1 
ATOM   379  C  CG   . ASN A 1 22 ? 6.455   -7.918  2.272   1.00   19.64 ? 21   ASN A CG   1 
ATOM   380  O  OD1  . ASN A 1 22 ? 6.975   -8.314  3.314   1.00   21.70 ? 21   ASN A OD1  1 
ATOM   381  N  ND2  . ASN A 1 22 ? 7.019   -7.000  1.495   1.00   20.51 ? 21   ASN A ND2  1 
ATOM   382  H  H    A ASN A 1 22 ? 5.620   -9.047  -0.769  0.0000 18.88 ? 21   ASN A H    1 
ATOM   383  D  D    B ASN A 1 22 ? 5.620   -9.047  -0.769  1.00   18.88 ? 21   ASN A D    1 
ATOM   384  D  DA   . ASN A 1 22 ? 5.764   -10.489 1.829   1.00   19.77 ? 21   ASN A DA   1 
ATOM   385  D  DB2  . ASN A 1 22 ? 4.678   -7.756  1.115   1.00   20.19 ? 21   ASN A DB2  1 
ATOM   386  D  DB3  . ASN A 1 22 ? 4.482   -8.560  2.696   1.00   20.07 ? 21   ASN A DB3  1 
ATOM   387  H  HD21 A ASN A 1 22 ? 6.511   -6.635  0.691   0.32   18.92 ? 21   ASN A HD21 1 
ATOM   388  H  HD22 A ASN A 1 22 ? 7.959   -6.663  1.702   0.22   19.18 ? 21   ASN A HD22 1 
ATOM   389  D  DDD2 B ASN A 1 22 ? 7.959   -6.663  1.702   0.78   19.18 ? 21   ASN A DDD2 1 
ATOM   390  D  DDD1 B ASN A 1 22 ? 6.511   -6.635  0.691   0.68   18.92 ? 21   ASN A DDD1 1 
ATOM   391  N  N    . GLY A 1 23 ? 3.728   -11.222 -0.156  1.00   15.80 ? 22   GLY A N    1 
ATOM   392  C  CA   . GLY A 1 23 ? 2.523   -11.999 -0.385  1.00   15.76 ? 22   GLY A CA   1 
ATOM   393  C  C    . GLY A 1 23 ? 1.415   -11.294 -1.146  1.00   14.25 ? 22   GLY A C    1 
ATOM   394  O  O    . GLY A 1 23 ? 0.274   -11.755 -1.136  1.00   16.46 ? 22   GLY A O    1 
ATOM   395  H  H    A GLY A 1 23 ? 4.448   -11.354 -0.865  0.0000 15.70 ? 22   GLY A H    1 
ATOM   396  D  D    B GLY A 1 23 ? 4.448   -11.354 -0.865  1.00   15.70 ? 22   GLY A D    1 
ATOM   397  D  DA2  . GLY A 1 23 ? 2.793   -12.899 -0.936  1.00   18.34 ? 22   GLY A DA2  1 
ATOM   398  D  DA3  . GLY A 1 23 ? 2.119   -12.309 0.578   1.00   18.40 ? 22   GLY A DA3  1 
ATOM   399  N  N    . ILE A 1 24 ? 1.745   -10.187 -1.805  1.00   14.64 ? 23   ILE A N    1 
ATOM   400  C  CA   . ILE A 1 24 ? 0.763   -9.411  -2.561  1.00   15.35 ? 23   ILE A CA   1 
ATOM   401  C  C    . ILE A 1 24 ? 1.107   -9.382  -4.047  1.00   16.12 ? 23   ILE A C    1 
ATOM   402  O  O    . ILE A 1 24 ? 2.075   -8.747  -4.454  1.00   15.78 ? 23   ILE A O    1 
ATOM   403  C  CB   . ILE A 1 24 ? 0.670   -7.959  -2.049  1.00   14.64 ? 23   ILE A CB   1 
ATOM   404  C  CG1  . ILE A 1 24 ? 0.460   -7.927  -0.530  1.00   17.57 ? 23   ILE A CG1  1 
ATOM   405  C  CG2  . ILE A 1 24 ? -0.432  -7.190  -2.785  1.00   16.60 ? 23   ILE A CG2  1 
ATOM   406  C  CD1  . ILE A 1 24 ? -0.777  -8.652  -0.037  1.00   18.41 ? 23   ILE A CD1  1 
ATOM   407  H  H    A ILE A 1 24 ? 2.688   -9.799  -1.835  0.0000 16.17 ? 23   ILE A H    1 
ATOM   408  D  D    B ILE A 1 24 ? 2.688   -9.799  -1.835  1.00   16.17 ? 23   ILE A D    1 
ATOM   409  D  DA   . ILE A 1 24 ? -0.223  -9.863  -2.459  1.00   17.52 ? 23   ILE A DA   1 
ATOM   410  D  DB   . ILE A 1 24 ? 1.620   -7.478  -2.269  1.00   17.59 ? 23   ILE A DB   1 
ATOM   411  D  DG12 . ILE A 1 24 ? 1.321   -8.392  -0.050  1.00   18.78 ? 23   ILE A DG12 1 
ATOM   412  D  DG13 . ILE A 1 24 ? 0.382   -6.887  -0.215  1.00   19.54 ? 23   ILE A DG13 1 
ATOM   413  D  DG21 . ILE A 1 24 ? -1.395  -7.655  -2.580  1.00   17.83 ? 23   ILE A DG21 1 
ATOM   414  D  DG22 . ILE A 1 24 ? -0.437  -6.159  -2.434  1.00   20.41 ? 23   ILE A DG22 1 
ATOM   415  D  DG23 . ILE A 1 24 ? -0.237  -7.211  -3.856  1.00   15.96 ? 23   ILE A DG23 1 
ATOM   416  D  DDD1 . ILE A 1 24 ? -1.629  -8.399  -0.667  1.00   18.02 ? 23   ILE A DDD1 1 
ATOM   417  D  DDD2 . ILE A 1 24 ? -0.596  -9.726  -0.065  1.00   21.38 ? 23   ILE A DDD2 1 
ATOM   418  D  DDD3 . ILE A 1 24 ? -0.973  -8.343  0.989   1.00   21.68 ? 23   ILE A DDD3 1 
ATOM   419  N  N    . SER A 1 25 ? 0.302   -10.056 -4.859  1.00   11.72 ? 24   SER A N    1 
ATOM   420  C  CA   . SER A 1 25 ? 0.549   -10.105 -6.294  1.00   13.84 ? 24   SER A CA   1 
ATOM   421  C  C    . SER A 1 25 ? 0.213   -8.768  -6.956  1.00   13.01 ? 24   SER A C    1 
ATOM   422  O  O    . SER A 1 25 ? -0.533  -7.968  -6.393  1.00   14.03 ? 24   SER A O    1 
ATOM   423  C  CB   . SER A 1 25 ? -0.262  -11.227 -6.936  1.00   13.36 ? 24   SER A CB   1 
ATOM   424  O  OG   . SER A 1 25 ? -1.644  -11.067 -6.676  1.00   14.28 ? 24   SER A OG   1 
ATOM   425  H  H    A SER A 1 25 ? -0.521  -10.576 -4.558  0.29   15.64 ? 24   SER A H    1 
ATOM   426  D  D    B SER A 1 25 ? -0.521  -10.576 -4.558  0.71   15.64 ? 24   SER A D    1 
ATOM   427  D  DA   . SER A 1 25 ? 1.604   -10.323 -6.452  1.00   15.44 ? 24   SER A DA   1 
ATOM   428  D  DB2  . SER A 1 25 ? -0.100  -11.209 -8.013  1.00   14.99 ? 24   SER A DB2  1 
ATOM   429  D  DB3  . SER A 1 25 ? 0.069   -12.180 -6.522  1.00   15.83 ? 24   SER A DB3  1 
ATOM   430  H  HG   A SER A 1 25 ? -2.120  -10.888 -7.514  0.08   15.58 ? 24   SER A HG   1 
ATOM   431  D  DG   B SER A 1 25 ? -2.120  -10.888 -7.514  0.92   15.58 ? 24   SER A DG   1 
ATOM   432  N  N    . PRO A 1 26 ? 0.771   -8.520  -8.152  1.00   12.91 ? 25   PRO A N    1 
ATOM   433  C  CA   . PRO A 1 26 ? 0.440   -7.305  -8.904  1.00   14.88 ? 25   PRO A CA   1 
ATOM   434  C  C    . PRO A 1 26 ? -1.054  -7.190  -9.186  1.00   13.40 ? 25   PRO A C    1 
ATOM   435  O  O    . PRO A 1 26 ? -1.715  -8.204  -9.407  1.00   15.91 ? 25   PRO A O    1 
ATOM   436  C  CB   . PRO A 1 26 ? 1.232   -7.471  -10.206 1.00   16.59 ? 25   PRO A CB   1 
ATOM   437  C  CG   . PRO A 1 26 ? 2.351   -8.367  -9.858  1.00   17.12 ? 25   PRO A CG   1 
ATOM   438  C  CD   . PRO A 1 26 ? 1.818   -9.310  -8.823  1.00   14.29 ? 25   PRO A CD   1 
ATOM   439  D  DA   . PRO A 1 26 ? 0.787   -6.418  -8.375  1.00   15.29 ? 25   PRO A DA   1 
ATOM   440  D  DB2  . PRO A 1 26 ? 0.600   -7.923  -10.970 1.00   19.46 ? 25   PRO A DB2  1 
ATOM   441  D  DB3  . PRO A 1 26 ? 1.608   -6.504  -10.537 1.00   17.52 ? 25   PRO A DB3  1 
ATOM   442  D  DG2  . PRO A 1 26 ? 2.667   -8.914  -10.746 1.00   20.75 ? 25   PRO A DG2  1 
ATOM   443  D  DG3  . PRO A 1 26 ? 3.175   -7.780  -9.456  1.00   17.93 ? 25   PRO A DG3  1 
ATOM   444  D  DD2  . PRO A 1 26 ? 1.386   -10.190 -9.296  1.00   17.09 ? 25   PRO A DD2  1 
ATOM   445  D  DD3  . PRO A 1 26 ? 2.605   -9.576  -8.121  1.00   16.80 ? 25   PRO A DD3  1 
ATOM   446  N  N    . GLY A 1 27 ? -1.573  -5.968  -9.171  1.00   13.72 ? 26   GLY A N    1 
ATOM   447  C  CA   . GLY A 1 27 ? -2.975  -5.733  -9.461  1.00   14.67 ? 26   GLY A CA   1 
ATOM   448  C  C    . GLY A 1 27 ? -3.876  -5.829  -8.242  1.00   14.86 ? 26   GLY A C    1 
ATOM   449  O  O    . GLY A 1 27 ? -5.100  -5.838  -8.371  1.00   18.55 ? 26   GLY A O    1 
ATOM   450  H  H    A GLY A 1 27 ? -1.045  -5.122  -8.965  0.0000 14.06 ? 26   GLY A H    1 
ATOM   451  D  D    B GLY A 1 27 ? -1.045  -5.122  -8.965  1.00   14.06 ? 26   GLY A D    1 
ATOM   452  D  DA2  . GLY A 1 27 ? -3.079  -4.734  -9.881  1.00   17.36 ? 26   GLY A DA2  1 
ATOM   453  D  DA3  . GLY A 1 27 ? -3.316  -6.453  -10.202 1.00   18.64 ? 26   GLY A DA3  1 
ATOM   454  N  N    . THR A 1 28 ? -3.275  -5.904  -7.059  1.00   14.33 ? 27   THR A N    1 
ATOM   455  C  CA   . THR A 1 28 ? -4.036  -5.948  -5.815  1.00   15.86 ? 27   THR A CA   1 
ATOM   456  C  C    . THR A 1 28 ? -4.373  -4.532  -5.348  1.00   15.28 ? 27   THR A C    1 
ATOM   457  O  O    . THR A 1 28 ? -3.482  -3.728  -5.085  1.00   15.83 ? 27   THR A O    1 
ATOM   458  C  CB   . THR A 1 28 ? -3.265  -6.688  -4.699  1.00   16.27 ? 27   THR A CB   1 
ATOM   459  O  OG1  . THR A 1 28 ? -2.950  -8.018  -5.125  1.00   13.36 ? 27   THR A OG1  1 
ATOM   460  C  CG2  . THR A 1 28 ? -4.091  -6.761  -3.421  1.00   17.36 ? 27   THR A CG2  1 
ATOM   461  H  H    A THR A 1 28 ? -2.266  -5.944  -6.929  0.010  15.20 ? 27   THR A H    1 
ATOM   462  D  D    B THR A 1 28 ? -2.266  -5.944  -6.929  0.99   15.20 ? 27   THR A D    1 
ATOM   463  D  DA   . THR A 1 28 ? -4.969  -6.484  -5.980  1.00   16.86 ? 27   THR A DA   1 
ATOM   464  D  DB   . THR A 1 28 ? -2.341  -6.152  -4.485  1.00   16.84 ? 27   THR A DB   1 
ATOM   465  H  HG1  A THR A 1 28 ? -2.098  -8.026  -5.607  0.13   14.77 ? 27   THR A HG1  1 
ATOM   466  D  DG1  B THR A 1 28 ? -2.098  -8.026  -5.607  0.87   14.77 ? 27   THR A DG1  1 
ATOM   467  D  DG21 . THR A 1 28 ? -5.015  -7.310  -3.603  1.00   18.96 ? 27   THR A DG21 1 
ATOM   468  D  DG22 . THR A 1 28 ? -3.527  -7.277  -2.644  1.00   18.78 ? 27   THR A DG22 1 
ATOM   469  D  DG23 . THR A 1 28 ? -4.337  -5.760  -3.070  1.00   19.42 ? 27   THR A DG23 1 
ATOM   470  N  N    . LYS A 1 29 ? -5.663  -4.234  -5.255  1.00   14.87 ? 28   LYS A N    1 
ATOM   471  C  CA   . LYS A 1 29 ? -6.112  -2.932  -4.778  1.00   17.54 ? 28   LYS A CA   1 
ATOM   472  C  C    . LYS A 1 29 ? -5.777  -2.751  -3.305  1.00   15.34 ? 28   LYS A C    1 
ATOM   473  O  O    . LYS A 1 29 ? -5.706  -3.721  -2.554  1.00   17.14 ? 28   LYS A O    1 
ATOM   474  C  CB   . LYS A 1 29 ? -7.615  -2.766  -4.995  1.00   19.97 ? 28   LYS A CB   1 
ATOM   475  C  CG   . LYS A 1 29 ? -8.016  -2.696  -6.454  1.00   20.92 ? 28   LYS A CG   1 
ATOM   476  C  CD   . LYS A 1 29 ? -9.515  -2.534  -6.613  1.00   25.72 ? 28   LYS A CD   1 
ATOM   477  C  CE   . LYS A 1 29 ? -9.880  -2.253  -8.061  1.00   26.88 ? 28   LYS A CE   1 
ATOM   478  N  NZ   . LYS A 1 29 ? -11.349 -2.271  -8.290  1.00   26.72 ? 28   LYS A NZ   1 
ATOM   479  H  H    A LYS A 1 29 ? -6.420  -4.871  -5.500  0.03   18.64 ? 28   LYS A H    1 
ATOM   480  D  D    B LYS A 1 29 ? -6.420  -4.871  -5.500  0.97   18.64 ? 28   LYS A D    1 
ATOM   481  D  DA   . LYS A 1 29 ? -5.600  -2.155  -5.342  1.00   16.04 ? 28   LYS A DA   1 
ATOM   482  D  DB2  . LYS A 1 29 ? -8.128  -3.614  -4.545  1.00   21.18 ? 28   LYS A DB2  1 
ATOM   483  D  DB3  . LYS A 1 29 ? -7.937  -1.842  -4.517  1.00   21.49 ? 28   LYS A DB3  1 
ATOM   484  D  DG2  . LYS A 1 29 ? -7.531  -1.839  -6.921  1.00   21.82 ? 28   LYS A DG2  1 
ATOM   485  D  DG3  . LYS A 1 29 ? -7.716  -3.617  -6.954  1.00   22.45 ? 28   LYS A DG3  1 
ATOM   486  D  DD2  . LYS A 1 29 ? -10.013 -3.453  -6.303  1.00   25.12 ? 28   LYS A DD2  1 
ATOM   487  D  DD3  . LYS A 1 29 ? -9.854  -1.697  -6.003  1.00   24.83 ? 28   LYS A DD3  1 
ATOM   488  D  DE2  . LYS A 1 29 ? -9.506  -1.265  -8.334  1.00   26.95 ? 28   LYS A DE2  1 
ATOM   489  D  DE3  . LYS A 1 29 ? -9.427  -3.013  -8.697  1.00   28.52 ? 28   LYS A DE3  1 
ATOM   490  H  HZ1  A LYS A 1 29 ? -11.849 -2.250  -7.378  0.64   25.24 ? 28   LYS A HZ1  1 
ATOM   491  D  DZ1  B LYS A 1 29 ? -11.849 -2.250  -7.378  0.36   25.24 ? 28   LYS A DZ1  1 
ATOM   492  H  HZ2  A LYS A 1 29 ? -11.631 -1.440  -8.847  0.51   25.45 ? 28   LYS A HZ2  1 
ATOM   493  D  DZ2  B LYS A 1 29 ? -11.631 -1.440  -8.847  0.49   25.45 ? 28   LYS A DZ2  1 
ATOM   494  H  HZ3  A LYS A 1 29 ? -11.618 -3.133  -8.804  0.67   25.46 ? 28   LYS A HZ3  1 
ATOM   495  D  DZ3  B LYS A 1 29 ? -11.618 -3.133  -8.804  0.33   25.46 ? 28   LYS A DZ3  1 
ATOM   496  N  N    . PHE A 1 30 ? -5.568  -1.503  -2.899  1.00   16.59 ? 29   PHE A N    1 
ATOM   497  C  CA   . PHE A 1 30 ? -5.218  -1.203  -1.520  1.00   16.81 ? 29   PHE A CA   1 
ATOM   498  C  C    . PHE A 1 30 ? -6.291  -1.688  -0.549  1.00   17.25 ? 29   PHE A C    1 
ATOM   499  O  O    . PHE A 1 30 ? -5.980  -2.175  0.538   1.00   18.88 ? 29   PHE A O    1 
ATOM   500  C  CB   . PHE A 1 30 ? -4.996  0.298   -1.335  1.00   16.88 ? 29   PHE A CB   1 
ATOM   501  C  CG   . PHE A 1 30 ? -4.527  0.665   0.038   1.00   18.00 ? 29   PHE A CG   1 
ATOM   502  C  CD1  . PHE A 1 30 ? -3.182  0.616   0.358   1.00   17.49 ? 29   PHE A CD1  1 
ATOM   503  C  CD2  . PHE A 1 30 ? -5.427  1.046   1.015   1.00   17.84 ? 29   PHE A CD2  1 
ATOM   504  C  CE1  . PHE A 1 30 ? -2.744  0.943   1.625   1.00   17.82 ? 29   PHE A CE1  1 
ATOM   505  C  CE2  . PHE A 1 30 ? -4.995  1.376   2.284   1.00   17.87 ? 29   PHE A CE2  1 
ATOM   506  C  CZ   . PHE A 1 30 ? -3.653  1.322   2.588   1.00   16.87 ? 29   PHE A CZ   1 
ATOM   507  H  H    A PHE A 1 30 ? -5.623  -0.683  -3.501  0.0000 16.71 ? 29   PHE A H    1 
ATOM   508  D  D    B PHE A 1 30 ? -5.623  -0.683  -3.501  1.00   16.71 ? 29   PHE A D    1 
ATOM   509  D  DA   . PHE A 1 30 ? -4.288  -1.716  -1.276  1.00   17.44 ? 29   PHE A DA   1 
ATOM   510  D  DB2  . PHE A 1 30 ? -4.242  0.634   -2.046  1.00   19.29 ? 29   PHE A DB2  1 
ATOM   511  D  DB3  . PHE A 1 30 ? -5.934  0.818   -1.522  1.00   18.98 ? 29   PHE A DB3  1 
ATOM   512  D  DD1  . PHE A 1 30 ? -2.469  0.315   -0.395  1.00   20.46 ? 29   PHE A DD1  1 
ATOM   513  D  DD2  . PHE A 1 30 ? -6.481  1.087   0.781   1.00   21.06 ? 29   PHE A DD2  1 
ATOM   514  D  DE1  . PHE A 1 30 ? -1.691  0.901   1.860   1.00   19.92 ? 29   PHE A DE1  1 
ATOM   515  D  DE2  . PHE A 1 30 ? -5.708  1.675   3.038   1.00   21.83 ? 29   PHE A DE2  1 
ATOM   516  D  DZ   . PHE A 1 30 ? -3.313  1.582   3.580   1.00   18.28 ? 29   PHE A DZ   1 
ATOM   517  N  N    . GLU A 1 31 ? -7.552  -1.556  -0.947  1.00   18.34 ? 30   GLU A N    1 
ATOM   518  C  CA   . GLU A 1 31 ? -8.665  -1.999  -0.116  1.00   19.17 ? 30   GLU A CA   1 
ATOM   519  C  C    . GLU A 1 31 ? -8.699  -3.520  0.012   1.00   20.67 ? 30   GLU A C    1 
ATOM   520  O  O    . GLU A 1 31 ? -9.322  -4.058  0.927   1.00   22.19 ? 30   GLU A O    1 
ATOM   521  C  CB   . GLU A 1 31 ? -9.998  -1.500  -0.685  1.00   20.63 ? 30   GLU A CB   1 
ATOM   522  C  CG   . GLU A 1 31 ? -10.196 0.010   -0.612  1.00   25.26 ? 30   GLU A CG   1 
ATOM   523  C  CD   . GLU A 1 31 ? -9.516  0.758   -1.744  1.00   24.15 ? 30   GLU A CD   1 
ATOM   524  O  OE1  . GLU A 1 31 ? -8.816  0.118   -2.556  1.00   21.61 ? 30   GLU A OE1  1 
ATOM   525  O  OE2  . GLU A 1 31 ? -9.691  1.992   -1.826  1.00   24.37 ? 30   GLU A OE2  1 
ATOM   526  H  H    A GLU A 1 31 ? -7.837  -1.140  -1.832  0.0000 17.14 ? 30   GLU A H    1 
ATOM   527  D  D    B GLU A 1 31 ? -7.837  -1.140  -1.832  1.00   17.14 ? 30   GLU A D    1 
ATOM   528  D  DA   . GLU A 1 31 ? -8.547  -1.581  0.884   1.00   24.59 ? 30   GLU A DA   1 
ATOM   529  D  DB2  . GLU A 1 31 ? -10.072 -1.799  -1.730  1.00   21.57 ? 30   GLU A DB2  1 
ATOM   530  D  DB3  . GLU A 1 31 ? -10.809 -1.961  -0.119  1.00   28.23 ? 30   GLU A DB3  1 
ATOM   531  D  DG2  . GLU A 1 31 ? -11.263 0.229   -0.660  1.00   27.34 ? 30   GLU A DG2  1 
ATOM   532  D  DG3  . GLU A 1 31 ? -9.785  0.377   0.328   1.00   26.47 ? 30   GLU A DG3  1 
ATOM   533  N  N    A GLU A 1 32 ? -8.027  -4.206  -0.908  0.29   20.27 ? 31   GLU A N    1 
ATOM   534  N  N    C GLU A 1 32 ? -8.025  -4.206  -0.908  0.71   20.17 ? 31   GLU A N    1 
ATOM   535  C  CA   A GLU A 1 32 ? -8.017  -5.665  -0.925  0.29   21.76 ? 31   GLU A CA   1 
ATOM   536  C  CA   C GLU A 1 32 ? -8.011  -5.665  -0.926  0.71   21.77 ? 31   GLU A CA   1 
ATOM   537  C  C    A GLU A 1 32 ? -6.808  -6.236  -0.191  0.29   20.64 ? 31   GLU A C    1 
ATOM   538  C  C    C GLU A 1 32 ? -6.846  -6.236  -0.128  0.71   20.61 ? 31   GLU A C    1 
ATOM   539  O  O    A GLU A 1 32 ? -6.638  -7.453  -0.123  0.29   21.30 ? 31   GLU A O    1 
ATOM   540  O  O    C GLU A 1 32 ? -6.741  -7.450  0.044   0.71   21.35 ? 31   GLU A O    1 
ATOM   541  C  CB   A GLU A 1 32 ? -8.038  -6.181  -2.366  0.29   22.75 ? 31   GLU A CB   1 
ATOM   542  C  CB   C GLU A 1 32 ? -7.942  -6.179  -2.365  0.71   22.81 ? 31   GLU A CB   1 
ATOM   543  C  CG   A GLU A 1 32 ? -9.285  -5.795  -3.145  0.29   23.17 ? 31   GLU A CG   1 
ATOM   544  C  CG   C GLU A 1 32 ? -9.180  -5.880  -3.189  0.71   23.23 ? 31   GLU A CG   1 
ATOM   545  C  CD   A GLU A 1 32 ? -10.545 -6.425  -2.585  0.29   24.63 ? 31   GLU A CD   1 
ATOM   546  C  CD   C GLU A 1 32 ? -9.026  -6.294  -4.639  0.71   23.04 ? 31   GLU A CD   1 
ATOM   547  O  OE1  A GLU A 1 32 ? -10.436 -7.407  -1.823  0.29   23.68 ? 31   GLU A OE1  1 
ATOM   548  O  OE1  C GLU A 1 32 ? -7.911  -6.697  -5.031  0.71   22.72 ? 31   GLU A OE1  1 
ATOM   549  O  OE2  A GLU A 1 32 ? -11.649 -5.937  -2.909  0.29   24.11 ? 31   GLU A OE2  1 
ATOM   550  O  OE2  C GLU A 1 32 ? -10.023 -6.216  -5.389  0.71   23.72 ? 31   GLU A OE2  1 
ATOM   551  D  D    . GLU A 1 32 ? -7.480  -3.778  -1.656  1.00   21.59 ? 31   GLU A D    1 
ATOM   552  D  DA   A GLU A 1 32 ? -8.912  -6.035  -0.426  0.29   23.72 ? 31   GLU A DA   1 
ATOM   553  D  DA   C GLU A 1 32 ? -8.934  -6.040  -0.484  0.71   23.85 ? 31   GLU A DA   1 
ATOM   554  D  DB2  A GLU A 1 32 ? -7.174  -5.778  -2.896  0.29   22.66 ? 31   GLU A DB2  1 
ATOM   555  D  DB2  C GLU A 1 32 ? -7.090  -5.717  -2.862  0.71   22.79 ? 31   GLU A DB2  1 
ATOM   556  D  DB3  A GLU A 1 32 ? -7.982  -7.270  -2.347  0.29   23.28 ? 31   GLU A DB3  1 
ATOM   557  D  DB3  C GLU A 1 32 ? -7.810  -7.260  -2.341  0.71   23.42 ? 31   GLU A DB3  1 
ATOM   558  D  DG2  A GLU A 1 32 ? -9.404  -4.713  -3.108  0.29   23.60 ? 31   GLU A DG2  1 
ATOM   559  D  DG2  C GLU A 1 32 ? -10.024 -6.428  -2.770  0.71   25.22 ? 31   GLU A DG2  1 
ATOM   560  D  DG3  A GLU A 1 32 ? -9.172  -6.122  -4.179  0.29   22.67 ? 31   GLU A DG3  1 
ATOM   561  D  DG3  C GLU A 1 32 ? -9.376  -4.809  -3.159  0.71   23.72 ? 31   GLU A DG3  1 
ATOM   562  N  N    . LEU A 1 33 ? -5.967  -5.361  0.353   1.00   18.77 ? 32   LEU A N    1 
ATOM   563  C  CA   . LEU A 1 33 ? -4.820  -5.800  1.136   1.00   19.52 ? 32   LEU A CA   1 
ATOM   564  C  C    . LEU A 1 33 ? -5.287  -6.426  2.449   1.00   18.22 ? 32   LEU A C    1 
ATOM   565  O  O    . LEU A 1 33 ? -6.279  -5.978  3.023   1.00   19.46 ? 32   LEU A O    1 
ATOM   566  C  CB   . LEU A 1 33 ? -3.873  -4.632  1.411   1.00   18.76 ? 32   LEU A CB   1 
ATOM   567  C  CG   . LEU A 1 33 ? -3.146  -4.058  0.193   1.00   16.95 ? 32   LEU A CG   1 
ATOM   568  C  CD1  . LEU A 1 33 ? -2.522  -2.724  0.542   1.00   15.60 ? 32   LEU A CD1  1 
ATOM   569  C  CD2  . LEU A 1 33 ? -2.094  -5.031  -0.316  1.00   16.98 ? 32   LEU A CD2  1 
ATOM   570  H  H    A LEU A 1 33 ? -6.074  -4.348  0.310   0.0000 19.04 ? 32   LEU A H    1 
ATOM   571  D  D    B LEU A 1 33 ? -6.074  -4.348  0.310   1.00   19.04 ? 32   LEU A D    1 
ATOM   572  D  DA   . LEU A 1 33 ? -4.280  -6.542  0.554   1.00   21.22 ? 32   LEU A DA   1 
ATOM   573  D  DB2  . LEU A 1 33 ? -4.441  -3.818  1.864   1.00   19.12 ? 32   LEU A DB2  1 
ATOM   574  D  DB3  . LEU A 1 33 ? -3.112  -4.974  2.111   1.00   18.52 ? 32   LEU A DB3  1 
ATOM   575  D  DG   . LEU A 1 33 ? -3.869  -3.890  -0.605  1.00   19.33 ? 32   LEU A DG   1 
ATOM   576  D  DD3  A LEU A 1 33 ? -3.319  -1.994  0.666   0.50   19.02 ? 32   LEU A DD3  1 
ATOM   577  D  DD1  A LEU A 1 33 ? -1.965  -2.824  1.470   0.50   18.21 ? 32   LEU A DD1  1 
ATOM   578  D  DD2  A LEU A 1 33 ? -1.855  -2.419  -0.264  0.50   17.29 ? 32   LEU A DD2  1 
ATOM   579  D  DD1  B LEU A 1 33 ? -2.575  -5.969  -0.589  0.50   18.43 ? 32   LEU A DD1  1 
ATOM   580  D  DD2  B LEU A 1 33 ? -1.608  -4.599  -1.188  0.50   19.21 ? 32   LEU A DD2  1 
ATOM   581  D  DD3  B LEU A 1 33 ? -1.357  -5.203  0.468   0.50   18.44 ? 32   LEU A DD3  1 
ATOM   582  N  N    . PRO A 1 34 ? -4.584  -7.470  2.920   1.00   20.29 ? 33   PRO A N    1 
ATOM   583  C  CA   . PRO A 1 34 ? -4.927  -8.094  4.204   1.00   21.36 ? 33   PRO A CA   1 
ATOM   584  C  C    . PRO A 1 34 ? -4.910  -7.102  5.362   1.00   21.42 ? 33   PRO A C    1 
ATOM   585  O  O    . PRO A 1 34 ? -4.077  -6.200  5.367   1.00   20.72 ? 33   PRO A O    1 
ATOM   586  C  CB   . PRO A 1 34 ? -3.833  -9.151  4.385   1.00   22.21 ? 33   PRO A CB   1 
ATOM   587  C  CG   . PRO A 1 34 ? -3.354  -9.450  3.023   1.00   23.54 ? 33   PRO A CG   1 
ATOM   588  C  CD   . PRO A 1 34 ? -3.478  -8.175  2.249   1.00   16.93 ? 33   PRO A CD   1 
ATOM   589  D  DA   . PRO A 1 34 ? -5.903  -8.578  4.147   1.00   23.23 ? 33   PRO A DA   1 
ATOM   590  D  DB2  . PRO A 1 34 ? -3.025  -8.742  4.990   1.00   25.28 ? 33   PRO A DB2  1 
ATOM   591  D  DB3  . PRO A 1 34 ? -4.256  -10.040 4.854   1.00   24.77 ? 33   PRO A DB3  1 
ATOM   592  D  DG2  . PRO A 1 34 ? -2.311  -9.767  3.067   1.00   23.02 ? 33   PRO A DG2  1 
ATOM   593  D  DG3  . PRO A 1 34 ? -3.973  -10.229 2.581   1.00   22.51 ? 33   PRO A DG3  1 
ATOM   594  D  DD2  . PRO A 1 34 ? -2.559  -7.593  2.317   1.00   22.28 ? 33   PRO A DD2  1 
ATOM   595  D  DD3  . PRO A 1 34 ? -3.736  -8.397  1.215   1.00   21.76 ? 33   PRO A DD3  1 
ATOM   596  N  N    . ASP A 1 35 ? -5.809  -7.280  6.328   1.00   22.20 ? 34   ASP A N    1 
ATOM   597  C  CA   . ASP A 1 35 ? -5.900  -6.378  7.473   1.00   24.21 ? 34   ASP A CA   1 
ATOM   598  C  C    . ASP A 1 35 ? -4.565  -6.255  8.204   1.00   21.38 ? 34   ASP A C    1 
ATOM   599  O  O    . ASP A 1 35 ? -4.265  -5.213  8.786   1.00   23.40 ? 34   ASP A O    1 
ATOM   600  C  CB   . ASP A 1 35 ? -6.980  -6.856  8.445   1.00   25.13 ? 34   ASP A CB   1 
ATOM   601  C  CG   . ASP A 1 35 ? -8.366  -6.846  7.832   1.00   27.82 ? 34   ASP A CG   1 
ATOM   602  O  OD1  . ASP A 1 35 ? -8.626  -5.995  6.955   1.00   27.85 ? 34   ASP A OD1  1 
ATOM   603  O  OD2  . ASP A 1 35 ? -9.198  -7.689  8.227   1.00   32.45 ? 34   ASP A OD2  1 
ATOM   604  H  H    A ASP A 1 35 ? -6.489  -8.039  6.345   0.04   23.52 ? 34   ASP A H    1 
ATOM   605  D  D    B ASP A 1 35 ? -6.489  -8.039  6.345   0.96   23.52 ? 34   ASP A D    1 
ATOM   606  D  DA   . ASP A 1 35 ? -6.179  -5.385  7.122   1.00   25.29 ? 34   ASP A DA   1 
ATOM   607  D  DB2  . ASP A 1 35 ? -6.754  -7.878  8.753   1.00   24.81 ? 34   ASP A DB2  1 
ATOM   608  D  DB3  . ASP A 1 35 ? -6.989  -6.199  9.314   1.00   27.82 ? 34   ASP A DB3  1 
ATOM   609  N  N    . ASP A 1 36 ? -3.768  -7.318  8.164   1.00   21.19 ? 35   ASP A N    1 
ATOM   610  C  CA   . ASP A 1 36 ? -2.480  -7.334  8.849   1.00   25.59 ? 35   ASP A CA   1 
ATOM   611  C  C    . ASP A 1 36 ? -1.343  -6.870  7.941   1.00   22.33 ? 35   ASP A C    1 
ATOM   612  O  O    . ASP A 1 36 ? -0.174  -6.973  8.309   1.00   23.21 ? 35   ASP A O    1 
ATOM   613  C  CB   . ASP A 1 36 ? -2.176  -8.737  9.380   1.00   25.97 ? 35   ASP A CB   1 
ATOM   614  C  CG   . ASP A 1 36 ? -2.041  -9.764  8.274   1.00   29.35 ? 35   ASP A CG   1 
ATOM   615  O  OD1  . ASP A 1 36 ? -2.748  -9.636  7.252   1.00   26.68 ? 35   ASP A OD1  1 
ATOM   616  O  OD2  . ASP A 1 36 ? -1.227  -10.698 8.425   1.00   31.40 ? 35   ASP A OD2  1 
ATOM   617  H  H    A ASP A 1 36 ? -3.982  -8.180  7.665   0.02   24.50 ? 35   ASP A H    1 
ATOM   618  D  D    B ASP A 1 36 ? -3.982  -8.180  7.665   0.98   24.50 ? 35   ASP A D    1 
ATOM   619  D  DA   . ASP A 1 36 ? -2.524  -6.660  9.704   1.00   26.66 ? 35   ASP A DA   1 
ATOM   620  D  DB2  . ASP A 1 36 ? -1.236  -8.709  9.927   1.00   25.96 ? 35   ASP A DB2  1 
ATOM   621  D  DB3  . ASP A 1 36 ? -2.985  -9.051  10.039  1.00   31.19 ? 35   ASP A DB3  1 
ATOM   622  N  N    . TRP A 1 37 ? -1.681  -6.364  6.759   1.00   18.30 ? 36   TRP A N    1 
ATOM   623  C  CA   . TRP A 1 37 ? -0.674  -5.824  5.857   1.00   18.68 ? 36   TRP A CA   1 
ATOM   624  C  C    . TRP A 1 37 ? -0.210  -4.479  6.380   1.00   14.79 ? 36   TRP A C    1 
ATOM   625  O  O    . TRP A 1 37 ? -1.017  -3.656  6.812   1.00   15.81 ? 36   TRP A O    1 
ATOM   626  C  CB   . TRP A 1 37 ? -1.216  -5.683  4.435   1.00   16.94 ? 36   TRP A CB   1 
ATOM   627  C  CG   . TRP A 1 37 ? -0.194  -5.205  3.436   1.00   16.38 ? 36   TRP A CG   1 
ATOM   628  C  CD1  . TRP A 1 37 ? 0.604   -5.982  2.647   1.00   16.22 ? 36   TRP A CD1  1 
ATOM   629  C  CD2  . TRP A 1 37 ? 0.135   -3.845  3.121   1.00   14.23 ? 36   TRP A CD2  1 
ATOM   630  N  NE1  . TRP A 1 37 ? 1.408   -5.191  1.862   1.00   17.02 ? 36   TRP A NE1  1 
ATOM   631  C  CE2  . TRP A 1 37 ? 1.140   -3.875  2.134   1.00   15.10 ? 36   TRP A CE2  1 
ATOM   632  C  CE3  . TRP A 1 37 ? -0.320  -2.603  3.578   1.00   15.62 ? 36   TRP A CE3  1 
ATOM   633  C  CZ2  . TRP A 1 37 ? 1.695   -2.718  1.596   1.00   15.21 ? 36   TRP A CZ2  1 
ATOM   634  C  CZ3  . TRP A 1 37 ? 0.234   -1.453  3.040   1.00   14.58 ? 36   TRP A CZ3  1 
ATOM   635  C  CH2  . TRP A 1 37 ? 1.229   -1.519  2.060   1.00   15.04 ? 36   TRP A CH2  1 
ATOM   636  H  H    A TRP A 1 37 ? -2.633  -6.306  6.398   0.010  20.39 ? 36   TRP A H    1 
ATOM   637  D  D    B TRP A 1 37 ? -2.633  -6.306  6.398   0.99   20.39 ? 36   TRP A D    1 
ATOM   638  D  DA   . TRP A 1 37 ? 0.185   -6.494  5.832   1.00   16.04 ? 36   TRP A DA   1 
ATOM   639  D  DB2  . TRP A 1 37 ? -1.579  -6.655  4.101   1.00   19.50 ? 36   TRP A DB2  1 
ATOM   640  D  DB3  . TRP A 1 37 ? -2.033  -4.961  4.439   1.00   17.74 ? 36   TRP A DB3  1 
ATOM   641  D  DD1  . TRP A 1 37 ? 0.605   -7.061  2.638   1.00   22.22 ? 36   TRP A DD1  1 
ATOM   642  H  HE1  A TRP A 1 37 ? 2.093   -5.527  1.187   0.0000 16.72 ? 36   TRP A HE1  1 
ATOM   643  D  DE1  B TRP A 1 37 ? 2.093   -5.527  1.187   1.00   16.72 ? 36   TRP A DE1  1 
ATOM   644  D  DE3  . TRP A 1 37 ? -1.089  -2.539  4.333   1.00   17.29 ? 36   TRP A DE3  1 
ATOM   645  D  DZ2  . TRP A 1 37 ? 2.465   -2.766  0.840   1.00   19.26 ? 36   TRP A DZ2  1 
ATOM   646  D  DZ3  . TRP A 1 37 ? -0.106  -0.488  3.381   1.00   16.54 ? 36   TRP A DZ3  1 
ATOM   647  D  DH2  . TRP A 1 37 ? 1.642   -0.605  1.662   1.00   17.35 ? 36   TRP A DH2  1 
ATOM   648  N  N    . VAL A 1 38 ? 1.098   -4.270  6.339   1.00   13.05 ? 37   VAL A N    1 
ATOM   649  C  CA   . VAL A 1 38 ? 1.693   -3.020  6.776   1.00   15.51 ? 37   VAL A CA   1 
ATOM   650  C  C    . VAL A 1 38 ? 2.679   -2.569  5.719   1.00   14.10 ? 37   VAL A C    1 
ATOM   651  O  O    . VAL A 1 38 ? 3.094   -3.365  4.875   1.00   14.11 ? 37   VAL A O    1 
ATOM   652  C  CB   . VAL A 1 38 ? 2.398   -3.163  8.134   1.00   14.36 ? 37   VAL A CB   1 
ATOM   653  C  CG1  . VAL A 1 38 ? 1.403   -3.580  9.205   1.00   15.92 ? 37   VAL A CG1  1 
ATOM   654  C  CG2  . VAL A 1 38 ? 3.542   -4.163  8.048   1.00   15.49 ? 37   VAL A CG2  1 
ATOM   655  H  H    A VAL A 1 38 ? 1.777   -4.952  6.001   0.0000 14.89 ? 37   VAL A H    1 
ATOM   656  D  D    B VAL A 1 38 ? 1.777   -4.952  6.001   1.00   14.89 ? 37   VAL A D    1 
ATOM   657  D  DA   . VAL A 1 38 ? 0.926   -2.251  6.865   1.00   15.36 ? 37   VAL A DA   1 
ATOM   658  D  DB   . VAL A 1 38 ? 2.812   -2.197  8.418   1.00   16.99 ? 37   VAL A DB   1 
ATOM   659  D  DG11 . VAL A 1 38 ? 0.518   -2.950  9.132   1.00   17.03 ? 37   VAL A DG11 1 
ATOM   660  D  DG12 . VAL A 1 38 ? 1.132   -4.623  9.048   1.00   19.61 ? 37   VAL A DG12 1 
ATOM   661  D  DG13 . VAL A 1 38 ? 1.869   -3.455  10.183  1.00   17.58 ? 37   VAL A DG13 1 
ATOM   662  D  DG21 . VAL A 1 38 ? 3.188   -5.067  7.553   1.00   17.10 ? 37   VAL A DG21 1 
ATOM   663  D  DG22 . VAL A 1 38 ? 4.360   -3.724  7.478   1.00   17.65 ? 37   VAL A DG22 1 
ATOM   664  D  DG23 . VAL A 1 38 ? 3.878   -4.403  9.057   1.00   17.34 ? 37   VAL A DG23 1 
ATOM   665  N  N    . CYS A 1 39 ? 3.039   -1.292  5.751   1.00   12.86 ? 38   CYS A N    1 
ATOM   666  C  CA   . CYS A 1 39 ? 4.005   -0.767  4.804   1.00   12.59 ? 38   CYS A CA   1 
ATOM   667  C  C    . CYS A 1 39 ? 5.285   -1.596  4.874   1.00   11.91 ? 38   CYS A C    1 
ATOM   668  O  O    . CYS A 1 39 ? 5.848   -1.772  5.953   1.00   14.52 ? 38   CYS A O    1 
ATOM   669  C  CB   . CYS A 1 39 ? 4.305   0.701   5.084   1.00   12.74 ? 38   CYS A CB   1 
ATOM   670  S  SG   . CYS A 1 39 ? 5.468   1.426   3.907   1.00   16.08 ? 38   CYS A SG   1 
ATOM   671  H  H    A CYS A 1 39 ? 2.682   -0.604  6.414   1.00   14.48 ? 38   CYS A H    1 
ATOM   672  D  DA   . CYS A 1 39 ? 3.569   -0.831  3.810   1.00   15.65 ? 38   CYS A DA   1 
ATOM   673  D  DB2  . CYS A 1 39 ? 3.376   1.270   5.032   1.00   15.08 ? 38   CYS A DB2  1 
ATOM   674  D  DB3  . CYS A 1 39 ? 4.728   0.784   6.084   1.00   14.73 ? 38   CYS A DB3  1 
ATOM   675  N  N    . PRO A 1 40 ? 5.747   -2.114  3.725   1.00   14.29 ? 39   PRO A N    1 
ATOM   676  C  CA   . PRO A 1 40 ? 6.922   -2.992  3.720   1.00   14.97 ? 39   PRO A CA   1 
ATOM   677  C  C    . PRO A 1 40 ? 8.209   -2.278  4.118   1.00   15.71 ? 39   PRO A C    1 
ATOM   678  O  O    . PRO A 1 40 ? 9.222   -2.939  4.350   1.00   21.48 ? 39   PRO A O    1 
ATOM   679  C  CB   . PRO A 1 40 ? 6.992   -3.472  2.266   1.00   16.76 ? 39   PRO A CB   1 
ATOM   680  C  CG   . PRO A 1 40 ? 6.311   -2.414  1.488   1.00   15.29 ? 39   PRO A CG   1 
ATOM   681  C  CD   . PRO A 1 40 ? 5.217   -1.903  2.367   1.00   15.82 ? 39   PRO A CD   1 
ATOM   682  D  DA   . PRO A 1 40 ? 6.760   -3.846  4.379   1.00   19.07 ? 39   PRO A DA   1 
ATOM   683  D  DB2  . PRO A 1 40 ? 8.033   -3.567  1.955   1.00   19.73 ? 39   PRO A DB2  1 
ATOM   684  D  DB3  . PRO A 1 40 ? 6.472   -4.424  2.166   1.00   19.93 ? 39   PRO A DB3  1 
ATOM   685  D  DG2  . PRO A 1 40 ? 7.021   -1.622  1.258   1.00   17.08 ? 39   PRO A DG2  1 
ATOM   686  D  DG3  . PRO A 1 40 ? 5.896   -2.838  0.574   1.00   19.39 ? 39   PRO A DG3  1 
ATOM   687  D  DD2  . PRO A 1 40 ? 5.044   -0.843  2.186   1.00   16.25 ? 39   PRO A DD2  1 
ATOM   688  D  DD3  . PRO A 1 40 ? 4.307   -2.485  2.224   1.00   16.58 ? 39   PRO A DD3  1 
ATOM   689  N  N    . ILE A 1 41 ? 8.169   -0.951  4.199   1.00   13.30 ? 40   ILE A N    1 
ATOM   690  C  CA   . ILE A 1 41 ? 9.350   -0.170  4.548   1.00   16.28 ? 40   ILE A CA   1 
ATOM   691  C  C    . ILE A 1 41 ? 9.399   0.126   6.046   1.00   17.18 ? 40   ILE A C    1 
ATOM   692  O  O    . ILE A 1 41 ? 10.350  -0.265  6.724   1.00   18.84 ? 40   ILE A O    1 
ATOM   693  C  CB   . ILE A 1 41 ? 9.391   1.158   3.760   1.00   17.53 ? 40   ILE A CB   1 
ATOM   694  C  CG1  . ILE A 1 41 ? 9.210   0.891   2.262   1.00   16.54 ? 40   ILE A CG1  1 
ATOM   695  C  CG2  . ILE A 1 41 ? 10.691  1.920   4.024   1.00   18.66 ? 40   ILE A CG2  1 
ATOM   696  C  CD1  . ILE A 1 41 ? 10.203  -0.083  1.665   1.00   17.61 ? 40   ILE A CD1  1 
ATOM   697  H  H    A ILE A 1 41 ? 7.335   -0.388  4.034   0.75   15.80 ? 40   ILE A H    1 
ATOM   698  D  D    B ILE A 1 41 ? 7.335   -0.388  4.034   0.25   15.80 ? 40   ILE A D    1 
ATOM   699  D  DA   . ILE A 1 41 ? 10.243  -0.739  4.294   1.00   19.75 ? 40   ILE A DA   1 
ATOM   700  D  DB   . ILE A 1 41 ? 8.559   1.776   4.100   1.00   18.36 ? 40   ILE A DB   1 
ATOM   701  D  DG12 . ILE A 1 41 ? 8.213   0.484   2.100   1.00   19.42 ? 40   ILE A DG12 1 
ATOM   702  D  DG13 . ILE A 1 41 ? 9.322   1.834   1.727   1.00   19.87 ? 40   ILE A DG13 1 
ATOM   703  D  DG21 . ILE A 1 41 ? 10.845  2.017   5.098   1.00   20.69 ? 40   ILE A DG21 1 
ATOM   704  D  DG22 . ILE A 1 41 ? 11.522  1.377   3.575   1.00   21.42 ? 40   ILE A DG22 1 
ATOM   705  D  DG23 . ILE A 1 41 ? 10.615  2.910   3.576   1.00   20.91 ? 40   ILE A DG23 1 
ATOM   706  D  DDD1 . ILE A 1 41 ? 10.105  -1.048  2.160   1.00   19.45 ? 40   ILE A DDD1 1 
ATOM   707  D  DDD2 . ILE A 1 41 ? 9.985   -0.196  0.603   1.00   19.48 ? 40   ILE A DDD2 1 
ATOM   708  D  DDD3 . ILE A 1 41 ? 11.210  0.309   1.794   1.00   18.95 ? 40   ILE A DDD3 1 
ATOM   709  N  N    . CYS A 1 42 ? 8.378   0.808   6.560   1.00   14.01 ? 41   CYS A N    1 
ATOM   710  C  CA   . CYS A 1 42 ? 8.391   1.270   7.947   1.00   13.06 ? 41   CYS A CA   1 
ATOM   711  C  C    . CYS A 1 42 ? 7.447   0.481   8.853   1.00   14.12 ? 41   CYS A C    1 
ATOM   712  O  O    . CYS A 1 42 ? 7.530   0.588   10.076  1.00   16.48 ? 41   CYS A O    1 
ATOM   713  C  CB   . CYS A 1 42 ? 8.024   2.753   8.013   1.00   14.71 ? 41   CYS A CB   1 
ATOM   714  S  SG   . CYS A 1 42 ? 6.253   3.069   8.040   1.00   16.09 ? 41   CYS A SG   1 
ATOM   715  H  H    A CYS A 1 42 ? 7.533   1.054   6.045   0.09   16.46 ? 41   CYS A H    1 
ATOM   716  D  D    B CYS A 1 42 ? 7.533   1.054   6.045   0.91   16.46 ? 41   CYS A D    1 
ATOM   717  D  DA   . CYS A 1 42 ? 9.397   1.165   8.348   1.00   18.28 ? 41   CYS A DA   1 
ATOM   718  D  DB2  . CYS A 1 42 ? 8.445   3.175   8.925   1.00   19.60 ? 41   CYS A DB2  1 
ATOM   719  D  DB3  . CYS A 1 42 ? 8.443   3.260   7.146   1.00   18.45 ? 41   CYS A DB3  1 
ATOM   720  N  N    . GLY A 1 43 ? 6.546   -0.298  8.262   1.00   12.19 ? 42   GLY A N    1 
ATOM   721  C  CA   . GLY A 1 43 ? 5.625   -1.105  9.041   1.00   12.85 ? 42   GLY A CA   1 
ATOM   722  C  C    . GLY A 1 43 ? 4.384   -0.356  9.487   1.00   14.19 ? 42   GLY A C    1 
ATOM   723  O  O    . GLY A 1 43 ? 3.655   -0.829  10.359  1.00   14.73 ? 42   GLY A O    1 
ATOM   724  H  H    A GLY A 1 43 ? 6.431   -0.389  7.254   0.0000 15.25 ? 42   GLY A H    1 
ATOM   725  D  D    B GLY A 1 43 ? 6.431   -0.389  7.254   1.00   15.25 ? 42   GLY A D    1 
ATOM   726  D  DA2  . GLY A 1 43 ? 5.312   -1.971  8.458   1.00   15.87 ? 42   GLY A DA2  1 
ATOM   727  D  DA3  . GLY A 1 43 ? 6.133   -1.463  9.935   1.00   15.66 ? 42   GLY A DA3  1 
ATOM   728  N  N    . ALA A 1 44 ? 4.143   0.810   8.899   1.00   13.48 ? 43   ALA A N    1 
ATOM   729  C  CA   . ALA A 1 44 ? 2.952   1.584   9.221   1.00   12.35 ? 43   ALA A CA   1 
ATOM   730  C  C    . ALA A 1 44 ? 1.704   0.805   8.839   1.00   14.01 ? 43   ALA A C    1 
ATOM   731  O  O    . ALA A 1 44 ? 1.691   0.107   7.824   1.00   13.14 ? 43   ALA A O    1 
ATOM   732  C  CB   . ALA A 1 44 ? 2.970   2.932   8.512   1.00   15.68 ? 43   ALA A CB   1 
ATOM   733  H  H    . ALA A 1 44 ? 4.748   1.248   8.205   1.00   14.98 ? 43   ALA A H    1 
ATOM   734  D  DA   . ALA A 1 44 ? 2.950   1.768   10.294  1.00   15.17 ? 43   ALA A DA   1 
ATOM   735  D  DB1  . ALA A 1 44 ? 3.145   2.772   7.449   1.00   15.53 ? 43   ALA A DB1  1 
ATOM   736  D  DB2  . ALA A 1 44 ? 2.008   3.423   8.656   1.00   16.41 ? 43   ALA A DB2  1 
ATOM   737  D  DB3  . ALA A 1 44 ? 3.767   3.543   8.933   1.00   16.74 ? 43   ALA A DB3  1 
ATOM   738  N  N    . PRO A 1 45 ? 0.644   0.917   9.651   1.00   14.59 ? 44   PRO A N    1 
ATOM   739  C  CA   . PRO A 1 45 ? -0.609  0.256   9.289   1.00   14.26 ? 44   PRO A CA   1 
ATOM   740  C  C    . PRO A 1 45 ? -1.262  0.941   8.095   1.00   13.73 ? 44   PRO A C    1 
ATOM   741  O  O    . PRO A 1 45 ? -0.830  2.022   7.693   1.00   13.56 ? 44   PRO A O    1 
ATOM   742  C  CB   . PRO A 1 45 ? -1.456  0.395   10.555  1.00   15.51 ? 44   PRO A CB   1 
ATOM   743  C  CG   . PRO A 1 45 ? -0.941  1.623   11.210  1.00   17.83 ? 44   PRO A CG   1 
ATOM   744  C  CD   . PRO A 1 45 ? 0.529   1.652   10.922  1.00   14.18 ? 44   PRO A CD   1 
ATOM   745  D  DA   . PRO A 1 45 ? -0.442  -0.798  9.067   1.00   16.28 ? 44   PRO A DA   1 
ATOM   746  D  DB2  . PRO A 1 45 ? -2.508  0.505   10.292  1.00   18.50 ? 44   PRO A DB2  1 
ATOM   747  D  DB3  . PRO A 1 45 ? -1.302  -0.475  11.192  1.00   19.83 ? 44   PRO A DB3  1 
ATOM   748  D  DG2  . PRO A 1 45 ? -1.431  2.498   10.780  1.00   18.00 ? 44   PRO A DG2  1 
ATOM   749  D  DG3  . PRO A 1 45 ? -1.120  1.572   12.283  1.00   17.53 ? 44   PRO A DG3  1 
ATOM   750  D  DD2  . PRO A 1 45 ? 0.873   2.678   10.800  1.00   15.37 ? 44   PRO A DD2  1 
ATOM   751  D  DD3  . PRO A 1 45 ? 1.085   1.132   11.703  1.00   16.50 ? 44   PRO A DD3  1 
ATOM   752  N  N    A LYS A 1 46 ? -2.293  0.319   7.541   0.84   15.76 ? 45   LYS A N    1 
ATOM   753  N  N    C LYS A 1 46 ? -2.284  0.303   7.530   0.16   15.78 ? 45   LYS A N    1 
ATOM   754  C  CA   A LYS A 1 46 ? -2.972  0.858   6.369   0.84   15.66 ? 45   LYS A CA   1 
ATOM   755  C  CA   C LYS A 1 46 ? -3.016  0.855   6.393   0.16   15.73 ? 45   LYS A CA   1 
ATOM   756  C  C    A LYS A 1 46 ? -3.623  2.219   6.630   0.84   14.95 ? 45   LYS A C    1 
ATOM   757  C  C    C LYS A 1 46 ? -3.500  2.267   6.663   0.16   15.11 ? 45   LYS A C    1 
ATOM   758  O  O    A LYS A 1 46 ? -3.812  3.006   5.704   0.84   15.23 ? 45   LYS A O    1 
ATOM   759  O  O    C LYS A 1 46 ? -3.466  3.126   5.782   0.16   15.44 ? 45   LYS A O    1 
ATOM   760  C  CB   A LYS A 1 46 ? -4.028  -0.129  5.880   0.84   16.77 ? 45   LYS A CB   1 
ATOM   761  C  CB   C LYS A 1 46 ? -4.229  -0.005  6.055   0.16   17.05 ? 45   LYS A CB   1 
ATOM   762  C  CG   A LYS A 1 46 ? -3.451  -1.374  5.232   0.84   18.07 ? 45   LYS A CG   1 
ATOM   763  C  CG   C LYS A 1 46 ? -3.932  -1.384  5.532   0.16   18.10 ? 45   LYS A CG   1 
ATOM   764  C  CD   A LYS A 1 46 ? -4.536  -2.371  4.855   0.84   17.90 ? 45   LYS A CD   1 
ATOM   765  C  CD   C LYS A 1 46 ? -5.232  -2.032  5.102   0.16   18.87 ? 45   LYS A CD   1 
ATOM   766  C  CE   A LYS A 1 46 ? -5.515  -1.785  3.848   0.84   19.88 ? 45   LYS A CE   1 
ATOM   767  C  CE   C LYS A 1 46 ? -5.109  -3.529  4.996   0.16   19.32 ? 45   LYS A CE   1 
ATOM   768  N  NZ   A LYS A 1 46 ? -6.548  -2.766  3.433   0.84   21.06 ? 45   LYS A NZ   1 
ATOM   769  N  NZ   C LYS A 1 46 ? -6.437  -4.168  4.798   0.16   20.13 ? 45   LYS A NZ   1 
ATOM   770  D  D    A LYS A 1 46 ? -2.673  -0.563  7.882   0.84   16.46 ? 45   LYS A D    1 
ATOM   771  D  D    C LYS A 1 46 ? -2.627  -0.606  7.840   0.16   16.46 ? 45   LYS A D    1 
ATOM   772  D  DA   A LYS A 1 46 ? -2.239  0.987   5.574   0.84   17.05 ? 45   LYS A DA   1 
ATOM   773  D  DA   C LYS A 1 46 ? -2.360  0.882   5.523   0.16   16.86 ? 45   LYS A DA   1 
ATOM   774  D  DB2  A LYS A 1 46 ? -4.623  -0.445  6.736   0.84   16.41 ? 45   LYS A DB2  1 
ATOM   775  D  DB2  C LYS A 1 46 ? -4.824  -0.122  6.960   0.16   16.89 ? 45   LYS A DB2  1 
ATOM   776  D  DB3  A LYS A 1 46 ? -4.656  0.377   5.149   0.84   18.35 ? 45   LYS A DB3  1 
ATOM   777  D  DB3  C LYS A 1 46 ? -4.817  0.513   5.297   0.16   17.99 ? 45   LYS A DB3  1 
ATOM   778  D  DG2  A LYS A 1 46 ? -2.918  -1.094  4.324   0.84   19.47 ? 45   LYS A DG2  1 
ATOM   779  D  DG2  C LYS A 1 46 ? -3.269  -1.319  4.670   0.16   18.36 ? 45   LYS A DG2  1 
ATOM   780  D  DG3  A LYS A 1 46 ? -2.769  -1.860  5.929   0.84   16.85 ? 45   LYS A DG3  1 
ATOM   781  D  DG3  C LYS A 1 46 ? -3.483  -1.987  6.320   0.16   17.88 ? 45   LYS A DG3  1 
ATOM   782  D  DD2  A LYS A 1 46 ? -4.073  -3.250  4.408   0.84   19.74 ? 45   LYS A DD2  1 
ATOM   783  D  DD2  C LYS A 1 46 ? -6.004  -1.805  5.839   0.16   18.48 ? 45   LYS A DD2  1 
ATOM   784  D  DD3  A LYS A 1 46 ? -5.095  -2.654  5.748   0.84   19.18 ? 45   LYS A DD3  1 
ATOM   785  D  DD3  C LYS A 1 46 ? -5.519  -1.644  4.125   0.16   19.57 ? 45   LYS A DD3  1 
ATOM   786  D  DE2  A LYS A 1 46 ? -6.030  -0.937  4.299   0.84   20.93 ? 45   LYS A DE2  1 
ATOM   787  D  DE2  C LYS A 1 46 ? -4.474  -3.783  4.147   0.16   19.69 ? 45   LYS A DE2  1 
ATOM   788  D  DE3  A LYS A 1 46 ? -4.968  -1.467  2.961   0.84   20.17 ? 45   LYS A DE3  1 
ATOM   789  D  DE3  C LYS A 1 46 ? -4.680  -3.912  5.922   0.16   19.83 ? 45   LYS A DE3  1 
ATOM   790  D  DZ1  A LYS A 1 46 ? -7.121  -3.043  4.255   0.84   21.27 ? 45   LYS A DZ1  1 
ATOM   791  D  DZ1  C LYS A 1 46 ? -6.996  -3.618  4.114   0.16   20.45 ? 45   LYS A DZ1  1 
ATOM   792  D  DZ2  A LYS A 1 46 ? -7.171  -2.343  2.714   0.84   19.50 ? 45   LYS A DZ2  1 
ATOM   793  D  DZ2  C LYS A 1 46 ? -6.316  -5.135  4.437   0.16   20.86 ? 45   LYS A DZ2  1 
ATOM   794  D  DZ3  A LYS A 1 46 ? -6.096  -3.613  3.035   0.84   20.69 ? 45   LYS A DZ3  1 
ATOM   795  D  DZ3  C LYS A 1 46 ? -6.950  -4.205  5.702   0.16   21.04 ? 45   LYS A DZ3  1 
ATOM   796  N  N    . SER A 1 47 ? -3.964  2.487   7.888   1.00   14.37 ? 46   SER A N    1 
ATOM   797  C  CA   . SER A 1 47 ? -4.601  3.748   8.267   1.00   13.96 ? 46   SER A CA   1 
ATOM   798  C  C    . SER A 1 47 ? -3.753  4.976   7.962   1.00   14.59 ? 46   SER A C    1 
ATOM   799  O  O    . SER A 1 47 ? -4.268  6.091   7.927   1.00   14.97 ? 46   SER A O    1 
ATOM   800  C  CB   . SER A 1 47 ? -4.941  3.726   9.758   1.00   15.02 ? 46   SER A CB   1 
ATOM   801  O  OG   . SER A 1 47 ? -3.789  3.447   10.539  1.00   16.34 ? 46   SER A OG   1 
ATOM   802  H  H    A SER A 1 47 ? -3.757  1.868   8.672   0.0000 13.82 ? 46   SER A H    1 
ATOM   803  D  D    B SER A 1 47 ? -3.757  1.868   8.672   1.00   13.82 ? 46   SER A D    1 
ATOM   804  D  DA   . SER A 1 47 ? -5.536  3.847   7.712   1.00   16.82 ? 46   SER A DA   1 
ATOM   805  D  DB2  . SER A 1 47 ? -5.341  4.699   10.042  1.00   17.76 ? 46   SER A DB2  1 
ATOM   806  D  DB3  . SER A 1 47 ? -5.691  2.956   9.941   1.00   16.46 ? 46   SER A DB3  1 
ATOM   807  H  HG   A SER A 1 47 ? -3.093  4.113   10.363  0.010  15.45 ? 46   SER A HG   1 
ATOM   808  D  DG   B SER A 1 47 ? -3.093  4.113   10.363  0.99   15.45 ? 46   SER A DG   1 
ATOM   809  N  N    . GLU A 1 48 ? -2.457  4.773   7.746   1.00   12.30 ? 47   GLU A N    1 
ATOM   810  C  CA   . GLU A 1 48 ? -1.546  5.880   7.486   1.00   14.08 ? 47   GLU A CA   1 
ATOM   811  C  C    . GLU A 1 48 ? -1.243  6.056   6.002   1.00   13.73 ? 47   GLU A C    1 
ATOM   812  O  O    . GLU A 1 48 ? -0.319  6.782   5.638   1.00   14.90 ? 47   GLU A O    1 
ATOM   813  C  CB   . GLU A 1 48 ? -0.243  5.675   8.258   1.00   13.85 ? 47   GLU A CB   1 
ATOM   814  C  CG   . GLU A 1 48 ? -0.447  5.493   9.747   1.00   14.98 ? 47   GLU A CG   1 
ATOM   815  C  CD   . GLU A 1 48 ? -1.339  6.564   10.338  1.00   15.07 ? 47   GLU A CD   1 
ATOM   816  O  OE1  . GLU A 1 48 ? -0.870  7.710   10.497  1.00   16.37 ? 47   GLU A OE1  1 
ATOM   817  O  OE2  . GLU A 1 48 ? -2.510  6.258   10.649  1.00   15.51 ? 47   GLU A OE2  1 
ATOM   818  H  H    A GLU A 1 48 ? -2.011  3.856   7.746   0.0000 13.65 ? 47   GLU A H    1 
ATOM   819  D  D    B GLU A 1 48 ? -2.011  3.856   7.746   1.00   13.65 ? 47   GLU A D    1 
ATOM   820  D  DA   . GLU A 1 48 ? -2.000  6.806   7.835   1.00   16.25 ? 47   GLU A DA   1 
ATOM   821  D  DB2  . GLU A 1 48 ? 0.261   4.788   7.874   1.00   15.72 ? 47   GLU A DB2  1 
ATOM   822  D  DB3  . GLU A 1 48 ? 0.390   6.553   8.118   1.00   16.56 ? 47   GLU A DB3  1 
ATOM   823  D  DG2  . GLU A 1 48 ? -0.911  4.524   9.923   1.00   15.48 ? 47   GLU A DG2  1 
ATOM   824  D  DG3  . GLU A 1 48 ? 0.516   5.543   10.252  1.00   16.81 ? 47   GLU A DG3  1 
ATOM   825  N  N    . PHE A 1 49 ? -2.022  5.396   5.151   1.00   14.18 ? 48   PHE A N    1 
ATOM   826  C  CA   . PHE A 1 49 ? -1.889  5.573   3.711   1.00   13.01 ? 48   PHE A CA   1 
ATOM   827  C  C    . PHE A 1 49 ? -2.950  6.526   3.189   1.00   16.07 ? 48   PHE A C    1 
ATOM   828  O  O    . PHE A 1 49 ? -4.067  6.575   3.704   1.00   17.28 ? 48   PHE A O    1 
ATOM   829  C  CB   . PHE A 1 49 ? -1.987  4.235   2.982   1.00   13.60 ? 48   PHE A CB   1 
ATOM   830  C  CG   . PHE A 1 49 ? -0.714  3.443   2.998   1.00   14.60 ? 48   PHE A CG   1 
ATOM   831  C  CD1  . PHE A 1 49 ? -0.323  2.758   4.133   1.00   14.41 ? 48   PHE A CD1  1 
ATOM   832  C  CD2  . PHE A 1 49 ? 0.091   3.383   1.873   1.00   12.94 ? 48   PHE A CD2  1 
ATOM   833  C  CE1  . PHE A 1 49 ? 0.848   2.026   4.146   1.00   14.06 ? 48   PHE A CE1  1 
ATOM   834  C  CE2  . PHE A 1 49 ? 1.263   2.657   1.880   1.00   14.31 ? 48   PHE A CE2  1 
ATOM   835  C  CZ   . PHE A 1 49 ? 1.643   1.977   3.016   1.00   13.17 ? 48   PHE A CZ   1 
ATOM   836  H  H    A PHE A 1 49 ? -2.753  4.740   5.424   0.86   15.30 ? 48   PHE A H    1 
ATOM   837  D  D    B PHE A 1 49 ? -2.753  4.740   5.424   0.14   15.30 ? 48   PHE A D    1 
ATOM   838  D  DA   . PHE A 1 49 ? -0.914  5.999   3.486   1.00   15.44 ? 48   PHE A DA   1 
ATOM   839  D  DB2  . PHE A 1 49 ? -2.767  3.636   3.449   1.00   15.42 ? 48   PHE A DB2  1 
ATOM   840  D  DB3  . PHE A 1 49 ? -2.239  4.429   1.941   1.00   15.57 ? 48   PHE A DB3  1 
ATOM   841  D  DD1  . PHE A 1 49 ? -0.943  2.796   5.017   1.00   16.58 ? 48   PHE A DD1  1 
ATOM   842  D  DD2  . PHE A 1 49 ? -0.201  3.913   0.978   1.00   16.42 ? 48   PHE A DD2  1 
ATOM   843  D  DE1  . PHE A 1 49 ? 1.144   1.496   5.038   1.00   16.72 ? 48   PHE A DE1  1 
ATOM   844  D  DE2  . PHE A 1 49 ? 1.879   2.620   0.995   1.00   14.07 ? 48   PHE A DE2  1 
ATOM   845  D  DZ   . PHE A 1 49 ? 2.560   1.408   3.021   1.00   16.50 ? 48   PHE A DZ   1 
ATOM   846  N  N    . GLU A 1 50 ? -2.582  7.279   2.162   1.00   15.29 ? 49   GLU A N    1 
ATOM   847  C  CA   . GLU A 1 50 ? -3.484  8.226   1.526   1.00   17.62 ? 49   GLU A CA   1 
ATOM   848  C  C    . GLU A 1 50 ? -3.477  7.979   0.024   1.00   15.50 ? 49   GLU A C    1 
ATOM   849  O  O    . GLU A 1 50 ? -2.422  7.802   -0.580  1.00   15.39 ? 49   GLU A O    1 
ATOM   850  C  CB   . GLU A 1 50 ? -3.071  9.667   1.846   1.00   18.33 ? 49   GLU A CB   1 
ATOM   851  C  CG   . GLU A 1 50 ? -4.013  10.717  1.292   1.00   23.58 ? 49   GLU A CG   1 
ATOM   852  C  CD   . GLU A 1 50 ? -3.534  12.131  1.560   1.00   25.15 ? 49   GLU A CD   1 
ATOM   853  O  OE1  . GLU A 1 50 ? -2.507  12.533  0.973   1.00   24.27 ? 49   GLU A OE1  1 
ATOM   854  O  OE2  . GLU A 1 50 ? -4.188  12.841  2.355   1.00   29.20 ? 49   GLU A OE2  1 
ATOM   855  D  D    . GLU A 1 50 ? -1.656  7.247   1.737   1.00   18.58 ? 49   GLU A D    1 
ATOM   856  D  DA   . GLU A 1 50 ? -4.499  8.073   1.891   1.00   17.80 ? 49   GLU A DA   1 
ATOM   857  D  DB2  . GLU A 1 50 ? -3.045  9.788   2.930   1.00   20.28 ? 49   GLU A DB2  1 
ATOM   858  D  DB3  . GLU A 1 50 ? -2.080  9.855   1.434   1.00   20.18 ? 49   GLU A DB3  1 
ATOM   859  D  DG2  . GLU A 1 50 ? -4.097  10.587  0.213   1.00   25.78 ? 49   GLU A DG2  1 
ATOM   860  D  DG3  . GLU A 1 50 ? -4.989  10.597  1.762   1.00   25.36 ? 49   GLU A DG3  1 
ATOM   861  N  N    . LYS A 1 51 ? -4.661  7.946   -0.574  1.00   15.29 ? 50   LYS A N    1 
ATOM   862  C  CA   . LYS A 1 51 ? -4.783  7.714   -2.005  1.00   15.94 ? 50   LYS A CA   1 
ATOM   863  C  C    . LYS A 1 51 ? -4.371  8.950   -2.797  1.00   16.38 ? 50   LYS A C    1 
ATOM   864  O  O    . LYS A 1 51 ? -4.761  10.070  -2.463  1.00   18.25 ? 50   LYS A O    1 
ATOM   865  C  CB   . LYS A 1 51 ? -6.212  7.319   -2.359  1.00   18.27 ? 50   LYS A CB   1 
ATOM   866  C  CG   . LYS A 1 51 ? -6.347  6.719   -3.736  1.00   19.40 ? 50   LYS A CG   1 
ATOM   867  C  CD   . LYS A 1 51 ? -7.773  6.318   -4.011  1.00   23.04 ? 50   LYS A CD   1 
ATOM   868  C  CE   . LYS A 1 51 ? -7.891  5.589   -5.329  1.00   23.66 ? 50   LYS A CE   1 
ATOM   869  N  NZ   . LYS A 1 51 ? -9.312  5.349   -5.672  1.00   28.01 ? 50   LYS A NZ   1 
ATOM   870  H  H    A LYS A 1 51 ? -5.553  8.070   -0.096  0.0000 15.71 ? 50   LYS A H    1 
ATOM   871  D  D    B LYS A 1 51 ? -5.553  8.070   -0.096  1.00   15.71 ? 50   LYS A D    1 
ATOM   872  D  DA   . LYS A 1 51 ? -4.129  6.892   -2.295  1.00   15.21 ? 50   LYS A DA   1 
ATOM   873  D  DB2  . LYS A 1 51 ? -6.567  6.587   -1.635  1.00   19.42 ? 50   LYS A DB2  1 
ATOM   874  D  DB3  . LYS A 1 51 ? -6.835  8.212   -2.320  1.00   17.18 ? 50   LYS A DB3  1 
ATOM   875  D  DG2  . LYS A 1 51 ? -6.052  7.457   -4.482  1.00   22.38 ? 50   LYS A DG2  1 
ATOM   876  D  DG3  . LYS A 1 51 ? -5.717  5.831   -3.814  1.00   20.06 ? 50   LYS A DG3  1 
ATOM   877  D  DD2  . LYS A 1 51 ? -8.125  5.657   -3.219  1.00   22.89 ? 50   LYS A DD2  1 
ATOM   878  D  DD3  . LYS A 1 51 ? -8.391  7.214   -4.058  1.00   26.19 ? 50   LYS A DD3  1 
ATOM   879  D  DE2  . LYS A 1 51 ? -7.444  6.198   -6.115  1.00   26.39 ? 50   LYS A DE2  1 
ATOM   880  D  DE3  . LYS A 1 51 ? -7.381  4.629   -5.256  1.00   25.22 ? 50   LYS A DE3  1 
ATOM   881  H  HZ1  A LYS A 1 51 ? -9.899  5.434   -4.819  0.04   25.87 ? 50   LYS A HZ1  1 
ATOM   882  D  DZ1  B LYS A 1 51 ? -9.899  5.434   -4.819  0.96   25.87 ? 50   LYS A DZ1  1 
ATOM   883  H  HZ2  A LYS A 1 51 ? -9.630  6.048   -6.374  0.10   25.67 ? 50   LYS A HZ2  1 
ATOM   884  D  DZ2  B LYS A 1 51 ? -9.630  6.048   -6.374  0.90   25.67 ? 50   LYS A DZ2  1 
ATOM   885  H  HZ3  A LYS A 1 51 ? -9.424  4.394   -6.069  0.37   26.28 ? 50   LYS A HZ3  1 
ATOM   886  D  DZ3  B LYS A 1 51 ? -9.424  4.394   -6.069  0.63   26.28 ? 50   LYS A DZ3  1 
ATOM   887  N  N    . LEU A 1 52 ? -3.588  8.741   -3.849  1.00   15.20 ? 51   LEU A N    1 
ATOM   888  C  CA   . LEU A 1 52 ? -3.113  9.842   -4.677  1.00   14.76 ? 51   LEU A CA   1 
ATOM   889  C  C    . LEU A 1 52 ? -4.110  10.160  -5.787  1.00   18.65 ? 51   LEU A C    1 
ATOM   890  O  O    . LEU A 1 52 ? -4.045  9.597   -6.881  1.00   21.26 ? 51   LEU A O    1 
ATOM   891  C  CB   . LEU A 1 52 ? -1.744  9.514   -5.268  1.00   17.18 ? 51   LEU A CB   1 
ATOM   892  C  CG   . LEU A 1 52 ? -0.633  9.307   -4.236  1.00   15.38 ? 51   LEU A CG   1 
ATOM   893  C  CD1  . LEU A 1 52 ? 0.690   9.010   -4.922  1.00   16.61 ? 51   LEU A CD1  1 
ATOM   894  C  CD2  . LEU A 1 52 ? -0.493  10.512  -3.319  1.00   15.99 ? 51   LEU A CD2  1 
ATOM   895  H  H    A LEU A 1 52 ? -3.269  7.824   -4.155  0.0000 16.66 ? 51   LEU A H    1 
ATOM   896  D  D    B LEU A 1 52 ? -3.269  7.824   -4.155  1.00   16.66 ? 51   LEU A D    1 
ATOM   897  D  DA   . LEU A 1 52 ? -3.011  10.734  -4.062  1.00   16.74 ? 51   LEU A DA   1 
ATOM   898  D  DB2  . LEU A 1 52 ? -1.832  8.593   -5.843  1.00   18.27 ? 51   LEU A DB2  1 
ATOM   899  D  DB3  . LEU A 1 52 ? -1.441  10.331  -5.922  1.00   19.19 ? 51   LEU A DB3  1 
ATOM   900  D  DG   . LEU A 1 52 ? -0.893  8.446   -3.621  1.00   17.04 ? 51   LEU A DG   1 
ATOM   901  D  DD3  A LEU A 1 52 ? 0.762   7.940   -5.110  0.50   17.86 ? 51   LEU A DD3  1 
ATOM   902  D  DD1  A LEU A 1 52 ? 0.731   9.559   -5.863  0.50   20.05 ? 51   LEU A DD1  1 
ATOM   903  D  DD2  A LEU A 1 52 ? 1.500   9.330   -4.267  0.50   17.04 ? 51   LEU A DD2  1 
ATOM   904  D  DD1  B LEU A 1 52 ? -0.359  11.408  -3.924  0.50   18.50 ? 51   LEU A DD1  1 
ATOM   905  D  DD2  B LEU A 1 52 ? -1.397  10.598  -2.716  0.50   17.72 ? 51   LEU A DD2  1 
ATOM   906  D  DD3  B LEU A 1 52 ? 0.372   10.365  -2.672  0.50   18.07 ? 51   LEU A DD3  1 
ATOM   907  N  N    . GLU A 1 53 ? -5.027  11.072  -5.485  1.00   19.22 ? 52   GLU A N    1 
ATOM   908  C  CA   . GLU A 1 53 ? -6.035  11.515  -6.440  1.00   24.90 ? 52   GLU A CA   1 
ATOM   909  C  C    . GLU A 1 53 ? -6.762  12.736  -5.888  1.00   25.33 ? 52   GLU A C    1 
ATOM   910  O  O    . GLU A 1 53 ? -6.426  13.235  -4.813  1.00   22.66 ? 52   GLU A O    1 
ATOM   911  C  CB   . GLU A 1 53 ? -7.034  10.395  -6.746  1.00   26.59 ? 52   GLU A CB   1 
ATOM   912  C  CG   . GLU A 1 53 ? -8.006  10.100  -5.611  1.00   28.33 ? 52   GLU A CG   1 
ATOM   913  C  CD   . GLU A 1 53 ? -8.969  8.977   -5.943  1.00   26.82 ? 52   GLU A CD   1 
ATOM   914  O  OE1  . GLU A 1 53 ? -8.746  8.277   -6.952  1.00   27.56 ? 52   GLU A OE1  1 
ATOM   915  O  OE2  . GLU A 1 53 ? -9.950  8.796   -5.191  1.00   29.10 ? 52   GLU A OE2  1 
ATOM   916  H  H    A GLU A 1 53 ? -5.096  11.525  -4.574  0.0000 20.37 ? 52   GLU A H    1 
ATOM   917  D  D    B GLU A 1 53 ? -5.096  11.525  -4.574  1.00   20.37 ? 52   GLU A D    1 
ATOM   918  D  DA   . GLU A 1 53 ? -5.548  11.800  -7.374  1.00   25.40 ? 52   GLU A DA   1 
ATOM   919  D  DB2  . GLU A 1 53 ? -7.618  10.674  -7.623  1.00   29.06 ? 52   GLU A DB2  1 
ATOM   920  D  DB3  . GLU A 1 53 ? -6.482  9.477   -6.950  1.00   24.90 ? 52   GLU A DB3  1 
ATOM   921  D  DG2  . GLU A 1 53 ? -7.444  9.815   -4.722  1.00   26.12 ? 52   GLU A DG2  1 
ATOM   922  D  DG3  . GLU A 1 53 ? -8.602  10.991  -5.409  1.00   30.43 ? 52   GLU A DG3  1 
ATOM   923  N  N    . ASP A 1 54 ? -7.764  13.204  -6.625  1.00   32.77 ? 53   ASP A N    1 
ATOM   924  C  CA   . ASP A 1 54 ? -8.582  14.332  -6.194  1.00   31.28 ? 53   ASP A CA   1 
ATOM   925  C  C    . ASP A 1 54 ? -9.924  13.848  -5.652  1.00   34.92 ? 53   ASP A C    1 
ATOM   926  O  O    . ASP A 1 54 ? -10.407 12.778  -6.026  1.00   34.26 ? 53   ASP A O    1 
ATOM   927  C  CB   . ASP A 1 54 ? -8.799  15.310  -7.349  1.00   31.90 ? 53   ASP A CB   1 
ATOM   928  C  CG   . ASP A 1 54 ? -9.670  16.488  -6.960  1.00   31.47 ? 53   ASP A CG   1 
ATOM   929  O  OD1  . ASP A 1 54 ? -9.122  17.499  -6.472  1.00   31.82 ? 53   ASP A OD1  1 
ATOM   930  O  OD2  . ASP A 1 54 ? -10.902 16.402  -7.141  1.00   31.45 ? 53   ASP A OD2  1 
ATOM   931  O  OXT  . ASP A 1 54 ? -10.556 14.512  -4.830  1.00   36.45 ? 53   ASP A OXT  1 
ATOM   932  H  H    A ASP A 1 54 ? -8.035  12.821  -7.530  0.99   27.92 ? 53   ASP A H    1 
ATOM   933  D  D    B ASP A 1 54 ? -8.035  12.821  -7.530  0.010  27.92 ? 53   ASP A D    1 
ATOM   934  D  DA   . ASP A 1 54 ? -8.074  14.871  -5.395  1.00   31.73 ? 53   ASP A DA   1 
ATOM   935  D  DB2  . ASP A 1 54 ? -7.831  15.696  -7.673  1.00   28.41 ? 53   ASP A DB2  1 
ATOM   936  D  DB3  . ASP A 1 54 ? -9.285  14.785  -8.171  1.00   33.19 ? 53   ASP A DB3  1 
HETATM 937  CD CD   . CD  B 2 .  ? 5.889   3.665   5.400   1.00   10.48 ? 1054 CD  A CD   1 
HETATM 938  D  D    . D8U C 3 .  ? -0.996  -12.144 8.374   1.00   27.23 ? 1055 D8U A D    1 
HETATM 939  D  D    . D8U D 3 .  ? 10.384  -6.336  -2.727  1.00   24.99 ? 1056 D8U A D    1 
HETATM 940  D  D    . D8U E 3 .  ? -1.561  9.338   9.144   1.00   22.13 ? 1057 D8U A D    1 
HETATM 941  O  O    . DOD F 4 .  ? 2.629   -7.426  4.736   0.91   18.67 ? 2001 DOD A O    1 
HETATM 942  D  D2   . DOD F 4 .  ? 3.182   -6.617  4.751   0.92   18.17 ? 2001 DOD A D2   1 
HETATM 943  O  O    . DOD F 4 .  ? 4.104   -5.555  3.437   1.00   17.35 ? 2002 DOD A O    1 
HETATM 944  D  D1   . DOD F 4 .  ? 4.549   -5.292  2.604   1.00   16.40 ? 2002 DOD A D1   1 
HETATM 945  D  D2   . DOD F 4 .  ? 3.786   -4.755  3.906   1.00   16.34 ? 2002 DOD A D2   1 
HETATM 946  O  O    . DOD F 4 .  ? -3.004  -10.667 -8.990  0.99   15.74 ? 2003 DOD A O    1 
HETATM 947  D  D1   . DOD F 4 .  ? -3.854  -10.420 -9.414  0.61   15.79 ? 2003 DOD A D1   1 
HETATM 948  D  D2   . DOD F 4 .  ? -2.354  -9.944  -9.115  1.00   13.35 ? 2003 DOD A D2   1 
HETATM 949  O  O    . DOD F 4 .  ? 5.384   0.957   -8.763  1.00   19.44 ? 2005 DOD A O    1 
HETATM 950  O  O    . DOD F 4 .  ? 7.398   -6.435  -2.915  1.00   19.37 ? 2006 DOD A O    1 
HETATM 951  O  O    . DOD F 4 .  ? -2.606  -2.702  8.580   1.00   15.22 ? 2007 DOD A O    1 
HETATM 952  O  O    . DOD F 4 .  ? 3.425   -1.682  -4.240  1.00   14.02 ? 2008 DOD A O    1 
HETATM 953  D  D1   . DOD F 4 .  ? 4.233   -1.175  -4.463  1.00   16.01 ? 2008 DOD A D1   1 
HETATM 954  D  D2   . DOD F 4 .  ? 3.167   -2.235  -5.007  0.40   15.98 ? 2008 DOD A D2   1 
HETATM 955  O  O    . DOD F 4 .  ? -4.453  8.186   10.206  0.64   16.95 ? 2010 DOD A O    1 
HETATM 956  D  D1   . DOD F 4 .  ? -5.304  7.875   9.835   0.70   15.72 ? 2010 DOD A D1   1 
HETATM 957  D  D2   . DOD F 4 .  ? -3.906  7.414   10.463  0.99   16.12 ? 2010 DOD A D2   1 
HETATM 958  O  O    . DOD F 4 .  ? 8.166   9.089   -1.695  1.00   15.74 ? 2013 DOD A O    1 
HETATM 959  D  D1   . DOD F 4 .  ? 8.083   9.347   -2.635  1.00   15.17 ? 2013 DOD A D1   1 
HETATM 960  D  D2   . DOD F 4 .  ? 7.414   8.509   -1.451  1.00   15.06 ? 2013 DOD A D2   1 
HETATM 961  O  O    . DOD F 4 .  ? 4.712   10.312  3.175   0.78   17.63 ? 2009 DOD A O    1 
HETATM 962  D  D2   . DOD F 4 .  ? 4.176   10.683  2.443   1.00   17.97 ? 2009 DOD A D2   1 
HETATM 963  O  O    . DOD F 4 .  ? 7.083   -4.340  7.654   0.41   16.81 ? 2011 DOD A O    1 
HETATM 964  D  D1   . DOD F 4 .  ? 6.588   -5.073  7.231   0.93   17.88 ? 2011 DOD A D1   1 
HETATM 965  D  D2   . DOD F 4 .  ? 7.032   -3.541  7.091   1.00   16.37 ? 2011 DOD A D2   1 
HETATM 966  O  O    . DOD F 4 .  ? 6.252   1.584   -5.026  0.58   16.10 ? 2012 DOD A O    1 
HETATM 967  D  D1   . DOD F 4 .  ? 6.795   0.811   -5.289  0.38   16.26 ? 2012 DOD A D1   1 
HETATM 968  D  D2   . DOD F 4 .  ? 5.340   1.472   -5.366  0.23   15.77 ? 2012 DOD A D2   1 
HETATM 969  O  O    . DOD F 4 .  ? -7.106  8.475   1.249   1.00   17.72 ? 2014 DOD A O    1 
HETATM 970  D  D1   . DOD F 4 .  ? -7.290  7.569   0.926   1.00   17.67 ? 2014 DOD A D1   1 
HETATM 971  D  D2   . DOD F 4 .  ? -7.348  9.124   0.555   0.88   20.18 ? 2014 DOD A D2   1 
HETATM 972  O  O    . DOD F 4 .  ? 8.904   11.048  0.116   0.70   17.77 ? 2015 DOD A O    1 
HETATM 973  D  D1   . DOD F 4 .  ? 8.020   11.035  0.542   0.73   17.13 ? 2015 DOD A D1   1 
HETATM 974  D  D2   . DOD F 4 .  ? 8.998   10.265  -0.466  1.00   17.93 ? 2015 DOD A D2   1 
HETATM 975  O  O    . DOD F 4 .  ? 7.210   -3.190  -2.569  0.37   17.26 ? 2016 DOD A O    1 
HETATM 976  D  D1   . DOD F 4 .  ? 6.610   -3.750  -2.035  0.83   17.08 ? 2016 DOD A D1   1 
HETATM 977  D  D2   . DOD F 4 .  ? 7.418   -3.645  -3.412  0.85   16.85 ? 2016 DOD A D2   1 
HETATM 978  O  O    . DOD F 4 .  ? 5.458   -0.351  -6.118  0.60   17.59 ? 2017 DOD A O    1 
HETATM 979  D  D1   . DOD F 4 .  ? 6.207   -0.930  -5.862  0.34   17.27 ? 2017 DOD A D1   1 
HETATM 980  D  D2   . DOD F 4 .  ? 5.341   -0.379  -7.090  0.10   17.35 ? 2017 DOD A D2   1 
HETATM 981  O  O    . DOD F 4 .  ? -1.213  -3.093  10.953  1.00   18.42 ? 2018 DOD A O    1 
HETATM 982  D  D1   . DOD F 4 .  ? -2.094  -3.359  11.294  0.60   18.45 ? 2018 DOD A D1   1 
HETATM 983  O  O    . DOD F 4 .  ? 6.795   -6.183  5.429   1.00   17.82 ? 2019 DOD A O    1 
HETATM 984  D  D2   . DOD F 4 .  ? 5.947   -6.054  4.951   0.95   18.37 ? 2019 DOD A D2   1 
HETATM 985  O  O    . DOD F 4 .  ? -5.220  4.506   4.678   0.90   16.89 ? 2020 DOD A O    1 
HETATM 986  D  D1   . DOD F 4 .  ? -5.646  3.680   4.991   0.96   17.68 ? 2020 DOD A D1   1 
HETATM 987  D  D2   . DOD F 4 .  ? -5.805  4.947   4.027   0.57   17.62 ? 2020 DOD A D2   1 
HETATM 988  O  O    . DOD F 4 .  ? 9.974   13.106  -1.674  1.00   17.28 ? 2022 DOD A O    1 
HETATM 989  D  D1   . DOD F 4 .  ? 9.193   12.571  -1.415  0.86   17.15 ? 2022 DOD A D1   1 
HETATM 990  O  O    . DOD F 4 .  ? 6.027   -3.569  -4.565  1.00   17.68 ? 2023 DOD A O    1 
HETATM 991  D  D1   . DOD F 4 .  ? 5.904   -4.238  -5.271  1.00   18.23 ? 2023 DOD A D1   1 
HETATM 992  O  O    . DOD F 4 .  ? -3.535  7.241   -8.515  1.00   21.30 ? 2032 DOD A O    1 
HETATM 993  D  D1   . DOD F 4 .  ? -3.991  7.321   -7.650  0.84   22.58 ? 2032 DOD A D1   1 
HETATM 994  O  O    . DOD F 4 .  ? -4.643  7.921   6.150   1.00   18.21 ? 2033 DOD A O    1 
HETATM 995  O  O    . DOD F 4 .  ? -10.915 16.378  -9.786  1.00   21.10 ? 2036 DOD A O    1 
HETATM 996  O  O    A DOD F 4 .  ? 7.483   3.194   -6.746  0.42   15.18 ? 2037 DOD A O    1 
HETATM 997  O  O    B DOD F 4 .  ? 9.179   1.965   -6.663  0.58   16.58 ? 2037 DOD A O    1 
HETATM 998  O  O    . DOD F 4 .  ? 9.561   -1.936  8.369   0.92   18.68 ? 2038 DOD A O    1 
HETATM 999  O  O    . DOD F 4 .  ? -9.381  -10.892 8.216   1.00   24.49 ? 2041 DOD A O    1 
HETATM 1000 O  O    . DOD F 4 .  ? -7.890  -9.657  6.388   1.00   22.80 ? 2042 DOD A O    1 
HETATM 1001 O  O    . DOD F 4 .  ? -6.176  -11.791 4.632   1.00   22.01 ? 2043 DOD A O    1 
HETATM 1002 O  O    . DOD F 4 .  ? -7.720  -13.090 7.102   1.00   20.48 ? 2044 DOD A O    1 
HETATM 1003 O  O    . DOD F 4 .  ? -1.040  8.329   -12.660 1.00   19.84 ? 2046 DOD A O    1 
HETATM 1004 O  O    . DOD F 4 .  ? -5.336  -4.749  11.790  1.00   25.07 ? 2049 DOD A O    1 
HETATM 1005 O  O    . DOD F 4 .  ? -5.176  -3.530  14.923  1.00   19.39 ? 2050 DOD A O    1 
HETATM 1006 O  O    . DOD F 4 .  ? -6.487  11.642  10.007  1.00   20.86 ? 2051 DOD A O    1 
HETATM 1007 O  O    . DOD F 4 .  ? -5.351  14.600  9.670   1.00   22.67 ? 2052 DOD A O    1 
HETATM 1008 O  O    . DOD F 4 .  ? -2.971  -10.034 -3.733  1.00   17.28 ? 2053 DOD A O    1 
HETATM 1009 O  O    . DOD F 4 .  ? -9.792  8.573   -1.299  1.00   22.19 ? 2054 DOD A O    1 
HETATM 1010 O  O    . DOD F 4 .  ? -7.603  4.997   -9.527  1.00   20.74 ? 2055 DOD A O    1 
HETATM 1011 O  O    . DOD F 4 .  ? -6.762  1.280   -14.075 1.00   25.62 ? 2056 DOD A O    1 
HETATM 1012 O  O    . DOD F 4 .  ? -7.017  6.458   3.501   1.00   20.85 ? 2057 DOD A O    1 
HETATM 1013 O  O    . DOD F 4 .  ? -11.275 6.906   -3.104  1.00   25.35 ? 2058 DOD A O    1 
HETATM 1014 O  O    . DOD F 4 .  ? 10.485  9.611   2.432   1.00   19.54 ? 2059 DOD A O    1 
HETATM 1015 O  O    . DOD F 4 .  ? 5.268   -6.116  -9.178  1.00   17.48 ? 2060 DOD A O    1 
HETATM 1016 O  O    . DOD F 4 .  ? 3.785   -4.697  -12.200 1.00   20.51 ? 2061 DOD A O    1 
HETATM 1017 O  O    . DOD F 4 .  ? -7.586  1.199   -8.565  1.00   20.17 ? 2062 DOD A O    1 
HETATM 1018 O  O    . DOD F 4 .  ? -2.477  8.490   12.417  1.00   13.96 ? 2063 DOD A O    1 
HETATM 1019 O  O    . DOD F 4 .  ? 4.276   -2.647  11.905  1.00   19.01 ? 2064 DOD A O    1 
HETATM 1020 O  O    . DOD F 4 .  ? -7.564  1.688   -5.119  1.00   20.89 ? 2065 DOD A O    1 
# 
